data_1PL8
#
_entry.id   1PL8
#
_cell.length_a   133.776
_cell.length_b   133.776
_cell.length_c   224.708
_cell.angle_alpha   90.00
_cell.angle_beta   90.00
_cell.angle_gamma   120.00
#
_symmetry.space_group_name_H-M   'P 62'
#
loop_
_entity.id
_entity.type
_entity.pdbx_description
1 polymer 'human sorbitol dehydrogenase'
2 non-polymer 'ZINC ION'
3 non-polymer NICOTINAMIDE-ADENINE-DINUCLEOTIDE
4 water water
#
_entity_poly.entity_id   1
_entity_poly.type   'polypeptide(L)'
_entity_poly.pdbx_seq_one_letter_code
;AAAAKPNNLSLVVHGPGDLRLENYPIPEPGPNEVLLRMHSVGICGSDVHYWEYGRIGNFIVKKPMVLGHEASGTVEKVGS
SVKHLKPGDRVAIEPGAPRENDEFCKMGRYNLSPSIFFCATPPDDGNLCRFYKHNAAFCYKLPDNVTFEEGALIEPLSVG
IHACRRGGVTLGHKVLVCGAGPIGMVTLLVAKAMGAAQVVVTDLSATRLSKAKEIGADLVLQISKESPQEIARKVEGQLG
CKPEVTIECTGAEASIQAGIYATRSGGTLVLVGLGSEMTTVPLLHAAIREVDIKGVFRYCNTWPVAISMLASKSVNVKPL
VTHRFPLEKALEAFETFKKGLGLKIMLKCDPSDQNP
;
_entity_poly.pdbx_strand_id   A,B,C,D
#
# COMPACT_ATOMS: atom_id res chain seq x y z
N ALA A 1 -36.10 -53.87 23.28
CA ALA A 1 -35.62 -52.67 23.99
C ALA A 1 -35.95 -51.41 23.20
N ALA A 2 -36.03 -50.28 23.90
CA ALA A 2 -36.35 -49.01 23.26
C ALA A 2 -35.15 -48.46 22.48
N ALA A 3 -35.42 -47.49 21.62
CA ALA A 3 -34.37 -46.87 20.82
C ALA A 3 -33.37 -46.16 21.72
N ALA A 4 -32.13 -46.07 21.23
CA ALA A 4 -31.07 -45.41 21.97
C ALA A 4 -31.42 -43.94 22.15
N LYS A 5 -31.17 -43.42 23.35
CA LYS A 5 -31.45 -42.02 23.64
C LYS A 5 -30.29 -41.17 23.16
N PRO A 6 -30.54 -39.87 22.94
CA PRO A 6 -29.43 -39.02 22.47
C PRO A 6 -28.48 -38.83 23.66
N ASN A 7 -27.28 -38.34 23.39
CA ASN A 7 -26.32 -38.10 24.46
C ASN A 7 -26.01 -36.62 24.55
N ASN A 8 -25.42 -36.21 25.66
CA ASN A 8 -25.03 -34.82 25.84
C ASN A 8 -23.61 -34.78 26.39
N LEU A 9 -22.67 -35.35 25.61
CA LEU A 9 -21.27 -35.37 26.00
C LEU A 9 -20.89 -33.90 26.19
N SER A 10 -20.21 -33.60 27.29
CA SER A 10 -19.82 -32.24 27.61
C SER A 10 -18.35 -32.12 28.00
N LEU A 11 -17.76 -30.95 27.77
CA LEU A 11 -16.38 -30.71 28.15
C LEU A 11 -16.47 -30.02 29.51
N VAL A 12 -15.99 -30.70 30.54
CA VAL A 12 -16.09 -30.19 31.91
C VAL A 12 -14.78 -30.03 32.66
N VAL A 13 -14.67 -28.93 33.40
N VAL A 13 -14.66 -28.92 33.40
CA VAL A 13 -13.49 -28.68 34.21
CA VAL A 13 -13.47 -28.68 34.20
C VAL A 13 -13.85 -28.95 35.66
C VAL A 13 -13.84 -28.93 35.66
N HIS A 14 -13.08 -29.83 36.31
CA HIS A 14 -13.32 -30.17 37.70
C HIS A 14 -12.40 -29.41 38.62
N GLY A 15 -11.32 -28.90 38.05
CA GLY A 15 -10.36 -28.16 38.83
C GLY A 15 -9.10 -27.93 38.02
N PRO A 16 -8.08 -27.28 38.59
CA PRO A 16 -6.83 -27.03 37.86
C PRO A 16 -6.33 -28.30 37.20
N GLY A 17 -6.07 -28.23 35.90
CA GLY A 17 -5.57 -29.37 35.16
C GLY A 17 -6.47 -30.60 35.12
N ASP A 18 -7.75 -30.43 35.42
CA ASP A 18 -8.67 -31.57 35.41
C ASP A 18 -9.81 -31.35 34.42
N LEU A 19 -9.55 -31.67 33.16
CA LEU A 19 -10.52 -31.52 32.08
C LEU A 19 -11.07 -32.89 31.70
N ARG A 20 -12.40 -32.99 31.58
CA ARG A 20 -13.02 -34.27 31.24
C ARG A 20 -14.18 -34.18 30.27
N LEU A 21 -14.35 -35.23 29.48
CA LEU A 21 -15.47 -35.33 28.56
C LEU A 21 -16.40 -36.30 29.26
N GLU A 22 -17.60 -35.83 29.62
CA GLU A 22 -18.55 -36.67 30.30
C GLU A 22 -19.97 -36.35 29.89
N ASN A 23 -20.87 -37.32 30.07
CA ASN A 23 -22.25 -37.15 29.68
C ASN A 23 -23.12 -36.44 30.70
N TYR A 24 -23.98 -35.56 30.20
CA TYR A 24 -24.91 -34.79 31.02
C TYR A 24 -26.32 -35.10 30.55
N PRO A 25 -27.31 -34.83 31.39
CA PRO A 25 -28.70 -35.09 31.00
C PRO A 25 -29.03 -34.14 29.86
N ILE A 26 -30.06 -34.46 29.09
CA ILE A 26 -30.47 -33.59 28.00
C ILE A 26 -31.35 -32.52 28.64
N PRO A 27 -30.96 -31.24 28.50
CA PRO A 27 -31.77 -30.16 29.10
C PRO A 27 -33.18 -30.08 28.55
N GLU A 28 -34.12 -29.64 29.39
CA GLU A 28 -35.51 -29.47 28.98
C GLU A 28 -35.75 -27.96 29.05
N PRO A 29 -36.09 -27.34 27.92
CA PRO A 29 -36.34 -25.91 27.89
C PRO A 29 -37.62 -25.43 28.55
N GLY A 30 -37.51 -24.33 29.29
CA GLY A 30 -38.67 -23.75 29.95
C GLY A 30 -39.46 -22.98 28.90
N PRO A 31 -40.61 -22.40 29.26
CA PRO A 31 -41.48 -21.63 28.34
C PRO A 31 -40.78 -20.62 27.42
N ASN A 32 -39.77 -19.93 27.94
CA ASN A 32 -39.07 -18.93 27.13
C ASN A 32 -37.65 -19.32 26.74
N GLU A 33 -37.38 -20.61 26.71
CA GLU A 33 -36.06 -21.11 26.33
C GLU A 33 -36.17 -21.99 25.11
N VAL A 34 -35.02 -22.30 24.52
CA VAL A 34 -34.96 -23.19 23.37
C VAL A 34 -33.84 -24.17 23.65
N LEU A 35 -33.96 -25.37 23.10
CA LEU A 35 -32.94 -26.40 23.26
C LEU A 35 -32.17 -26.39 21.95
N LEU A 36 -30.85 -26.22 22.03
CA LEU A 36 -30.03 -26.19 20.82
C LEU A 36 -29.15 -27.41 20.68
N ARG A 37 -29.06 -27.89 19.44
CA ARG A 37 -28.16 -29.00 19.12
C ARG A 37 -26.91 -28.20 18.77
N MET A 38 -25.97 -28.14 19.70
CA MET A 38 -24.75 -27.36 19.49
C MET A 38 -24.02 -27.78 18.23
N HIS A 39 -23.45 -26.80 17.53
CA HIS A 39 -22.72 -27.07 16.29
C HIS A 39 -21.26 -26.62 16.37
N SER A 40 -21.05 -25.31 16.48
CA SER A 40 -19.70 -24.76 16.55
C SER A 40 -19.46 -23.94 17.81
N VAL A 41 -18.34 -24.20 18.49
CA VAL A 41 -17.99 -23.48 19.71
C VAL A 41 -16.51 -23.12 19.70
N GLY A 42 -16.22 -21.82 19.68
CA GLY A 42 -14.84 -21.39 19.70
C GLY A 42 -14.39 -21.33 21.14
N ILE A 43 -13.11 -21.56 21.39
CA ILE A 43 -12.60 -21.48 22.75
C ILE A 43 -11.65 -20.31 22.84
N CYS A 44 -11.45 -19.79 24.04
CA CYS A 44 -10.55 -18.66 24.20
C CYS A 44 -9.78 -18.78 25.52
N GLY A 45 -8.90 -17.82 25.76
CA GLY A 45 -8.09 -17.82 26.96
C GLY A 45 -8.86 -18.02 28.25
N SER A 46 -10.10 -17.56 28.30
N SER A 46 -10.10 -17.56 28.30
CA SER A 46 -10.91 -17.71 29.50
CA SER A 46 -10.92 -17.71 29.49
C SER A 46 -11.17 -19.19 29.79
C SER A 46 -11.17 -19.19 29.79
N ASP A 47 -11.59 -19.94 28.77
CA ASP A 47 -11.87 -21.37 28.95
C ASP A 47 -10.58 -22.06 29.40
N VAL A 48 -9.50 -21.78 28.67
CA VAL A 48 -8.20 -22.38 28.96
C VAL A 48 -7.71 -22.03 30.36
N HIS A 49 -7.97 -20.80 30.80
CA HIS A 49 -7.54 -20.37 32.12
C HIS A 49 -8.29 -21.13 33.22
N TYR A 50 -9.60 -21.32 33.05
CA TYR A 50 -10.37 -22.06 34.04
C TYR A 50 -9.83 -23.48 34.13
N TRP A 51 -9.36 -24.00 32.99
CA TRP A 51 -8.81 -25.34 32.93
C TRP A 51 -7.49 -25.41 33.70
N GLU A 52 -6.61 -24.45 33.44
CA GLU A 52 -5.31 -24.42 34.09
C GLU A 52 -5.35 -24.04 35.56
N TYR A 53 -6.07 -22.98 35.90
CA TYR A 53 -6.12 -22.52 37.27
C TYR A 53 -7.42 -22.76 38.02
N GLY A 54 -8.43 -23.26 37.32
CA GLY A 54 -9.70 -23.52 37.96
C GLY A 54 -10.38 -22.25 38.43
N ARG A 55 -9.92 -21.11 37.91
CA ARG A 55 -10.48 -19.83 38.29
C ARG A 55 -9.88 -18.68 37.47
N ILE A 56 -10.56 -17.54 37.53
CA ILE A 56 -10.12 -16.32 36.87
C ILE A 56 -10.52 -15.22 37.83
N GLY A 57 -9.54 -14.60 38.48
CA GLY A 57 -9.86 -13.57 39.44
C GLY A 57 -10.69 -14.18 40.55
N ASN A 58 -11.83 -13.58 40.85
CA ASN A 58 -12.69 -14.07 41.91
C ASN A 58 -13.71 -15.09 41.43
N PHE A 59 -13.75 -15.35 40.13
CA PHE A 59 -14.68 -16.34 39.58
C PHE A 59 -14.00 -17.69 39.68
N ILE A 60 -14.35 -18.44 40.71
CA ILE A 60 -13.75 -19.74 40.94
C ILE A 60 -14.69 -20.93 40.74
N VAL A 61 -14.16 -21.96 40.08
CA VAL A 61 -14.91 -23.18 39.82
C VAL A 61 -14.97 -23.98 41.12
N LYS A 62 -16.12 -23.93 41.78
CA LYS A 62 -16.31 -24.63 43.05
C LYS A 62 -16.92 -26.02 42.84
N LYS A 63 -17.50 -26.22 41.66
CA LYS A 63 -18.09 -27.49 41.28
C LYS A 63 -17.83 -27.65 39.80
N PRO A 64 -17.78 -28.89 39.30
CA PRO A 64 -17.51 -29.10 37.87
C PRO A 64 -18.32 -28.15 37.00
N MET A 65 -17.65 -27.49 36.07
CA MET A 65 -18.31 -26.55 35.19
C MET A 65 -18.06 -26.88 33.72
N VAL A 66 -19.14 -26.88 32.94
CA VAL A 66 -19.03 -27.14 31.50
C VAL A 66 -18.46 -25.86 30.90
N LEU A 67 -17.50 -25.99 29.98
CA LEU A 67 -16.88 -24.83 29.36
C LEU A 67 -17.59 -24.40 28.07
N GLY A 68 -17.05 -23.37 27.42
CA GLY A 68 -17.63 -22.89 26.17
C GLY A 68 -18.64 -21.77 26.31
N HIS A 69 -18.47 -20.72 25.51
CA HIS A 69 -19.38 -19.57 25.55
C HIS A 69 -19.41 -18.79 24.24
N GLU A 70 -18.70 -19.30 23.22
CA GLU A 70 -18.66 -18.65 21.91
C GLU A 70 -19.28 -19.66 20.96
N ALA A 71 -20.61 -19.68 20.87
CA ALA A 71 -21.25 -20.70 20.05
C ALA A 71 -22.43 -20.39 19.17
N SER A 72 -22.73 -21.38 18.33
CA SER A 72 -23.86 -21.36 17.43
C SER A 72 -24.39 -22.79 17.43
N GLY A 73 -25.62 -22.96 16.98
CA GLY A 73 -26.21 -24.29 16.96
C GLY A 73 -27.52 -24.30 16.19
N THR A 74 -28.24 -25.40 16.29
CA THR A 74 -29.51 -25.56 15.60
C THR A 74 -30.60 -25.77 16.64
N VAL A 75 -31.70 -25.06 16.50
CA VAL A 75 -32.79 -25.21 17.46
C VAL A 75 -33.36 -26.61 17.33
N GLU A 76 -33.37 -27.33 18.45
CA GLU A 76 -33.89 -28.70 18.47
C GLU A 76 -35.34 -28.67 18.94
N LYS A 77 -35.59 -27.91 20.00
CA LYS A 77 -36.92 -27.79 20.59
C LYS A 77 -37.11 -26.39 21.15
N VAL A 78 -38.35 -25.91 21.18
CA VAL A 78 -38.64 -24.57 21.70
C VAL A 78 -39.63 -24.61 22.87
N GLY A 79 -39.50 -23.65 23.78
CA GLY A 79 -40.40 -23.58 24.91
C GLY A 79 -41.79 -23.17 24.47
N SER A 80 -42.79 -23.48 25.29
CA SER A 80 -44.19 -23.18 24.98
C SER A 80 -44.49 -21.71 24.71
N SER A 81 -43.61 -20.80 25.12
CA SER A 81 -43.85 -19.38 24.88
C SER A 81 -43.00 -18.79 23.77
N VAL A 82 -42.06 -19.58 23.25
CA VAL A 82 -41.18 -19.10 22.19
C VAL A 82 -41.93 -19.00 20.87
N LYS A 83 -41.78 -17.89 20.17
CA LYS A 83 -42.47 -17.70 18.90
C LYS A 83 -41.59 -17.17 17.77
N HIS A 84 -40.42 -16.64 18.09
CA HIS A 84 -39.54 -16.13 17.06
C HIS A 84 -38.52 -17.16 16.55
N LEU A 85 -38.53 -18.35 17.15
CA LEU A 85 -37.62 -19.42 16.75
C LEU A 85 -38.40 -20.72 16.61
N LYS A 86 -37.91 -21.63 15.78
CA LYS A 86 -38.56 -22.92 15.57
C LYS A 86 -37.51 -24.00 15.34
N PRO A 87 -37.90 -25.28 15.52
CA PRO A 87 -36.95 -26.37 15.31
C PRO A 87 -36.31 -26.25 13.93
N GLY A 88 -35.00 -26.48 13.85
CA GLY A 88 -34.31 -26.40 12.57
C GLY A 88 -33.62 -25.07 12.31
N ASP A 89 -33.97 -24.03 13.08
CA ASP A 89 -33.35 -22.73 12.88
C ASP A 89 -31.89 -22.75 13.31
N ARG A 90 -31.03 -22.19 12.48
CA ARG A 90 -29.61 -22.10 12.79
C ARG A 90 -29.48 -20.80 13.58
N VAL A 91 -28.89 -20.87 14.78
CA VAL A 91 -28.78 -19.67 15.61
C VAL A 91 -27.42 -19.44 16.26
N ALA A 92 -27.14 -18.18 16.54
CA ALA A 92 -25.92 -17.78 17.23
C ALA A 92 -26.39 -17.56 18.67
N ILE A 93 -25.58 -17.98 19.63
CA ILE A 93 -25.95 -17.86 21.03
C ILE A 93 -25.18 -16.77 21.77
N GLU A 94 -25.90 -15.78 22.30
CA GLU A 94 -25.27 -14.72 23.08
C GLU A 94 -25.25 -15.30 24.50
N PRO A 95 -24.05 -15.60 25.02
CA PRO A 95 -23.82 -16.19 26.35
C PRO A 95 -24.33 -15.46 27.59
N GLY A 96 -24.36 -14.14 27.57
CA GLY A 96 -24.84 -13.40 28.73
C GLY A 96 -26.33 -13.13 28.64
N ALA A 97 -27.09 -13.74 29.55
CA ALA A 97 -28.54 -13.56 29.57
C ALA A 97 -28.97 -13.14 30.98
N PRO A 98 -29.54 -11.94 31.11
CA PRO A 98 -29.99 -11.43 32.41
C PRO A 98 -31.06 -12.31 33.06
N ARG A 99 -30.97 -12.47 34.37
CA ARG A 99 -31.95 -13.26 35.10
C ARG A 99 -33.12 -12.37 35.53
N GLU A 100 -32.87 -11.08 35.70
CA GLU A 100 -33.95 -10.18 36.09
C GLU A 100 -33.86 -8.83 35.39
N ASN A 101 -35.02 -8.25 35.13
CA ASN A 101 -35.10 -6.97 34.45
C ASN A 101 -34.82 -5.84 35.45
N ASP A 102 -33.55 -5.71 35.83
CA ASP A 102 -33.15 -4.67 36.77
C ASP A 102 -32.90 -3.34 36.05
N GLU A 103 -32.47 -2.33 36.78
N GLU A 103 -32.45 -2.34 36.79
CA GLU A 103 -32.24 -1.02 36.18
CA GLU A 103 -32.19 -1.02 36.25
C GLU A 103 -31.21 -1.03 35.06
C GLU A 103 -31.22 -1.04 35.07
N PHE A 104 -30.22 -1.91 35.15
CA PHE A 104 -29.21 -2.02 34.09
C PHE A 104 -29.83 -2.52 32.80
N CYS A 105 -30.70 -3.52 32.88
CA CYS A 105 -31.36 -4.04 31.69
C CYS A 105 -32.30 -2.99 31.12
N LYS A 106 -33.06 -2.35 32.01
CA LYS A 106 -34.02 -1.34 31.56
C LYS A 106 -33.33 -0.16 30.87
N MET A 107 -32.15 0.24 31.36
N MET A 107 -32.16 0.23 31.35
CA MET A 107 -31.43 1.36 30.77
CA MET A 107 -31.44 1.35 30.77
C MET A 107 -30.67 0.99 29.50
C MET A 107 -30.61 0.98 29.54
N GLY A 108 -30.72 -0.28 29.11
CA GLY A 108 -30.01 -0.71 27.92
C GLY A 108 -28.60 -1.23 28.07
N ARG A 109 -28.18 -1.46 29.30
CA ARG A 109 -26.83 -1.96 29.56
C ARG A 109 -26.91 -3.25 30.39
N TYR A 110 -27.63 -4.23 29.85
CA TYR A 110 -27.80 -5.51 30.55
C TYR A 110 -26.50 -6.25 30.85
N ASN A 111 -25.41 -5.92 30.16
CA ASN A 111 -24.15 -6.60 30.42
C ASN A 111 -23.67 -6.32 31.84
N LEU A 112 -24.18 -5.24 32.43
CA LEU A 112 -23.79 -4.85 33.78
C LEU A 112 -24.73 -5.38 34.85
N SER A 113 -25.77 -6.10 34.44
CA SER A 113 -26.72 -6.67 35.40
C SER A 113 -25.95 -7.62 36.30
N PRO A 114 -25.92 -7.34 37.62
CA PRO A 114 -25.23 -8.14 38.63
C PRO A 114 -25.55 -9.64 38.63
N SER A 115 -26.81 -9.97 38.39
CA SER A 115 -27.23 -11.37 38.41
C SER A 115 -27.29 -12.01 37.03
N ILE A 116 -26.58 -11.45 36.07
CA ILE A 116 -26.61 -12.00 34.72
C ILE A 116 -26.03 -13.42 34.67
N PHE A 117 -26.64 -14.25 33.84
CA PHE A 117 -26.16 -15.62 33.64
C PHE A 117 -25.16 -15.51 32.49
N PHE A 118 -24.02 -16.18 32.61
CA PHE A 118 -23.04 -16.14 31.53
C PHE A 118 -22.33 -17.49 31.37
N CYS A 119 -22.49 -18.09 30.19
CA CYS A 119 -21.88 -19.38 29.87
C CYS A 119 -20.42 -19.51 30.24
N ALA A 120 -20.08 -20.59 30.94
CA ALA A 120 -18.71 -20.91 31.29
C ALA A 120 -17.99 -19.98 32.26
N THR A 121 -18.76 -19.17 32.98
CA THR A 121 -18.18 -18.30 34.00
C THR A 121 -18.85 -18.86 35.25
N PRO A 122 -18.07 -19.56 36.09
CA PRO A 122 -18.63 -20.15 37.31
C PRO A 122 -19.57 -19.21 38.06
N PRO A 123 -20.70 -19.76 38.56
CA PRO A 123 -21.10 -21.16 38.47
C PRO A 123 -22.02 -21.53 37.29
N ASP A 124 -22.02 -20.74 36.22
CA ASP A 124 -22.89 -21.05 35.08
C ASP A 124 -22.26 -21.96 34.02
N ASP A 125 -22.87 -23.13 33.79
CA ASP A 125 -22.36 -24.07 32.79
C ASP A 125 -22.36 -23.50 31.38
N GLY A 126 -21.28 -23.79 30.65
CA GLY A 126 -21.13 -23.33 29.28
C GLY A 126 -21.81 -24.22 28.27
N ASN A 127 -21.53 -24.00 26.98
CA ASN A 127 -22.17 -24.79 25.95
C ASN A 127 -21.31 -25.71 25.07
N LEU A 128 -20.17 -26.13 25.59
CA LEU A 128 -19.30 -27.06 24.84
C LEU A 128 -19.88 -28.44 25.15
N CYS A 129 -20.95 -28.78 24.44
CA CYS A 129 -21.64 -30.05 24.65
C CYS A 129 -22.56 -30.32 23.46
N ARG A 130 -23.36 -31.36 23.53
CA ARG A 130 -24.27 -31.71 22.44
C ARG A 130 -25.56 -30.89 22.44
N PHE A 131 -26.18 -30.80 23.61
CA PHE A 131 -27.44 -30.07 23.74
C PHE A 131 -27.36 -29.07 24.87
N TYR A 132 -27.83 -27.86 24.58
CA TYR A 132 -27.77 -26.77 25.53
C TYR A 132 -29.06 -25.93 25.44
N LYS A 133 -29.61 -25.55 26.59
CA LYS A 133 -30.83 -24.73 26.57
C LYS A 133 -30.42 -23.31 26.91
N HIS A 134 -31.12 -22.33 26.33
CA HIS A 134 -30.76 -20.94 26.55
C HIS A 134 -31.99 -20.06 26.38
N ASN A 135 -31.96 -18.88 27.02
CA ASN A 135 -33.07 -17.96 26.90
C ASN A 135 -33.26 -17.65 25.41
N ALA A 136 -34.48 -17.81 24.92
CA ALA A 136 -34.78 -17.60 23.51
C ALA A 136 -34.49 -16.20 23.00
N ALA A 137 -34.60 -15.20 23.88
CA ALA A 137 -34.33 -13.83 23.47
C ALA A 137 -32.86 -13.64 23.13
N PHE A 138 -32.01 -14.53 23.61
CA PHE A 138 -30.58 -14.43 23.36
C PHE A 138 -29.99 -15.45 22.38
N CYS A 139 -30.85 -15.96 21.51
CA CYS A 139 -30.47 -16.87 20.45
C CYS A 139 -30.96 -16.13 19.22
N TYR A 140 -30.06 -15.86 18.28
CA TYR A 140 -30.43 -15.12 17.08
C TYR A 140 -30.28 -15.97 15.84
N LYS A 141 -31.32 -15.99 15.02
N LYS A 141 -31.32 -16.02 15.03
CA LYS A 141 -31.30 -16.77 13.80
CA LYS A 141 -31.30 -16.81 13.81
C LYS A 141 -30.21 -16.27 12.84
C LYS A 141 -30.26 -16.29 12.82
N LEU A 142 -29.47 -17.20 12.27
CA LEU A 142 -28.43 -16.86 11.32
C LEU A 142 -28.99 -16.94 9.90
N PRO A 143 -28.63 -15.97 9.04
CA PRO A 143 -29.10 -15.97 7.66
C PRO A 143 -28.44 -17.17 6.98
N ASP A 144 -28.99 -17.63 5.87
CA ASP A 144 -28.42 -18.78 5.16
C ASP A 144 -26.98 -18.57 4.71
N ASN A 145 -26.62 -17.34 4.38
CA ASN A 145 -25.27 -17.04 3.91
C ASN A 145 -24.26 -16.76 5.02
N VAL A 146 -24.60 -17.15 6.24
CA VAL A 146 -23.68 -16.97 7.37
C VAL A 146 -23.45 -18.34 8.00
N THR A 147 -22.20 -18.77 8.04
CA THR A 147 -21.87 -20.09 8.58
C THR A 147 -21.97 -20.20 10.08
N PHE A 148 -21.99 -21.43 10.57
CA PHE A 148 -22.07 -21.68 11.99
C PHE A 148 -20.83 -21.12 12.68
N GLU A 149 -19.66 -21.29 12.07
CA GLU A 149 -18.44 -20.79 12.69
C GLU A 149 -18.45 -19.27 12.78
N GLU A 150 -19.01 -18.61 11.76
CA GLU A 150 -19.11 -17.15 11.80
C GLU A 150 -20.05 -16.82 12.95
N GLY A 151 -21.10 -17.64 13.11
CA GLY A 151 -22.06 -17.43 14.19
C GLY A 151 -21.35 -17.52 15.54
N ALA A 152 -20.44 -18.50 15.66
CA ALA A 152 -19.69 -18.68 16.89
C ALA A 152 -18.70 -17.53 17.09
N LEU A 153 -18.18 -17.00 16.00
CA LEU A 153 -17.22 -15.90 16.07
C LEU A 153 -17.88 -14.57 16.42
N ILE A 154 -19.20 -14.54 16.48
CA ILE A 154 -19.89 -13.30 16.83
C ILE A 154 -19.55 -12.91 18.27
N GLU A 155 -19.29 -13.90 19.11
CA GLU A 155 -18.98 -13.63 20.52
C GLU A 155 -17.70 -12.79 20.65
N PRO A 156 -16.57 -13.25 20.09
CA PRO A 156 -15.37 -12.43 20.21
C PRO A 156 -15.49 -11.13 19.41
N LEU A 157 -16.17 -11.21 18.27
CA LEU A 157 -16.37 -10.02 17.43
C LEU A 157 -17.15 -8.96 18.22
N SER A 158 -18.11 -9.41 19.02
CA SER A 158 -18.93 -8.50 19.82
C SER A 158 -18.09 -7.71 20.84
N VAL A 159 -17.00 -8.31 21.30
CA VAL A 159 -16.15 -7.61 22.25
C VAL A 159 -15.56 -6.40 21.50
N GLY A 160 -15.20 -6.63 20.24
CA GLY A 160 -14.64 -5.56 19.42
C GLY A 160 -15.70 -4.51 19.07
N ILE A 161 -16.91 -4.96 18.77
CA ILE A 161 -17.99 -4.03 18.44
C ILE A 161 -18.27 -3.14 19.66
N HIS A 162 -18.40 -3.77 20.82
CA HIS A 162 -18.68 -3.03 22.06
C HIS A 162 -17.54 -2.07 22.37
N ALA A 163 -16.30 -2.55 22.25
CA ALA A 163 -15.12 -1.74 22.53
C ALA A 163 -15.04 -0.49 21.65
N CYS A 164 -15.28 -0.67 20.35
CA CYS A 164 -15.22 0.46 19.44
C CYS A 164 -16.37 1.44 19.71
N ARG A 165 -17.52 0.90 20.13
CA ARG A 165 -18.65 1.76 20.44
C ARG A 165 -18.32 2.61 21.65
N ARG A 166 -17.80 1.95 22.69
CA ARG A 166 -17.42 2.63 23.92
C ARG A 166 -16.33 3.67 23.65
N GLY A 167 -15.49 3.40 22.66
CA GLY A 167 -14.43 4.33 22.31
C GLY A 167 -14.87 5.44 21.38
N GLY A 168 -16.06 5.31 20.80
CA GLY A 168 -16.54 6.32 19.88
C GLY A 168 -15.80 6.29 18.55
N VAL A 169 -15.31 5.11 18.17
CA VAL A 169 -14.60 4.99 16.91
C VAL A 169 -15.54 5.35 15.77
N THR A 170 -15.10 6.22 14.88
CA THR A 170 -15.97 6.59 13.77
C THR A 170 -15.20 7.00 12.52
N LEU A 171 -15.93 7.42 11.49
CA LEU A 171 -15.36 7.80 10.21
C LEU A 171 -14.12 8.70 10.24
N GLY A 172 -13.07 8.24 9.56
CA GLY A 172 -11.84 9.02 9.48
C GLY A 172 -10.89 8.96 10.65
N HIS A 173 -11.28 8.27 11.72
CA HIS A 173 -10.43 8.17 12.91
C HIS A 173 -9.13 7.42 12.68
N LYS A 174 -8.14 7.77 13.50
CA LYS A 174 -6.85 7.12 13.51
C LYS A 174 -6.98 6.36 14.83
N VAL A 175 -6.93 5.03 14.76
CA VAL A 175 -7.11 4.23 15.96
C VAL A 175 -5.90 3.36 16.30
N LEU A 176 -5.55 3.34 17.58
CA LEU A 176 -4.45 2.51 18.06
C LEU A 176 -5.04 1.30 18.78
N VAL A 177 -4.65 0.11 18.37
CA VAL A 177 -5.11 -1.11 19.02
C VAL A 177 -3.89 -1.76 19.64
N CYS A 178 -3.87 -1.87 20.96
CA CYS A 178 -2.75 -2.48 21.66
C CYS A 178 -3.04 -3.96 21.85
N GLY A 179 -2.24 -4.80 21.19
CA GLY A 179 -2.42 -6.24 21.30
C GLY A 179 -3.01 -6.81 20.02
N ALA A 180 -2.40 -7.88 19.51
CA ALA A 180 -2.85 -8.52 18.28
C ALA A 180 -3.36 -9.93 18.52
N GLY A 181 -3.88 -10.17 19.71
CA GLY A 181 -4.45 -11.47 20.02
C GLY A 181 -5.80 -11.44 19.32
N PRO A 182 -6.61 -12.50 19.43
CA PRO A 182 -7.91 -12.46 18.75
C PRO A 182 -8.78 -11.25 19.09
N ILE A 183 -8.65 -10.74 20.32
CA ILE A 183 -9.46 -9.58 20.72
C ILE A 183 -8.98 -8.32 19.99
N GLY A 184 -7.67 -8.14 19.91
CA GLY A 184 -7.15 -6.98 19.20
C GLY A 184 -7.50 -7.10 17.72
N MET A 185 -7.50 -8.33 17.21
N MET A 185 -7.51 -8.32 17.20
CA MET A 185 -7.82 -8.57 15.80
CA MET A 185 -7.81 -8.53 15.79
C MET A 185 -9.25 -8.24 15.41
C MET A 185 -9.26 -8.20 15.41
N VAL A 186 -10.22 -8.64 16.23
CA VAL A 186 -11.62 -8.34 15.93
C VAL A 186 -11.83 -6.84 16.09
N THR A 187 -11.12 -6.24 17.04
CA THR A 187 -11.23 -4.80 17.27
C THR A 187 -10.75 -4.07 16.01
N LEU A 188 -9.67 -4.58 15.42
CA LEU A 188 -9.12 -4.04 14.18
C LEU A 188 -10.16 -4.15 13.08
N LEU A 189 -10.78 -5.32 12.96
CA LEU A 189 -11.80 -5.55 11.94
C LEU A 189 -12.98 -4.60 12.08
N VAL A 190 -13.42 -4.41 13.32
CA VAL A 190 -14.55 -3.53 13.60
C VAL A 190 -14.19 -2.07 13.34
N ALA A 191 -13.03 -1.64 13.82
CA ALA A 191 -12.62 -0.25 13.63
C ALA A 191 -12.61 0.10 12.14
N LYS A 192 -12.03 -0.77 11.33
CA LYS A 192 -11.99 -0.52 9.89
C LYS A 192 -13.39 -0.52 9.28
N ALA A 193 -14.26 -1.42 9.74
CA ALA A 193 -15.62 -1.48 9.23
C ALA A 193 -16.41 -0.23 9.62
N MET A 194 -16.01 0.42 10.71
CA MET A 194 -16.69 1.62 11.18
C MET A 194 -16.17 2.88 10.49
N GLY A 195 -15.20 2.73 9.61
CA GLY A 195 -14.67 3.88 8.89
C GLY A 195 -13.34 4.45 9.34
N ALA A 196 -12.64 3.76 10.24
CA ALA A 196 -11.35 4.28 10.68
C ALA A 196 -10.46 4.40 9.45
N ALA A 197 -9.80 5.55 9.30
CA ALA A 197 -8.91 5.81 8.17
C ALA A 197 -7.64 5.00 8.28
N GLN A 198 -7.12 4.93 9.51
CA GLN A 198 -5.88 4.21 9.79
C GLN A 198 -5.99 3.49 11.12
N VAL A 199 -5.56 2.24 11.16
CA VAL A 199 -5.55 1.50 12.40
C VAL A 199 -4.14 1.00 12.61
N VAL A 200 -3.56 1.33 13.76
CA VAL A 200 -2.21 0.90 14.11
C VAL A 200 -2.38 -0.20 15.16
N VAL A 201 -1.72 -1.33 14.94
CA VAL A 201 -1.80 -2.43 15.89
C VAL A 201 -0.42 -2.72 16.47
N THR A 202 -0.35 -2.89 17.79
CA THR A 202 0.91 -3.18 18.44
C THR A 202 0.85 -4.58 19.04
N ASP A 203 2.01 -5.19 19.23
CA ASP A 203 2.10 -6.52 19.82
C ASP A 203 3.56 -6.93 20.01
N LEU A 204 3.79 -7.92 20.85
CA LEU A 204 5.15 -8.40 21.10
C LEU A 204 5.57 -9.37 20.01
N SER A 205 4.58 -9.96 19.35
CA SER A 205 4.83 -10.94 18.30
C SER A 205 4.75 -10.43 16.87
N ALA A 206 5.87 -10.58 16.14
CA ALA A 206 5.94 -10.16 14.76
C ALA A 206 4.97 -10.99 13.93
N THR A 207 4.81 -12.25 14.29
CA THR A 207 3.91 -13.15 13.59
C THR A 207 2.45 -12.69 13.68
N ARG A 208 2.04 -12.28 14.89
CA ARG A 208 0.67 -11.81 15.07
C ARG A 208 0.44 -10.51 14.34
N LEU A 209 1.46 -9.67 14.27
CA LEU A 209 1.33 -8.39 13.57
C LEU A 209 1.23 -8.63 12.07
N SER A 210 1.96 -9.62 11.57
CA SER A 210 1.92 -9.95 10.16
C SER A 210 0.51 -10.40 9.79
N LYS A 211 -0.12 -11.12 10.71
CA LYS A 211 -1.48 -11.60 10.50
C LYS A 211 -2.42 -10.39 10.55
N ALA A 212 -2.12 -9.44 11.44
CA ALA A 212 -2.94 -8.23 11.57
C ALA A 212 -2.91 -7.47 10.24
N LYS A 213 -1.73 -7.41 9.63
CA LYS A 213 -1.59 -6.74 8.34
C LYS A 213 -2.47 -7.42 7.30
N GLU A 214 -2.41 -8.74 7.29
CA GLU A 214 -3.19 -9.52 6.34
C GLU A 214 -4.67 -9.20 6.37
N ILE A 215 -5.22 -8.93 7.54
CA ILE A 215 -6.65 -8.64 7.63
C ILE A 215 -7.03 -7.17 7.67
N GLY A 216 -6.07 -6.27 7.44
CA GLY A 216 -6.43 -4.87 7.41
C GLY A 216 -5.63 -3.83 8.19
N ALA A 217 -4.75 -4.26 9.09
CA ALA A 217 -3.97 -3.29 9.86
C ALA A 217 -3.19 -2.41 8.89
N ASP A 218 -3.36 -1.10 9.00
CA ASP A 218 -2.66 -0.16 8.13
C ASP A 218 -1.21 -0.02 8.53
N LEU A 219 -0.97 -0.10 9.84
CA LEU A 219 0.38 0.04 10.39
C LEU A 219 0.49 -0.90 11.58
N VAL A 220 1.71 -1.37 11.85
CA VAL A 220 1.93 -2.25 12.98
C VAL A 220 3.23 -1.88 13.67
N LEU A 221 3.27 -2.08 14.98
CA LEU A 221 4.46 -1.80 15.76
C LEU A 221 4.77 -2.97 16.67
N GLN A 222 5.95 -3.56 16.50
CA GLN A 222 6.36 -4.65 17.35
C GLN A 222 6.96 -4.04 18.60
N ILE A 223 6.42 -4.42 19.76
CA ILE A 223 6.87 -3.90 21.03
C ILE A 223 7.89 -4.81 21.69
N SER A 224 8.99 -4.22 22.15
CA SER A 224 10.04 -4.97 22.83
C SER A 224 10.15 -4.40 24.24
N LYS A 225 11.15 -3.57 24.49
CA LYS A 225 11.34 -3.00 25.82
C LYS A 225 11.21 -1.48 25.87
N GLU A 226 10.58 -0.88 24.86
CA GLU A 226 10.42 0.57 24.85
C GLU A 226 9.55 1.01 26.02
N SER A 227 9.71 2.26 26.45
CA SER A 227 8.91 2.78 27.54
C SER A 227 7.57 3.22 26.97
N PRO A 228 6.58 3.47 27.85
CA PRO A 228 5.26 3.90 27.39
C PRO A 228 5.33 5.18 26.56
N GLN A 229 6.17 6.13 26.98
CA GLN A 229 6.31 7.38 26.26
C GLN A 229 6.92 7.13 24.88
N GLU A 230 7.88 6.22 24.82
CA GLU A 230 8.53 5.88 23.56
C GLU A 230 7.54 5.22 22.62
N ILE A 231 6.68 4.36 23.16
CA ILE A 231 5.68 3.70 22.33
C ILE A 231 4.75 4.78 21.78
N ALA A 232 4.29 5.67 22.66
CA ALA A 232 3.41 6.76 22.24
C ALA A 232 4.08 7.58 21.14
N ARG A 233 5.37 7.86 21.32
CA ARG A 233 6.11 8.63 20.33
C ARG A 233 6.15 7.93 18.98
N LYS A 234 6.45 6.63 18.99
CA LYS A 234 6.51 5.84 17.77
C LYS A 234 5.17 5.76 17.06
N VAL A 235 4.11 5.53 17.82
CA VAL A 235 2.77 5.46 17.24
C VAL A 235 2.45 6.76 16.54
N GLU A 236 2.70 7.87 17.23
CA GLU A 236 2.44 9.18 16.66
C GLU A 236 3.34 9.41 15.44
N GLY A 237 4.55 8.88 15.51
CA GLY A 237 5.47 9.02 14.40
C GLY A 237 4.93 8.36 13.14
N GLN A 238 4.31 7.20 13.32
CA GLN A 238 3.76 6.45 12.19
C GLN A 238 2.52 7.12 11.60
N LEU A 239 1.66 7.62 12.48
CA LEU A 239 0.41 8.27 12.07
C LEU A 239 0.59 9.72 11.65
N GLY A 240 1.64 10.36 12.13
CA GLY A 240 1.85 11.75 11.80
C GLY A 240 0.89 12.59 12.63
N CYS A 241 0.31 11.96 13.64
CA CYS A 241 -0.64 12.61 14.54
C CYS A 241 -1.00 11.64 15.66
N LYS A 242 -1.82 12.09 16.61
CA LYS A 242 -2.22 11.23 17.72
C LYS A 242 -3.57 10.57 17.41
N PRO A 243 -3.71 9.28 17.74
CA PRO A 243 -4.96 8.56 17.49
C PRO A 243 -6.08 9.07 18.40
N GLU A 244 -7.25 9.31 17.81
CA GLU A 244 -8.40 9.79 18.59
C GLU A 244 -8.89 8.74 19.57
N VAL A 245 -8.64 7.46 19.25
CA VAL A 245 -9.07 6.36 20.10
C VAL A 245 -7.99 5.29 20.19
N THR A 246 -7.82 4.76 21.40
CA THR A 246 -6.88 3.68 21.63
C THR A 246 -7.69 2.58 22.32
N ILE A 247 -7.60 1.37 21.80
CA ILE A 247 -8.31 0.25 22.42
C ILE A 247 -7.23 -0.70 22.92
N GLU A 248 -7.11 -0.75 24.25
CA GLU A 248 -6.11 -1.57 24.93
C GLU A 248 -6.58 -3.01 25.08
N CYS A 249 -5.95 -3.92 24.35
CA CYS A 249 -6.35 -5.32 24.39
C CYS A 249 -5.26 -6.26 24.89
N THR A 250 -4.48 -5.84 25.88
CA THR A 250 -3.42 -6.68 26.43
C THR A 250 -3.53 -6.78 27.95
N GLY A 251 -3.98 -5.72 28.57
CA GLY A 251 -4.11 -5.72 30.02
C GLY A 251 -2.80 -5.35 30.69
N ALA A 252 -1.73 -5.24 29.90
CA ALA A 252 -0.42 -4.89 30.43
C ALA A 252 -0.34 -3.43 30.85
N GLU A 253 0.10 -3.21 32.09
CA GLU A 253 0.22 -1.86 32.62
C GLU A 253 1.00 -0.91 31.71
N ALA A 254 2.12 -1.37 31.18
CA ALA A 254 2.93 -0.54 30.29
C ALA A 254 2.14 -0.10 29.07
N SER A 255 1.31 -0.99 28.55
CA SER A 255 0.52 -0.68 27.38
C SER A 255 -0.58 0.33 27.71
N ILE A 256 -1.17 0.21 28.90
CA ILE A 256 -2.20 1.14 29.32
C ILE A 256 -1.58 2.54 29.41
N GLN A 257 -0.39 2.63 30.01
CA GLN A 257 0.29 3.91 30.14
C GLN A 257 0.60 4.48 28.76
N ALA A 258 1.03 3.62 27.84
CA ALA A 258 1.33 4.07 26.49
C ALA A 258 0.07 4.65 25.86
N GLY A 259 -1.06 3.99 26.09
CA GLY A 259 -2.32 4.45 25.55
C GLY A 259 -2.68 5.84 26.05
N ILE A 260 -2.40 6.11 27.32
CA ILE A 260 -2.70 7.43 27.87
C ILE A 260 -1.84 8.50 27.18
N TYR A 261 -0.55 8.22 27.01
CA TYR A 261 0.35 9.17 26.37
C TYR A 261 0.08 9.33 24.87
N ALA A 262 -0.32 8.25 24.23
CA ALA A 262 -0.56 8.25 22.79
C ALA A 262 -1.86 8.88 22.29
N THR A 263 -2.94 8.71 23.05
CA THR A 263 -4.25 9.22 22.64
C THR A 263 -4.38 10.74 22.56
N ARG A 264 -4.97 11.20 21.47
CA ARG A 264 -5.18 12.62 21.23
C ARG A 264 -6.05 13.22 22.34
N SER A 265 -5.77 14.48 22.69
CA SER A 265 -6.55 15.14 23.73
C SER A 265 -8.02 15.08 23.38
N GLY A 266 -8.85 14.85 24.39
CA GLY A 266 -10.27 14.77 24.16
C GLY A 266 -10.67 13.43 23.59
N GLY A 267 -9.68 12.57 23.37
CA GLY A 267 -9.94 11.24 22.83
C GLY A 267 -10.33 10.24 23.89
N THR A 268 -10.37 8.97 23.51
CA THR A 268 -10.77 7.91 24.44
C THR A 268 -9.85 6.70 24.45
N LEU A 269 -9.53 6.24 25.65
CA LEU A 269 -8.72 5.06 25.84
C LEU A 269 -9.67 4.00 26.39
N VAL A 270 -9.90 2.95 25.59
CA VAL A 270 -10.80 1.88 26.01
C VAL A 270 -9.99 0.73 26.60
N LEU A 271 -10.34 0.32 27.81
CA LEU A 271 -9.64 -0.77 28.48
C LEU A 271 -10.41 -2.07 28.35
N VAL A 272 -9.92 -2.94 27.46
CA VAL A 272 -10.55 -4.24 27.23
C VAL A 272 -9.75 -5.31 27.96
N GLY A 273 -8.43 -5.26 27.81
CA GLY A 273 -7.56 -6.24 28.44
C GLY A 273 -7.63 -6.29 29.95
N LEU A 274 -7.54 -7.49 30.50
CA LEU A 274 -7.59 -7.69 31.95
C LEU A 274 -6.19 -7.86 32.52
N GLY A 275 -5.87 -7.05 33.53
CA GLY A 275 -4.57 -7.13 34.17
C GLY A 275 -4.71 -7.35 35.66
N SER A 276 -3.77 -6.81 36.44
CA SER A 276 -3.80 -6.96 37.88
C SER A 276 -4.84 -6.04 38.54
N GLU A 277 -5.13 -6.31 39.81
CA GLU A 277 -6.12 -5.53 40.55
C GLU A 277 -5.72 -4.06 40.65
N MET A 278 -4.43 -3.81 40.86
CA MET A 278 -3.93 -2.44 40.97
C MET A 278 -3.04 -2.11 39.78
N THR A 279 -3.10 -0.85 39.35
CA THR A 279 -2.31 -0.40 38.23
C THR A 279 -1.80 1.01 38.48
N THR A 280 -0.53 1.24 38.15
CA THR A 280 0.07 2.55 38.32
C THR A 280 0.06 3.20 36.95
N VAL A 281 -0.64 4.33 36.84
CA VAL A 281 -0.75 5.02 35.56
C VAL A 281 -0.74 6.53 35.74
N PRO A 282 -0.46 7.27 34.65
CA PRO A 282 -0.42 8.73 34.69
C PRO A 282 -1.81 9.34 34.49
N LEU A 283 -2.67 9.18 35.49
CA LEU A 283 -4.03 9.74 35.42
C LEU A 283 -4.02 11.25 35.22
N LEU A 284 -3.05 11.92 35.82
CA LEU A 284 -2.95 13.37 35.69
C LEU A 284 -2.77 13.73 34.22
N HIS A 285 -1.94 12.97 33.52
CA HIS A 285 -1.69 13.21 32.10
C HIS A 285 -3.00 13.10 31.32
N ALA A 286 -3.73 12.01 31.57
CA ALA A 286 -5.01 11.78 30.89
C ALA A 286 -6.04 12.86 31.23
N ALA A 287 -6.12 13.21 32.51
CA ALA A 287 -7.08 14.22 32.98
C ALA A 287 -6.85 15.60 32.34
N ILE A 288 -5.61 16.07 32.39
CA ILE A 288 -5.26 17.38 31.83
C ILE A 288 -5.53 17.52 30.34
N ARG A 289 -5.54 16.40 29.61
CA ARG A 289 -5.81 16.43 28.18
C ARG A 289 -7.17 15.83 27.89
N GLU A 290 -7.93 15.59 28.96
CA GLU A 290 -9.27 15.00 28.88
C GLU A 290 -9.32 13.76 28.00
N VAL A 291 -8.38 12.86 28.24
CA VAL A 291 -8.36 11.59 27.54
C VAL A 291 -9.19 10.70 28.46
N ASP A 292 -10.39 10.34 28.03
CA ASP A 292 -11.27 9.51 28.84
C ASP A 292 -10.76 8.08 28.90
N ILE A 293 -11.01 7.43 30.03
CA ILE A 293 -10.60 6.04 30.22
C ILE A 293 -11.87 5.25 30.47
N LYS A 294 -12.28 4.49 29.46
CA LYS A 294 -13.50 3.70 29.56
C LYS A 294 -13.24 2.22 29.48
N GLY A 295 -13.78 1.50 30.45
CA GLY A 295 -13.60 0.06 30.47
C GLY A 295 -14.68 -0.65 29.68
N VAL A 296 -14.45 -1.93 29.45
CA VAL A 296 -15.39 -2.77 28.72
C VAL A 296 -15.64 -4.05 29.50
N PHE A 297 -16.91 -4.40 29.66
CA PHE A 297 -17.25 -5.64 30.32
C PHE A 297 -18.12 -6.41 29.35
N ARG A 298 -17.46 -7.24 28.56
CA ARG A 298 -18.12 -8.05 27.56
C ARG A 298 -18.84 -7.24 26.49
N TYR A 299 -20.16 -7.18 26.52
CA TYR A 299 -20.88 -6.47 25.48
C TYR A 299 -22.39 -6.45 25.71
N CYS A 300 -23.08 -5.64 24.92
CA CYS A 300 -24.53 -5.57 24.96
C CYS A 300 -25.02 -5.03 23.63
N ASN A 301 -26.10 -5.61 23.12
CA ASN A 301 -26.70 -5.19 21.87
C ASN A 301 -25.74 -5.24 20.68
N THR A 302 -25.05 -6.36 20.52
CA THR A 302 -24.10 -6.53 19.41
C THR A 302 -24.42 -7.68 18.47
N TRP A 303 -25.25 -8.65 18.90
CA TRP A 303 -25.56 -9.78 18.04
C TRP A 303 -26.28 -9.45 16.75
N PRO A 304 -27.38 -8.69 16.82
CA PRO A 304 -28.08 -8.37 15.57
C PRO A 304 -27.15 -7.61 14.60
N VAL A 305 -26.36 -6.69 15.14
CA VAL A 305 -25.42 -5.91 14.33
C VAL A 305 -24.34 -6.81 13.71
N ALA A 306 -23.76 -7.69 14.52
CA ALA A 306 -22.75 -8.60 14.01
C ALA A 306 -23.32 -9.42 12.87
N ILE A 307 -24.52 -9.97 13.10
CA ILE A 307 -25.17 -10.78 12.09
C ILE A 307 -25.39 -9.99 10.82
N SER A 308 -25.75 -8.72 10.95
CA SER A 308 -25.97 -7.88 9.78
C SER A 308 -24.67 -7.65 9.02
N MET A 309 -23.58 -7.46 9.76
N MET A 309 -23.59 -7.47 9.78
CA MET A 309 -22.28 -7.24 9.14
CA MET A 309 -22.25 -7.26 9.25
C MET A 309 -21.79 -8.49 8.42
C MET A 309 -21.81 -8.47 8.44
N LEU A 310 -22.04 -9.65 9.01
CA LEU A 310 -21.63 -10.91 8.39
C LEU A 310 -22.46 -11.25 7.15
N ALA A 311 -23.77 -11.04 7.25
CA ALA A 311 -24.66 -11.35 6.14
C ALA A 311 -24.41 -10.43 4.94
N SER A 312 -23.98 -9.21 5.20
CA SER A 312 -23.70 -8.25 4.13
C SER A 312 -22.23 -8.32 3.70
N LYS A 313 -21.49 -9.24 4.30
CA LYS A 313 -20.08 -9.40 3.97
C LYS A 313 -19.29 -8.11 4.23
N SER A 314 -19.68 -7.37 5.27
CA SER A 314 -19.00 -6.12 5.61
C SER A 314 -17.72 -6.38 6.39
N VAL A 315 -17.61 -7.57 6.95
CA VAL A 315 -16.43 -7.95 7.70
C VAL A 315 -16.14 -9.43 7.43
N ASN A 316 -14.88 -9.82 7.51
CA ASN A 316 -14.53 -11.21 7.27
C ASN A 316 -13.74 -11.73 8.45
N VAL A 317 -14.41 -12.50 9.29
CA VAL A 317 -13.79 -13.07 10.49
C VAL A 317 -13.23 -14.47 10.28
N LYS A 318 -13.55 -15.09 9.14
CA LYS A 318 -13.06 -16.44 8.87
C LYS A 318 -11.57 -16.65 9.03
N PRO A 319 -10.74 -15.67 8.61
CA PRO A 319 -9.29 -15.80 8.74
C PRO A 319 -8.84 -16.03 10.19
N LEU A 320 -9.71 -15.70 11.14
CA LEU A 320 -9.38 -15.88 12.55
C LEU A 320 -9.37 -17.34 12.96
N VAL A 321 -10.10 -18.18 12.23
CA VAL A 321 -10.14 -19.60 12.56
C VAL A 321 -8.86 -20.26 12.03
N THR A 322 -8.04 -20.77 12.94
CA THR A 322 -6.80 -21.41 12.55
C THR A 322 -6.82 -22.92 12.71
N HIS A 323 -7.84 -23.44 13.38
CA HIS A 323 -7.94 -24.87 13.59
C HIS A 323 -9.33 -25.26 14.07
N ARG A 324 -9.77 -26.46 13.70
CA ARG A 324 -11.06 -26.96 14.13
C ARG A 324 -10.96 -28.44 14.47
N PHE A 325 -11.54 -28.81 15.62
CA PHE A 325 -11.54 -30.19 16.11
C PHE A 325 -12.96 -30.60 16.49
N PRO A 326 -13.24 -31.92 16.45
CA PRO A 326 -14.59 -32.35 16.84
C PRO A 326 -14.60 -32.24 18.36
N LEU A 327 -15.77 -32.13 18.97
CA LEU A 327 -15.87 -32.01 20.42
C LEU A 327 -15.03 -33.07 21.15
N GLU A 328 -15.06 -34.29 20.64
CA GLU A 328 -14.32 -35.39 21.25
C GLU A 328 -12.81 -35.16 21.36
N LYS A 329 -12.27 -34.24 20.54
CA LYS A 329 -10.84 -33.96 20.61
C LYS A 329 -10.57 -32.65 21.36
N ALA A 330 -11.47 -32.29 22.27
CA ALA A 330 -11.32 -31.06 23.04
C ALA A 330 -9.98 -30.96 23.76
N LEU A 331 -9.50 -32.07 24.32
CA LEU A 331 -8.22 -32.05 25.03
C LEU A 331 -7.11 -31.61 24.08
N GLU A 332 -7.08 -32.20 22.88
CA GLU A 332 -6.07 -31.86 21.89
C GLU A 332 -6.20 -30.39 21.48
N ALA A 333 -7.44 -29.92 21.41
CA ALA A 333 -7.70 -28.53 21.02
C ALA A 333 -7.17 -27.57 22.08
N PHE A 334 -7.34 -27.91 23.35
CA PHE A 334 -6.85 -27.05 24.42
C PHE A 334 -5.33 -27.09 24.51
N GLU A 335 -4.75 -28.23 24.12
CA GLU A 335 -3.30 -28.38 24.14
C GLU A 335 -2.73 -27.54 23.01
N THR A 336 -3.44 -27.51 21.89
CA THR A 336 -3.03 -26.73 20.73
C THR A 336 -3.12 -25.24 21.05
N PHE A 337 -4.13 -24.88 21.83
CA PHE A 337 -4.31 -23.48 22.22
C PHE A 337 -3.10 -23.05 23.05
N LYS A 338 -2.71 -23.90 23.99
CA LYS A 338 -1.59 -23.61 24.87
C LYS A 338 -0.29 -23.40 24.09
N LYS A 339 -0.24 -23.91 22.86
CA LYS A 339 0.95 -23.74 22.02
C LYS A 339 1.01 -22.32 21.49
N GLY A 340 -0.07 -21.57 21.71
CA GLY A 340 -0.15 -20.18 21.28
C GLY A 340 0.31 -19.90 19.87
N LEU A 341 0.16 -20.87 18.97
CA LEU A 341 0.59 -20.68 17.58
C LEU A 341 -0.57 -20.27 16.67
N GLY A 342 -1.80 -20.49 17.11
CA GLY A 342 -2.95 -20.15 16.29
C GLY A 342 -3.62 -18.86 16.72
N LEU A 343 -4.93 -18.77 16.50
CA LEU A 343 -5.69 -17.58 16.86
C LEU A 343 -7.03 -18.00 17.46
N LYS A 344 -7.88 -18.61 16.64
CA LYS A 344 -9.19 -19.07 17.11
C LYS A 344 -9.37 -20.55 16.77
N ILE A 345 -9.62 -21.35 17.80
CA ILE A 345 -9.82 -22.78 17.63
C ILE A 345 -11.31 -23.10 17.79
N MET A 346 -11.87 -23.77 16.79
CA MET A 346 -13.28 -24.15 16.77
C MET A 346 -13.52 -25.61 17.13
N LEU A 347 -14.49 -25.86 18.01
CA LEU A 347 -14.85 -27.22 18.39
C LEU A 347 -16.19 -27.53 17.73
N LYS A 348 -16.25 -28.67 17.04
CA LYS A 348 -17.43 -29.09 16.31
C LYS A 348 -18.19 -30.15 17.11
N CYS A 349 -19.33 -29.76 17.67
CA CYS A 349 -20.13 -30.63 18.53
C CYS A 349 -21.20 -31.51 17.88
N ASP A 350 -21.53 -31.22 16.63
CA ASP A 350 -22.57 -31.95 15.91
C ASP A 350 -21.96 -32.99 14.98
N PRO A 351 -22.04 -34.28 15.35
CA PRO A 351 -21.45 -35.34 14.51
C PRO A 351 -22.03 -35.38 13.10
N SER A 352 -23.27 -34.91 12.93
CA SER A 352 -23.90 -34.94 11.62
C SER A 352 -23.39 -33.84 10.69
N ASP A 353 -22.69 -32.86 11.24
CA ASP A 353 -22.18 -31.77 10.43
C ASP A 353 -20.95 -31.15 11.07
N GLN A 354 -19.78 -31.49 10.54
CA GLN A 354 -18.50 -31.01 11.04
C GLN A 354 -17.94 -29.88 10.17
N ASN A 355 -18.75 -29.40 9.23
CA ASN A 355 -18.34 -28.33 8.33
C ASN A 355 -18.43 -26.97 8.99
N PRO A 356 -17.78 -25.96 8.40
CA PRO A 356 -17.80 -24.60 8.95
C PRO A 356 -19.22 -24.09 9.09
N ALA B 1 7.65 48.88 -21.23
CA ALA B 1 6.37 48.62 -20.50
C ALA B 1 6.55 47.50 -19.47
N ALA B 2 5.80 47.57 -18.38
CA ALA B 2 5.89 46.57 -17.33
C ALA B 2 5.31 45.23 -17.79
N ALA B 3 5.71 44.16 -17.12
CA ALA B 3 5.22 42.83 -17.43
C ALA B 3 3.71 42.81 -17.25
N ALA B 4 3.02 41.94 -17.97
CA ALA B 4 1.57 41.85 -17.86
C ALA B 4 1.23 41.34 -16.46
N LYS B 5 0.16 41.87 -15.88
CA LYS B 5 -0.26 41.45 -14.56
C LYS B 5 -1.14 40.22 -14.66
N PRO B 6 -1.29 39.48 -13.55
CA PRO B 6 -2.15 38.30 -13.66
C PRO B 6 -3.59 38.78 -13.79
N ASN B 7 -4.50 37.87 -14.13
CA ASN B 7 -5.90 38.24 -14.26
C ASN B 7 -6.70 37.43 -13.26
N ASN B 8 -7.94 37.82 -13.04
CA ASN B 8 -8.79 37.09 -12.12
C ASN B 8 -10.16 36.96 -12.76
N LEU B 9 -10.19 36.28 -13.90
CA LEU B 9 -11.43 36.04 -14.62
C LEU B 9 -12.33 35.30 -13.64
N SER B 10 -13.59 35.73 -13.54
CA SER B 10 -14.53 35.12 -12.61
C SER B 10 -15.86 34.85 -13.28
N LEU B 11 -16.57 33.82 -12.80
CA LEU B 11 -17.89 33.52 -13.35
C LEU B 11 -18.85 34.26 -12.43
N VAL B 12 -19.59 35.20 -13.01
CA VAL B 12 -20.49 36.02 -12.23
C VAL B 12 -21.95 35.99 -12.64
N VAL B 13 -22.84 36.00 -11.65
N VAL B 13 -22.84 36.00 -11.65
CA VAL B 13 -24.27 36.04 -11.90
CA VAL B 13 -24.27 36.02 -11.92
C VAL B 13 -24.74 37.45 -11.61
C VAL B 13 -24.76 37.44 -11.61
N HIS B 14 -25.32 38.11 -12.61
CA HIS B 14 -25.80 39.47 -12.45
C HIS B 14 -27.30 39.51 -12.18
N GLY B 15 -27.98 38.44 -12.56
CA GLY B 15 -29.42 38.36 -12.35
C GLY B 15 -29.92 37.12 -13.06
N PRO B 16 -31.23 36.86 -13.03
CA PRO B 16 -31.77 35.68 -13.69
C PRO B 16 -31.29 35.58 -15.14
N GLY B 17 -30.79 34.41 -15.52
CA GLY B 17 -30.31 34.20 -16.87
C GLY B 17 -29.17 35.10 -17.32
N ASP B 18 -28.54 35.82 -16.39
CA ASP B 18 -27.44 36.71 -16.75
C ASP B 18 -26.11 36.23 -16.15
N LEU B 19 -25.45 35.31 -16.86
CA LEU B 19 -24.18 34.76 -16.43
C LEU B 19 -23.05 35.38 -17.26
N ARG B 20 -22.01 35.85 -16.60
CA ARG B 20 -20.90 36.48 -17.32
C ARG B 20 -19.53 36.09 -16.80
N LEU B 21 -18.56 36.11 -17.70
CA LEU B 21 -17.17 35.84 -17.35
C LEU B 21 -16.55 37.23 -17.41
N GLU B 22 -16.07 37.70 -16.27
CA GLU B 22 -15.47 39.03 -16.22
C GLU B 22 -14.29 39.05 -15.27
N ASN B 23 -13.41 40.02 -15.46
CA ASN B 23 -12.22 40.13 -14.65
C ASN B 23 -12.45 40.88 -13.34
N TYR B 24 -11.81 40.38 -12.28
CA TYR B 24 -11.90 40.98 -10.95
C TYR B 24 -10.50 41.32 -10.48
N PRO B 25 -10.38 42.22 -9.49
CA PRO B 25 -9.06 42.59 -8.97
C PRO B 25 -8.47 41.35 -8.32
N ILE B 26 -7.16 41.32 -8.11
CA ILE B 26 -6.53 40.18 -7.46
C ILE B 26 -6.68 40.45 -5.96
N PRO B 27 -7.34 39.54 -5.23
CA PRO B 27 -7.52 39.74 -3.78
C PRO B 27 -6.19 39.81 -3.04
N GLU B 28 -6.16 40.58 -1.95
CA GLU B 28 -4.97 40.69 -1.12
C GLU B 28 -5.33 40.06 0.22
N PRO B 29 -4.61 39.00 0.62
CA PRO B 29 -4.89 38.32 1.87
C PRO B 29 -4.55 39.10 3.14
N GLY B 30 -5.46 39.07 4.10
CA GLY B 30 -5.22 39.72 5.37
C GLY B 30 -4.28 38.84 6.16
N PRO B 31 -3.93 39.21 7.40
CA PRO B 31 -3.03 38.46 8.28
C PRO B 31 -3.34 36.97 8.46
N ASN B 32 -4.61 36.62 8.50
CA ASN B 32 -4.98 35.23 8.69
C ASN B 32 -5.68 34.61 7.49
N GLU B 33 -5.38 35.15 6.31
CA GLU B 33 -5.96 34.64 5.07
C GLU B 33 -4.84 34.19 4.14
N VAL B 34 -5.22 33.41 3.14
CA VAL B 34 -4.26 32.96 2.15
C VAL B 34 -4.87 33.24 0.80
N LEU B 35 -4.02 33.51 -0.18
CA LEU B 35 -4.48 33.77 -1.53
C LEU B 35 -4.31 32.46 -2.27
N LEU B 36 -5.38 31.97 -2.88
CA LEU B 36 -5.32 30.72 -3.61
C LEU B 36 -5.41 30.88 -5.12
N ARG B 37 -4.62 30.10 -5.83
CA ARG B 37 -4.67 30.07 -7.28
C ARG B 37 -5.66 28.91 -7.44
N MET B 38 -6.90 29.24 -7.77
CA MET B 38 -7.95 28.25 -7.91
C MET B 38 -7.60 27.19 -8.95
N HIS B 39 -7.88 25.93 -8.63
CA HIS B 39 -7.59 24.85 -9.55
C HIS B 39 -8.85 24.14 -10.04
N SER B 40 -9.55 23.49 -9.13
CA SER B 40 -10.77 22.77 -9.49
C SER B 40 -11.97 23.20 -8.66
N VAL B 41 -13.09 23.45 -9.35
CA VAL B 41 -14.31 23.85 -8.68
C VAL B 41 -15.49 23.07 -9.24
N GLY B 42 -16.17 22.32 -8.38
CA GLY B 42 -17.33 21.59 -8.84
C GLY B 42 -18.53 22.51 -8.73
N ILE B 43 -19.51 22.34 -9.60
CA ILE B 43 -20.71 23.16 -9.51
C ILE B 43 -21.90 22.28 -9.13
N CYS B 44 -22.93 22.88 -8.55
CA CYS B 44 -24.10 22.13 -8.17
C CYS B 44 -25.37 22.94 -8.39
N GLY B 45 -26.51 22.33 -8.04
CA GLY B 45 -27.79 22.99 -8.22
C GLY B 45 -27.86 24.40 -7.68
N SER B 46 -27.19 24.65 -6.56
N SER B 46 -27.20 24.65 -6.57
CA SER B 46 -27.22 25.99 -5.95
CA SER B 46 -27.20 25.97 -5.95
C SER B 46 -26.67 27.05 -6.90
C SER B 46 -26.67 27.04 -6.90
N ASP B 47 -25.52 26.77 -7.51
CA ASP B 47 -24.92 27.72 -8.45
C ASP B 47 -25.86 27.94 -9.63
N VAL B 48 -26.32 26.83 -10.21
CA VAL B 48 -27.23 26.89 -11.35
C VAL B 48 -28.54 27.59 -11.02
N HIS B 49 -29.04 27.41 -9.80
CA HIS B 49 -30.29 28.03 -9.41
C HIS B 49 -30.13 29.54 -9.28
N TYR B 50 -28.98 29.98 -8.77
CA TYR B 50 -28.73 31.41 -8.64
C TYR B 50 -28.66 32.03 -10.03
N TRP B 51 -28.13 31.27 -10.98
CA TRP B 51 -28.02 31.73 -12.36
C TRP B 51 -29.41 31.86 -12.99
N GLU B 52 -30.21 30.82 -12.86
CA GLU B 52 -31.55 30.80 -13.45
C GLU B 52 -32.57 31.70 -12.78
N TYR B 53 -32.59 31.71 -11.45
CA TYR B 53 -33.58 32.51 -10.73
C TYR B 53 -33.02 33.70 -9.96
N GLY B 54 -31.70 33.86 -9.96
CA GLY B 54 -31.08 34.96 -9.26
C GLY B 54 -31.31 34.92 -7.76
N ARG B 55 -31.74 33.77 -7.26
CA ARG B 55 -31.99 33.60 -5.84
C ARG B 55 -32.32 32.17 -5.46
N ILE B 56 -32.34 31.92 -4.16
CA ILE B 56 -32.68 30.62 -3.59
C ILE B 56 -33.31 30.93 -2.23
N GLY B 57 -34.63 31.04 -2.22
CA GLY B 57 -35.32 31.36 -0.98
C GLY B 57 -35.05 32.81 -0.60
N ASN B 58 -34.67 33.04 0.65
CA ASN B 58 -34.39 34.38 1.14
C ASN B 58 -33.00 34.82 0.67
N PHE B 59 -32.26 33.89 0.07
CA PHE B 59 -30.92 34.19 -0.44
C PHE B 59 -31.06 34.76 -1.85
N ILE B 60 -30.96 36.08 -1.96
CA ILE B 60 -31.11 36.72 -3.26
C ILE B 60 -29.91 37.56 -3.68
N VAL B 61 -29.50 37.37 -4.94
CA VAL B 61 -28.39 38.12 -5.51
C VAL B 61 -28.86 39.54 -5.74
N LYS B 62 -28.43 40.46 -4.88
CA LYS B 62 -28.82 41.86 -4.99
C LYS B 62 -27.79 42.68 -5.74
N LYS B 63 -26.62 42.09 -5.93
CA LYS B 63 -25.52 42.70 -6.67
C LYS B 63 -24.78 41.52 -7.31
N PRO B 64 -24.09 41.74 -8.44
CA PRO B 64 -23.37 40.66 -9.10
C PRO B 64 -22.60 39.77 -8.11
N MET B 65 -22.73 38.46 -8.27
CA MET B 65 -22.07 37.52 -7.37
C MET B 65 -21.26 36.45 -8.10
N VAL B 66 -20.04 36.24 -7.63
CA VAL B 66 -19.16 35.21 -8.21
C VAL B 66 -19.68 33.88 -7.68
N LEU B 67 -19.87 32.91 -8.58
CA LEU B 67 -20.37 31.59 -8.18
C LEU B 67 -19.21 30.69 -7.74
N GLY B 68 -19.54 29.45 -7.39
CA GLY B 68 -18.54 28.48 -6.98
C GLY B 68 -18.29 28.38 -5.48
N HIS B 69 -18.31 27.15 -4.96
CA HIS B 69 -18.08 26.93 -3.53
C HIS B 69 -17.58 25.52 -3.20
N GLU B 70 -17.35 24.69 -4.22
CA GLU B 70 -16.86 23.33 -4.00
C GLU B 70 -15.49 23.33 -4.66
N ALA B 71 -14.47 23.78 -3.95
CA ALA B 71 -13.18 23.88 -4.61
C ALA B 71 -11.90 23.53 -3.86
N SER B 72 -10.82 23.54 -4.64
CA SER B 72 -9.47 23.29 -4.16
C SER B 72 -8.57 24.19 -5.00
N GLY B 73 -7.35 24.42 -4.52
CA GLY B 73 -6.44 25.26 -5.25
C GLY B 73 -5.05 25.17 -4.67
N THR B 74 -4.17 26.07 -5.11
CA THR B 74 -2.81 26.09 -4.63
C THR B 74 -2.56 27.42 -3.92
N VAL B 75 -1.92 27.36 -2.76
CA VAL B 75 -1.63 28.57 -2.02
C VAL B 75 -0.62 29.40 -2.82
N GLU B 76 -1.01 30.62 -3.16
CA GLU B 76 -0.16 31.52 -3.92
C GLU B 76 0.61 32.43 -2.97
N LYS B 77 -0.09 32.93 -1.95
CA LYS B 77 0.52 33.83 -0.97
C LYS B 77 -0.16 33.65 0.40
N VAL B 78 0.57 33.86 1.48
CA VAL B 78 -0.01 33.72 2.82
C VAL B 78 0.06 35.00 3.64
N GLY B 79 -0.93 35.22 4.48
CA GLY B 79 -0.97 36.40 5.32
C GLY B 79 0.12 36.34 6.39
N SER B 80 0.47 37.50 6.94
CA SER B 80 1.52 37.60 7.94
C SER B 80 1.36 36.72 9.19
N SER B 81 0.14 36.28 9.48
CA SER B 81 -0.07 35.44 10.65
C SER B 81 -0.27 33.96 10.34
N VAL B 82 -0.34 33.62 9.06
CA VAL B 82 -0.54 32.23 8.65
C VAL B 82 0.72 31.39 8.90
N LYS B 83 0.56 30.29 9.63
CA LYS B 83 1.70 29.44 9.96
C LYS B 83 1.62 28.00 9.45
N HIS B 84 0.42 27.48 9.27
CA HIS B 84 0.25 26.09 8.82
C HIS B 84 0.21 25.88 7.31
N LEU B 85 0.24 26.96 6.54
CA LEU B 85 0.22 26.86 5.08
C LEU B 85 1.32 27.72 4.50
N LYS B 86 1.80 27.34 3.32
CA LYS B 86 2.86 28.09 2.65
C LYS B 86 2.62 28.08 1.14
N PRO B 87 3.25 29.01 0.41
CA PRO B 87 3.06 29.03 -1.04
C PRO B 87 3.35 27.65 -1.62
N GLY B 88 2.55 27.24 -2.59
CA GLY B 88 2.76 25.94 -3.20
C GLY B 88 1.90 24.84 -2.62
N ASP B 89 1.40 25.02 -1.41
CA ASP B 89 0.56 24.00 -0.79
C ASP B 89 -0.75 23.80 -1.54
N ARG B 90 -1.08 22.53 -1.81
CA ARG B 90 -2.33 22.20 -2.49
C ARG B 90 -3.36 22.12 -1.36
N VAL B 91 -4.47 22.84 -1.50
CA VAL B 91 -5.45 22.84 -0.43
C VAL B 91 -6.91 22.68 -0.86
N ALA B 92 -7.71 22.15 0.05
CA ALA B 92 -9.14 21.99 -0.17
C ALA B 92 -9.73 23.18 0.60
N ILE B 93 -10.71 23.83 0.00
CA ILE B 93 -11.32 25.01 0.61
C ILE B 93 -12.70 24.75 1.19
N GLU B 94 -12.85 24.95 2.50
CA GLU B 94 -14.15 24.79 3.14
C GLU B 94 -14.77 26.18 3.00
N PRO B 95 -15.86 26.30 2.21
CA PRO B 95 -16.57 27.56 1.94
C PRO B 95 -17.18 28.35 3.07
N GLY B 96 -17.60 27.68 4.14
CA GLY B 96 -18.21 28.38 5.25
C GLY B 96 -17.18 28.73 6.31
N ALA B 97 -16.88 30.02 6.43
CA ALA B 97 -15.91 30.49 7.41
C ALA B 97 -16.59 31.51 8.32
N PRO B 98 -16.65 31.21 9.62
CA PRO B 98 -17.28 32.11 10.61
C PRO B 98 -16.59 33.47 10.65
N ARG B 99 -17.38 34.53 10.75
CA ARG B 99 -16.83 35.87 10.86
C ARG B 99 -16.55 36.22 12.32
N GLU B 100 -17.28 35.59 13.23
CA GLU B 100 -17.07 35.86 14.65
C GLU B 100 -17.19 34.61 15.50
N ASN B 101 -16.42 34.57 16.57
CA ASN B 101 -16.42 33.43 17.47
C ASN B 101 -17.62 33.50 18.42
N ASP B 102 -18.82 33.27 17.89
CA ASP B 102 -20.04 33.32 18.70
C ASP B 102 -20.25 32.00 19.43
N GLU B 103 -21.38 31.88 20.13
N GLU B 103 -21.39 31.90 20.12
CA GLU B 103 -21.66 30.67 20.89
CA GLU B 103 -21.74 30.70 20.88
C GLU B 103 -21.77 29.42 20.03
C GLU B 103 -21.75 29.43 20.02
N PHE B 104 -22.23 29.56 18.79
CA PHE B 104 -22.32 28.41 17.88
C PHE B 104 -20.93 27.89 17.56
N CYS B 105 -19.98 28.80 17.32
CA CYS B 105 -18.62 28.39 17.03
C CYS B 105 -17.99 27.74 18.26
N LYS B 106 -18.13 28.40 19.41
CA LYS B 106 -17.55 27.89 20.64
C LYS B 106 -18.11 26.53 21.02
N MET B 107 -19.39 26.29 20.74
N MET B 107 -19.39 26.29 20.74
CA MET B 107 -20.03 25.01 21.07
CA MET B 107 -20.00 25.02 21.08
C MET B 107 -19.69 23.90 20.07
C MET B 107 -19.74 23.92 20.04
N GLY B 108 -18.97 24.25 19.01
CA GLY B 108 -18.61 23.26 18.00
C GLY B 108 -19.54 23.11 16.82
N ARG B 109 -20.45 24.05 16.64
CA ARG B 109 -21.39 23.98 15.52
C ARG B 109 -21.34 25.29 14.74
N TYR B 110 -20.16 25.63 14.25
CA TYR B 110 -19.96 26.88 13.53
C TYR B 110 -20.82 27.04 12.28
N ASN B 111 -21.31 25.92 11.74
CA ASN B 111 -22.14 25.97 10.54
C ASN B 111 -23.43 26.75 10.81
N LEU B 112 -23.79 26.85 12.09
CA LEU B 112 -25.01 27.55 12.47
C LEU B 112 -24.76 29.02 12.84
N SER B 113 -23.51 29.46 12.78
CA SER B 113 -23.19 30.85 13.10
C SER B 113 -23.95 31.73 12.10
N PRO B 114 -24.86 32.59 12.60
CA PRO B 114 -25.66 33.49 11.76
C PRO B 114 -24.89 34.39 10.81
N SER B 115 -23.72 34.86 11.23
CA SER B 115 -22.92 35.76 10.40
C SER B 115 -21.82 35.06 9.62
N ILE B 116 -21.95 33.75 9.43
CA ILE B 116 -20.93 33.00 8.71
C ILE B 116 -20.81 33.44 7.25
N PHE B 117 -19.58 33.46 6.75
CA PHE B 117 -19.31 33.79 5.36
C PHE B 117 -19.43 32.47 4.60
N PHE B 118 -20.06 32.49 3.43
CA PHE B 118 -20.18 31.25 2.64
C PHE B 118 -20.13 31.52 1.14
N CYS B 119 -19.11 30.98 0.50
CA CYS B 119 -18.90 31.13 -0.94
C CYS B 119 -20.14 30.91 -1.80
N ALA B 120 -20.41 31.89 -2.66
CA ALA B 120 -21.52 31.81 -3.60
C ALA B 120 -22.94 31.82 -3.05
N THR B 121 -23.10 32.29 -1.81
CA THR B 121 -24.44 32.43 -1.24
C THR B 121 -24.50 33.93 -1.01
N PRO B 122 -25.32 34.64 -1.80
CA PRO B 122 -25.41 36.09 -1.64
C PRO B 122 -25.47 36.53 -0.18
N PRO B 123 -24.75 37.62 0.16
CA PRO B 123 -23.91 38.44 -0.72
C PRO B 123 -22.42 38.04 -0.80
N ASP B 124 -22.07 36.83 -0.37
CA ASP B 124 -20.68 36.42 -0.40
C ASP B 124 -20.23 35.82 -1.72
N ASP B 125 -19.20 36.42 -2.32
CA ASP B 125 -18.68 35.94 -3.61
C ASP B 125 -18.03 34.57 -3.49
N GLY B 126 -18.25 33.74 -4.51
CA GLY B 126 -17.71 32.40 -4.54
C GLY B 126 -16.29 32.32 -5.07
N ASN B 127 -15.83 31.11 -5.38
CA ASN B 127 -14.46 30.94 -5.84
C ASN B 127 -14.27 30.41 -7.26
N LEU B 128 -15.25 30.62 -8.13
CA LEU B 128 -15.12 30.19 -9.52
C LEU B 128 -14.39 31.34 -10.22
N CYS B 129 -13.07 31.39 -10.03
CA CYS B 129 -12.24 32.44 -10.59
C CYS B 129 -10.79 31.97 -10.55
N ARG B 130 -9.86 32.87 -10.89
CA ARG B 130 -8.44 32.53 -10.89
C ARG B 130 -7.79 32.60 -9.52
N PHE B 131 -7.99 33.73 -8.85
CA PHE B 131 -7.41 33.94 -7.53
C PHE B 131 -8.50 34.26 -6.52
N TYR B 132 -8.41 33.62 -5.37
CA TYR B 132 -9.41 33.75 -4.31
C TYR B 132 -8.74 33.73 -2.94
N LYS B 133 -9.15 34.63 -2.04
CA LYS B 133 -8.57 34.62 -0.70
C LYS B 133 -9.59 34.01 0.26
N HIS B 134 -9.09 33.37 1.31
CA HIS B 134 -9.98 32.70 2.25
C HIS B 134 -9.31 32.61 3.61
N ASN B 135 -10.11 32.47 4.66
CA ASN B 135 -9.57 32.34 6.00
C ASN B 135 -8.69 31.09 6.00
N ALA B 136 -7.44 31.25 6.42
CA ALA B 136 -6.48 30.15 6.43
C ALA B 136 -6.90 28.94 7.24
N ALA B 137 -7.67 29.16 8.30
CA ALA B 137 -8.11 28.05 9.13
C ALA B 137 -9.04 27.12 8.34
N PHE B 138 -9.63 27.63 7.28
CA PHE B 138 -10.54 26.82 6.49
C PHE B 138 -10.03 26.38 5.12
N CYS B 139 -8.70 26.28 5.02
CA CYS B 139 -8.03 25.80 3.83
C CYS B 139 -7.22 24.64 4.40
N TYR B 140 -7.47 23.45 3.89
CA TYR B 140 -6.79 22.26 4.40
C TYR B 140 -5.85 21.67 3.38
N LYS B 141 -4.61 21.44 3.80
N LYS B 141 -4.60 21.45 3.79
CA LYS B 141 -3.61 20.86 2.91
CA LYS B 141 -3.62 20.89 2.89
C LYS B 141 -4.02 19.47 2.45
C LYS B 141 -3.99 19.47 2.45
N LEU B 142 -3.85 19.22 1.16
CA LEU B 142 -4.19 17.92 0.59
C LEU B 142 -2.95 17.04 0.52
N PRO B 143 -3.09 15.75 0.89
CA PRO B 143 -1.94 14.85 0.83
C PRO B 143 -1.58 14.70 -0.64
N ASP B 144 -0.35 14.30 -0.93
CA ASP B 144 0.08 14.14 -2.32
C ASP B 144 -0.74 13.12 -3.09
N ASN B 145 -1.26 12.11 -2.40
CA ASN B 145 -2.05 11.08 -3.07
C ASN B 145 -3.54 11.39 -3.17
N VAL B 146 -3.89 12.67 -3.02
CA VAL B 146 -5.27 13.11 -3.15
C VAL B 146 -5.29 14.20 -4.22
N THR B 147 -6.11 14.03 -5.24
CA THR B 147 -6.17 14.99 -6.33
C THR B 147 -6.94 16.27 -6.03
N PHE B 148 -6.77 17.27 -6.90
CA PHE B 148 -7.47 18.53 -6.74
C PHE B 148 -8.97 18.31 -6.85
N GLU B 149 -9.40 17.49 -7.80
CA GLU B 149 -10.83 17.24 -7.95
C GLU B 149 -11.38 16.52 -6.73
N GLU B 150 -10.59 15.65 -6.13
CA GLU B 150 -11.04 14.97 -4.92
C GLU B 150 -11.19 16.05 -3.85
N GLY B 151 -10.23 16.98 -3.81
CA GLY B 151 -10.28 18.05 -2.84
C GLY B 151 -11.54 18.89 -3.03
N ALA B 152 -11.93 19.10 -4.27
CA ALA B 152 -13.13 19.88 -4.57
C ALA B 152 -14.38 19.08 -4.21
N LEU B 153 -14.31 17.75 -4.37
CA LEU B 153 -15.44 16.89 -4.06
C LEU B 153 -15.67 16.75 -2.56
N ILE B 154 -14.75 17.26 -1.75
CA ILE B 154 -14.90 17.18 -0.30
C ILE B 154 -16.12 17.99 0.14
N GLU B 155 -16.45 19.04 -0.60
CA GLU B 155 -17.58 19.88 -0.25
C GLU B 155 -18.87 19.05 -0.31
N PRO B 156 -19.18 18.42 -1.47
CA PRO B 156 -20.42 17.63 -1.46
C PRO B 156 -20.31 16.41 -0.54
N LEU B 157 -19.12 15.81 -0.46
CA LEU B 157 -18.92 14.65 0.40
C LEU B 157 -19.24 15.01 1.84
N SER B 158 -18.87 16.22 2.24
CA SER B 158 -19.10 16.70 3.61
C SER B 158 -20.59 16.79 3.96
N VAL B 159 -21.43 17.01 2.96
CA VAL B 159 -22.87 17.07 3.21
C VAL B 159 -23.28 15.65 3.61
N GLY B 160 -22.72 14.67 2.90
CA GLY B 160 -23.01 13.28 3.21
C GLY B 160 -22.46 12.89 4.57
N ILE B 161 -21.26 13.38 4.89
CA ILE B 161 -20.64 13.07 6.18
C ILE B 161 -21.47 13.68 7.31
N HIS B 162 -21.81 14.96 7.16
CA HIS B 162 -22.59 15.65 8.18
C HIS B 162 -23.96 14.98 8.32
N ALA B 163 -24.58 14.66 7.19
CA ALA B 163 -25.90 14.02 7.21
C ALA B 163 -25.90 12.68 7.95
N CYS B 164 -24.88 11.85 7.70
CA CYS B 164 -24.80 10.55 8.35
C CYS B 164 -24.49 10.70 9.83
N ARG B 165 -23.71 11.72 10.19
CA ARG B 165 -23.40 11.94 11.60
C ARG B 165 -24.70 12.33 12.30
N ARG B 166 -25.41 13.31 11.73
CA ARG B 166 -26.66 13.78 12.30
C ARG B 166 -27.68 12.64 12.40
N GLY B 167 -27.60 11.68 11.49
CA GLY B 167 -28.52 10.56 11.51
C GLY B 167 -28.11 9.43 12.44
N GLY B 168 -26.87 9.48 12.91
CA GLY B 168 -26.39 8.44 13.81
C GLY B 168 -26.06 7.14 13.07
N VAL B 169 -25.83 7.22 11.77
CA VAL B 169 -25.51 6.03 10.99
C VAL B 169 -24.31 5.35 11.61
N THR B 170 -24.41 4.04 11.82
CA THR B 170 -23.28 3.34 12.39
C THR B 170 -23.23 1.87 11.96
N LEU B 171 -22.31 1.13 12.55
CA LEU B 171 -22.09 -0.28 12.23
C LEU B 171 -23.33 -1.17 12.16
N GLY B 172 -23.51 -1.82 11.01
CA GLY B 172 -24.65 -2.73 10.85
C GLY B 172 -26.00 -2.14 10.48
N HIS B 173 -26.09 -0.82 10.42
CA HIS B 173 -27.35 -0.17 10.10
C HIS B 173 -27.89 -0.44 8.69
N LYS B 174 -29.21 -0.40 8.60
CA LYS B 174 -29.90 -0.55 7.33
C LYS B 174 -30.30 0.90 7.11
N VAL B 175 -29.80 1.50 6.03
CA VAL B 175 -30.06 2.91 5.75
C VAL B 175 -30.80 3.12 4.44
N LEU B 176 -31.80 4.01 4.49
CA LEU B 176 -32.55 4.35 3.29
C LEU B 176 -32.10 5.73 2.85
N VAL B 177 -31.67 5.84 1.59
CA VAL B 177 -31.28 7.14 1.06
C VAL B 177 -32.26 7.48 -0.05
N CYS B 178 -33.03 8.54 0.15
CA CYS B 178 -34.01 8.97 -0.85
C CYS B 178 -33.35 9.95 -1.80
N GLY B 179 -33.24 9.57 -3.06
CA GLY B 179 -32.62 10.43 -4.05
C GLY B 179 -31.24 9.91 -4.45
N ALA B 180 -31.00 9.84 -5.75
CA ALA B 180 -29.72 9.35 -6.26
C ALA B 180 -28.94 10.45 -6.96
N GLY B 181 -29.18 11.69 -6.53
CA GLY B 181 -28.46 12.82 -7.10
C GLY B 181 -27.07 12.77 -6.46
N PRO B 182 -26.18 13.72 -6.77
CA PRO B 182 -24.85 13.69 -6.17
C PRO B 182 -24.86 13.67 -4.64
N ILE B 183 -25.86 14.30 -4.03
CA ILE B 183 -25.95 14.33 -2.57
C ILE B 183 -26.36 12.95 -2.05
N GLY B 184 -27.32 12.33 -2.72
CA GLY B 184 -27.73 11.00 -2.30
C GLY B 184 -26.60 10.01 -2.48
N MET B 185 -25.78 10.24 -3.51
N MET B 185 -25.78 10.24 -3.51
CA MET B 185 -24.65 9.36 -3.81
CA MET B 185 -24.65 9.34 -3.77
C MET B 185 -23.53 9.45 -2.78
C MET B 185 -23.54 9.44 -2.74
N VAL B 186 -23.16 10.67 -2.38
CA VAL B 186 -22.10 10.83 -1.38
C VAL B 186 -22.62 10.30 -0.05
N THR B 187 -23.92 10.46 0.20
CA THR B 187 -24.50 9.96 1.44
C THR B 187 -24.33 8.43 1.45
N LEU B 188 -24.62 7.81 0.31
CA LEU B 188 -24.48 6.37 0.14
C LEU B 188 -23.03 5.96 0.43
N LEU B 189 -22.09 6.66 -0.19
CA LEU B 189 -20.68 6.35 0.00
C LEU B 189 -20.29 6.45 1.47
N VAL B 190 -20.75 7.50 2.13
CA VAL B 190 -20.43 7.70 3.54
C VAL B 190 -21.08 6.62 4.42
N ALA B 191 -22.35 6.34 4.19
CA ALA B 191 -23.06 5.33 4.97
C ALA B 191 -22.34 3.98 4.93
N LYS B 192 -21.90 3.58 3.73
CA LYS B 192 -21.18 2.33 3.57
C LYS B 192 -19.82 2.40 4.29
N ALA B 193 -19.13 3.53 4.13
CA ALA B 193 -17.84 3.71 4.79
C ALA B 193 -17.98 3.69 6.30
N MET B 194 -19.15 4.09 6.80
CA MET B 194 -19.38 4.09 8.25
C MET B 194 -19.82 2.74 8.79
N GLY B 195 -19.99 1.77 7.89
CA GLY B 195 -20.38 0.43 8.31
C GLY B 195 -21.81 0.02 8.11
N ALA B 196 -22.60 0.80 7.38
CA ALA B 196 -23.98 0.42 7.16
C ALA B 196 -23.94 -0.94 6.46
N ALA B 197 -24.76 -1.87 6.92
CA ALA B 197 -24.82 -3.22 6.37
C ALA B 197 -25.51 -3.21 5.02
N GLN B 198 -26.59 -2.43 4.91
CA GLN B 198 -27.32 -2.33 3.66
C GLN B 198 -27.83 -0.92 3.47
N VAL B 199 -27.62 -0.39 2.26
CA VAL B 199 -28.10 0.93 1.93
C VAL B 199 -29.05 0.79 0.75
N VAL B 200 -30.26 1.28 0.91
CA VAL B 200 -31.26 1.23 -0.16
C VAL B 200 -31.39 2.65 -0.69
N VAL B 201 -31.30 2.81 -2.01
CA VAL B 201 -31.41 4.13 -2.61
C VAL B 201 -32.63 4.20 -3.52
N THR B 202 -33.38 5.29 -3.42
CA THR B 202 -34.55 5.47 -4.26
C THR B 202 -34.33 6.67 -5.19
N ASP B 203 -35.08 6.71 -6.28
CA ASP B 203 -34.97 7.80 -7.24
C ASP B 203 -36.00 7.60 -8.34
N LEU B 204 -36.26 8.65 -9.09
CA LEU B 204 -37.21 8.58 -10.19
C LEU B 204 -36.50 8.07 -11.43
N SER B 205 -35.18 8.21 -11.43
CA SER B 205 -34.36 7.81 -12.57
C SER B 205 -33.66 6.47 -12.43
N ALA B 206 -33.96 5.56 -13.36
CA ALA B 206 -33.34 4.25 -13.36
C ALA B 206 -31.85 4.44 -13.63
N THR B 207 -31.54 5.42 -14.48
CA THR B 207 -30.17 5.73 -14.83
C THR B 207 -29.33 6.07 -13.60
N ARG B 208 -29.86 6.95 -12.77
CA ARG B 208 -29.14 7.34 -11.56
C ARG B 208 -29.05 6.19 -10.58
N LEU B 209 -30.06 5.33 -10.57
CA LEU B 209 -30.06 4.17 -9.68
C LEU B 209 -29.00 3.17 -10.10
N SER B 210 -28.83 3.03 -11.41
CA SER B 210 -27.83 2.10 -11.93
C SER B 210 -26.45 2.61 -11.54
N LYS B 211 -26.28 3.93 -11.55
CA LYS B 211 -25.01 4.53 -11.18
C LYS B 211 -24.79 4.27 -9.69
N ALA B 212 -25.87 4.39 -8.92
CA ALA B 212 -25.82 4.16 -7.48
C ALA B 212 -25.35 2.74 -7.20
N LYS B 213 -25.92 1.79 -7.95
CA LYS B 213 -25.53 0.39 -7.80
C LYS B 213 -24.03 0.25 -8.01
N GLU B 214 -23.54 0.88 -9.07
CA GLU B 214 -22.12 0.83 -9.42
C GLU B 214 -21.18 1.23 -8.29
N ILE B 215 -21.57 2.20 -7.48
CA ILE B 215 -20.69 2.64 -6.41
C ILE B 215 -20.97 2.09 -5.02
N GLY B 216 -21.87 1.12 -4.91
CA GLY B 216 -22.13 0.54 -3.60
C GLY B 216 -23.54 0.33 -3.11
N ALA B 217 -24.54 0.94 -3.77
CA ALA B 217 -25.91 0.77 -3.33
C ALA B 217 -26.23 -0.72 -3.32
N ASP B 218 -26.65 -1.23 -2.16
CA ASP B 218 -26.98 -2.65 -2.03
C ASP B 218 -28.33 -2.94 -2.66
N LEU B 219 -29.22 -1.97 -2.56
CA LEU B 219 -30.57 -2.12 -3.10
C LEU B 219 -31.01 -0.78 -3.68
N VAL B 220 -31.82 -0.84 -4.73
CA VAL B 220 -32.33 0.38 -5.34
C VAL B 220 -33.80 0.23 -5.61
N LEU B 221 -34.51 1.35 -5.61
CA LEU B 221 -35.94 1.34 -5.84
C LEU B 221 -36.31 2.53 -6.72
N GLN B 222 -36.74 2.26 -7.94
CA GLN B 222 -37.13 3.34 -8.82
C GLN B 222 -38.56 3.72 -8.45
N ILE B 223 -38.76 5.00 -8.15
CA ILE B 223 -40.08 5.49 -7.77
C ILE B 223 -40.86 5.97 -8.97
N SER B 224 -42.07 5.45 -9.14
CA SER B 224 -42.92 5.85 -10.25
C SER B 224 -44.11 6.62 -9.70
N LYS B 225 -45.19 5.91 -9.38
CA LYS B 225 -46.38 6.57 -8.86
C LYS B 225 -46.91 5.97 -7.57
N GLU B 226 -46.06 5.26 -6.84
CA GLU B 226 -46.49 4.65 -5.59
C GLU B 226 -46.69 5.75 -4.55
N SER B 227 -47.49 5.46 -3.53
CA SER B 227 -47.74 6.43 -2.48
C SER B 227 -46.65 6.29 -1.42
N PRO B 228 -46.51 7.28 -0.53
CA PRO B 228 -45.47 7.22 0.50
C PRO B 228 -45.53 5.92 1.30
N GLN B 229 -46.74 5.50 1.66
CA GLN B 229 -46.92 4.28 2.42
C GLN B 229 -46.46 3.07 1.62
N GLU B 230 -46.76 3.09 0.32
CA GLU B 230 -46.37 1.99 -0.57
C GLU B 230 -44.85 1.94 -0.67
N ILE B 231 -44.22 3.12 -0.77
CA ILE B 231 -42.76 3.19 -0.85
C ILE B 231 -42.18 2.58 0.42
N ALA B 232 -42.70 3.02 1.57
CA ALA B 232 -42.23 2.51 2.85
C ALA B 232 -42.35 0.98 2.89
N ARG B 233 -43.47 0.47 2.38
CA ARG B 233 -43.69 -0.97 2.34
C ARG B 233 -42.67 -1.69 1.46
N LYS B 234 -42.42 -1.14 0.27
CA LYS B 234 -41.46 -1.75 -0.65
C LYS B 234 -40.04 -1.73 -0.07
N VAL B 235 -39.68 -0.62 0.56
CA VAL B 235 -38.37 -0.49 1.17
C VAL B 235 -38.19 -1.55 2.25
N GLU B 236 -39.20 -1.69 3.11
CA GLU B 236 -39.15 -2.67 4.18
C GLU B 236 -39.14 -4.08 3.62
N GLY B 237 -39.90 -4.30 2.55
CA GLY B 237 -39.94 -5.62 1.94
C GLY B 237 -38.57 -5.99 1.42
N GLN B 238 -37.89 -5.02 0.83
CA GLN B 238 -36.56 -5.24 0.28
C GLN B 238 -35.50 -5.46 1.35
N LEU B 239 -35.62 -4.76 2.48
CA LEU B 239 -34.65 -4.89 3.56
C LEU B 239 -35.00 -6.03 4.51
N GLY B 240 -36.26 -6.43 4.49
CA GLY B 240 -36.69 -7.49 5.39
C GLY B 240 -36.89 -6.88 6.76
N CYS B 241 -36.83 -5.55 6.82
CA CYS B 241 -36.99 -4.81 8.07
C CYS B 241 -37.04 -3.32 7.77
N LYS B 242 -37.27 -2.52 8.80
CA LYS B 242 -37.31 -1.07 8.65
C LYS B 242 -35.91 -0.49 8.89
N PRO B 243 -35.48 0.45 8.03
CA PRO B 243 -34.16 1.06 8.19
C PRO B 243 -34.08 1.91 9.46
N GLU B 244 -32.98 1.81 10.19
CA GLU B 244 -32.82 2.59 11.41
C GLU B 244 -32.60 4.06 11.10
N VAL B 245 -32.17 4.34 9.87
CA VAL B 245 -31.91 5.72 9.47
C VAL B 245 -32.33 5.98 8.03
N THR B 246 -33.01 7.10 7.81
CA THR B 246 -33.40 7.49 6.47
C THR B 246 -32.81 8.87 6.24
N ILE B 247 -32.14 9.05 5.12
CA ILE B 247 -31.54 10.34 4.79
C ILE B 247 -32.23 10.83 3.53
N GLU B 248 -33.08 11.83 3.71
CA GLU B 248 -33.87 12.42 2.63
C GLU B 248 -33.07 13.44 1.82
N CYS B 249 -32.76 13.09 0.58
CA CYS B 249 -31.98 13.96 -0.28
C CYS B 249 -32.70 14.41 -1.55
N THR B 250 -34.00 14.67 -1.45
CA THR B 250 -34.76 15.11 -2.62
C THR B 250 -35.50 16.40 -2.32
N GLY B 251 -35.92 16.56 -1.06
CA GLY B 251 -36.66 17.74 -0.68
C GLY B 251 -38.13 17.63 -1.07
N ALA B 252 -38.49 16.49 -1.66
CA ALA B 252 -39.86 16.25 -2.08
C ALA B 252 -40.74 15.80 -0.91
N GLU B 253 -41.89 16.44 -0.77
CA GLU B 253 -42.81 16.12 0.31
C GLU B 253 -43.17 14.63 0.40
N ALA B 254 -43.50 14.04 -0.75
CA ALA B 254 -43.87 12.62 -0.77
C ALA B 254 -42.76 11.73 -0.22
N SER B 255 -41.51 12.07 -0.55
CA SER B 255 -40.37 11.31 -0.08
C SER B 255 -40.21 11.46 1.43
N ILE B 256 -40.42 12.68 1.92
CA ILE B 256 -40.31 12.93 3.35
C ILE B 256 -41.35 12.08 4.08
N GLN B 257 -42.57 12.07 3.57
CA GLN B 257 -43.62 11.28 4.19
C GLN B 257 -43.21 9.81 4.16
N ALA B 258 -42.65 9.38 3.04
CA ALA B 258 -42.20 8.01 2.90
C ALA B 258 -41.12 7.69 3.95
N GLY B 259 -40.22 8.63 4.17
CA GLY B 259 -39.18 8.44 5.16
C GLY B 259 -39.77 8.26 6.54
N ILE B 260 -40.80 9.03 6.85
CA ILE B 260 -41.45 8.92 8.17
C ILE B 260 -42.08 7.53 8.34
N TYR B 261 -42.81 7.09 7.32
CA TYR B 261 -43.46 5.79 7.37
C TYR B 261 -42.48 4.61 7.36
N ALA B 262 -41.34 4.78 6.70
CA ALA B 262 -40.36 3.70 6.59
C ALA B 262 -39.37 3.52 7.74
N THR B 263 -38.97 4.61 8.39
CA THR B 263 -38.00 4.53 9.46
C THR B 263 -38.43 3.75 10.70
N ARG B 264 -37.51 2.93 11.20
CA ARG B 264 -37.77 2.11 12.38
C ARG B 264 -38.01 3.00 13.59
N SER B 265 -38.85 2.54 14.52
CA SER B 265 -39.14 3.31 15.72
C SER B 265 -37.85 3.55 16.47
N GLY B 266 -37.69 4.76 16.99
CA GLY B 266 -36.48 5.09 17.72
C GLY B 266 -35.39 5.47 16.76
N GLY B 267 -35.69 5.43 15.45
CA GLY B 267 -34.70 5.78 14.45
C GLY B 267 -34.60 7.26 14.13
N THR B 268 -33.93 7.60 13.04
CA THR B 268 -33.77 9.00 12.65
C THR B 268 -33.98 9.27 11.16
N LEU B 269 -34.74 10.31 10.87
CA LEU B 269 -34.99 10.76 9.51
C LEU B 269 -34.23 12.08 9.37
N VAL B 270 -33.22 12.08 8.51
CA VAL B 270 -32.42 13.27 8.29
C VAL B 270 -32.92 13.99 7.03
N LEU B 271 -33.21 15.28 7.18
CA LEU B 271 -33.69 16.07 6.05
C LEU B 271 -32.57 16.90 5.44
N VAL B 272 -32.11 16.50 4.26
CA VAL B 272 -31.04 17.19 3.57
C VAL B 272 -31.59 18.00 2.41
N GLY B 273 -32.45 17.40 1.60
CA GLY B 273 -33.02 18.11 0.47
C GLY B 273 -33.83 19.31 0.89
N LEU B 274 -33.84 20.36 0.07
CA LEU B 274 -34.62 21.54 0.36
C LEU B 274 -35.90 21.52 -0.47
N GLY B 275 -37.03 21.66 0.20
CA GLY B 275 -38.30 21.67 -0.50
C GLY B 275 -38.90 23.05 -0.39
N SER B 276 -40.22 23.12 -0.23
CA SER B 276 -40.90 24.38 -0.09
C SER B 276 -40.98 24.78 1.38
N GLU B 277 -41.28 26.06 1.64
CA GLU B 277 -41.37 26.56 3.01
C GLU B 277 -42.19 25.66 3.91
N MET B 278 -43.37 25.27 3.45
CA MET B 278 -44.25 24.42 4.24
C MET B 278 -44.31 23.00 3.69
N THR B 279 -44.49 22.04 4.59
CA THR B 279 -44.57 20.64 4.22
C THR B 279 -45.65 19.97 5.05
N THR B 280 -46.53 19.23 4.39
CA THR B 280 -47.59 18.51 5.10
C THR B 280 -47.07 17.10 5.31
N VAL B 281 -46.91 16.71 6.57
CA VAL B 281 -46.38 15.39 6.88
C VAL B 281 -47.04 14.75 8.08
N PRO B 282 -46.94 13.43 8.20
CA PRO B 282 -47.52 12.71 9.32
C PRO B 282 -46.61 12.80 10.55
N LEU B 283 -46.50 14.01 11.12
CA LEU B 283 -45.67 14.21 12.30
C LEU B 283 -46.06 13.27 13.43
N LEU B 284 -47.35 13.12 13.63
CA LEU B 284 -47.87 12.25 14.67
C LEU B 284 -47.28 10.84 14.56
N HIS B 285 -47.24 10.32 13.35
CA HIS B 285 -46.70 8.98 13.12
C HIS B 285 -45.25 8.89 13.56
N ALA B 286 -44.45 9.89 13.20
CA ALA B 286 -43.04 9.91 13.56
C ALA B 286 -42.85 10.14 15.06
N ALA B 287 -43.48 11.19 15.57
CA ALA B 287 -43.36 11.54 16.98
C ALA B 287 -43.77 10.40 17.92
N ILE B 288 -44.86 9.73 17.59
CA ILE B 288 -45.38 8.65 18.42
C ILE B 288 -44.51 7.39 18.44
N ARG B 289 -43.65 7.23 17.43
CA ARG B 289 -42.74 6.08 17.37
C ARG B 289 -41.32 6.57 17.67
N GLU B 290 -41.23 7.81 18.15
CA GLU B 290 -39.97 8.44 18.46
C GLU B 290 -38.95 8.35 17.32
N VAL B 291 -39.42 8.65 16.12
CA VAL B 291 -38.57 8.69 14.95
C VAL B 291 -38.18 10.16 14.91
N ASP B 292 -36.92 10.46 15.20
CA ASP B 292 -36.47 11.84 15.19
C ASP B 292 -36.33 12.39 13.79
N ILE B 293 -36.64 13.68 13.65
CA ILE B 293 -36.53 14.36 12.36
C ILE B 293 -35.45 15.41 12.55
N LYS B 294 -34.29 15.17 11.96
CA LYS B 294 -33.17 16.09 12.10
C LYS B 294 -32.76 16.69 10.77
N GLY B 295 -32.65 18.01 10.76
CA GLY B 295 -32.25 18.70 9.55
C GLY B 295 -30.75 18.82 9.44
N VAL B 296 -30.31 19.24 8.25
CA VAL B 296 -28.90 19.43 7.98
C VAL B 296 -28.70 20.78 7.30
N PHE B 297 -27.77 21.57 7.82
CA PHE B 297 -27.46 22.84 7.19
C PHE B 297 -25.98 22.80 6.88
N ARG B 298 -25.69 22.31 5.67
CA ARG B 298 -24.34 22.17 5.19
C ARG B 298 -23.49 21.21 6.02
N TYR B 299 -22.57 21.72 6.83
CA TYR B 299 -21.69 20.82 7.57
C TYR B 299 -20.74 21.55 8.52
N CYS B 300 -20.10 20.79 9.40
CA CYS B 300 -19.11 21.32 10.31
C CYS B 300 -18.17 20.19 10.71
N ASN B 301 -16.88 20.51 10.76
CA ASN B 301 -15.84 19.56 11.13
C ASN B 301 -15.82 18.30 10.26
N THR B 302 -15.82 18.48 8.94
CA THR B 302 -15.81 17.34 8.02
C THR B 302 -14.61 17.30 7.09
N TRP B 303 -13.90 18.42 6.92
CA TRP B 303 -12.77 18.45 6.00
C TRP B 303 -11.61 17.55 6.39
N PRO B 304 -11.13 17.62 7.64
CA PRO B 304 -10.01 16.76 8.02
C PRO B 304 -10.39 15.29 7.88
N VAL B 305 -11.60 14.94 8.30
CA VAL B 305 -12.08 13.56 8.19
C VAL B 305 -12.20 13.14 6.72
N ALA B 306 -12.73 14.02 5.88
CA ALA B 306 -12.86 13.72 4.46
C ALA B 306 -11.48 13.47 3.87
N ILE B 307 -10.54 14.34 4.21
CA ILE B 307 -9.19 14.20 3.70
C ILE B 307 -8.58 12.87 4.18
N SER B 308 -8.84 12.49 5.42
CA SER B 308 -8.32 11.23 5.94
C SER B 308 -8.90 10.04 5.20
N MET B 309 -10.19 10.11 4.86
N MET B 309 -10.19 10.15 4.87
CA MET B 309 -10.83 9.01 4.15
CA MET B 309 -10.92 9.10 4.15
C MET B 309 -10.30 8.92 2.72
C MET B 309 -10.33 8.94 2.75
N LEU B 310 -10.08 10.07 2.09
CA LEU B 310 -9.55 10.09 0.73
C LEU B 310 -8.11 9.64 0.67
N ALA B 311 -7.30 10.10 1.62
CA ALA B 311 -5.88 9.76 1.67
C ALA B 311 -5.66 8.28 1.95
N SER B 312 -6.57 7.67 2.69
CA SER B 312 -6.47 6.27 3.04
C SER B 312 -7.21 5.38 2.04
N LYS B 313 -7.78 6.02 1.03
CA LYS B 313 -8.52 5.30 -0.01
C LYS B 313 -9.69 4.52 0.60
N SER B 314 -10.30 5.10 1.63
CA SER B 314 -11.41 4.45 2.31
C SER B 314 -12.71 4.69 1.56
N VAL B 315 -12.71 5.68 0.68
CA VAL B 315 -13.89 6.00 -0.11
C VAL B 315 -13.42 6.48 -1.48
N ASN B 316 -14.24 6.26 -2.50
CA ASN B 316 -13.87 6.70 -3.83
C ASN B 316 -14.98 7.56 -4.44
N VAL B 317 -14.70 8.86 -4.53
CA VAL B 317 -15.66 9.81 -5.07
C VAL B 317 -15.39 10.14 -6.53
N LYS B 318 -14.24 9.71 -7.03
CA LYS B 318 -13.87 9.98 -8.42
C LYS B 318 -14.97 9.63 -9.43
N PRO B 319 -15.67 8.50 -9.22
CA PRO B 319 -16.73 8.13 -10.16
C PRO B 319 -17.83 9.19 -10.27
N LEU B 320 -17.87 10.11 -9.32
CA LEU B 320 -18.89 11.15 -9.32
C LEU B 320 -18.68 12.21 -10.40
N VAL B 321 -17.42 12.42 -10.80
CA VAL B 321 -17.12 13.40 -11.83
C VAL B 321 -17.46 12.83 -13.21
N THR B 322 -18.44 13.45 -13.87
CA THR B 322 -18.87 13.01 -15.18
C THR B 322 -18.46 13.95 -16.30
N HIS B 323 -17.91 15.11 -15.94
CA HIS B 323 -17.49 16.06 -16.96
C HIS B 323 -16.64 17.17 -16.37
N ARG B 324 -15.67 17.65 -17.16
CA ARG B 324 -14.81 18.73 -16.71
C ARG B 324 -14.61 19.73 -17.85
N PHE B 325 -14.63 21.01 -17.53
CA PHE B 325 -14.45 22.08 -18.50
C PHE B 325 -13.50 23.13 -17.93
N PRO B 326 -12.82 23.88 -18.81
CA PRO B 326 -11.93 24.90 -18.27
C PRO B 326 -12.87 26.01 -17.82
N LEU B 327 -12.41 26.89 -16.93
CA LEU B 327 -13.25 27.98 -16.46
C LEU B 327 -13.94 28.75 -17.58
N GLU B 328 -13.20 28.97 -18.68
CA GLU B 328 -13.71 29.71 -19.81
C GLU B 328 -14.95 29.12 -20.48
N LYS B 329 -15.17 27.83 -20.30
CA LYS B 329 -16.34 27.19 -20.87
C LYS B 329 -17.45 27.02 -19.83
N ALA B 330 -17.44 27.89 -18.82
CA ALA B 330 -18.44 27.84 -17.76
C ALA B 330 -19.87 27.82 -18.28
N LEU B 331 -20.17 28.64 -19.29
CA LEU B 331 -21.52 28.66 -19.84
C LEU B 331 -21.90 27.29 -20.40
N GLU B 332 -20.98 26.69 -21.14
CA GLU B 332 -21.20 25.36 -21.71
C GLU B 332 -21.40 24.36 -20.57
N ALA B 333 -20.62 24.52 -19.50
CA ALA B 333 -20.72 23.64 -18.34
C ALA B 333 -22.07 23.77 -17.65
N PHE B 334 -22.58 24.99 -17.53
CA PHE B 334 -23.87 25.20 -16.89
C PHE B 334 -25.02 24.67 -17.73
N GLU B 335 -24.91 24.81 -19.05
CA GLU B 335 -25.95 24.31 -19.94
C GLU B 335 -25.94 22.78 -19.90
N THR B 336 -24.76 22.21 -19.74
CA THR B 336 -24.63 20.76 -19.66
C THR B 336 -25.30 20.27 -18.38
N PHE B 337 -25.13 21.02 -17.30
CA PHE B 337 -25.73 20.66 -16.02
C PHE B 337 -27.25 20.56 -16.19
N LYS B 338 -27.83 21.52 -16.89
CA LYS B 338 -29.27 21.54 -17.11
C LYS B 338 -29.78 20.30 -17.84
N LYS B 339 -28.94 19.69 -18.68
CA LYS B 339 -29.35 18.50 -19.41
C LYS B 339 -29.61 17.38 -18.41
N GLY B 340 -29.03 17.52 -17.22
CA GLY B 340 -29.21 16.53 -16.16
C GLY B 340 -28.80 15.10 -16.48
N LEU B 341 -27.86 14.94 -17.41
CA LEU B 341 -27.41 13.60 -17.77
C LEU B 341 -26.20 13.12 -16.97
N GLY B 342 -25.53 14.05 -16.30
CA GLY B 342 -24.36 13.67 -15.52
C GLY B 342 -24.57 13.66 -14.02
N LEU B 343 -23.53 13.97 -13.28
CA LEU B 343 -23.58 13.99 -11.83
C LEU B 343 -22.85 15.22 -11.31
N LYS B 344 -21.52 15.17 -11.35
CA LYS B 344 -20.71 16.29 -10.90
C LYS B 344 -19.87 16.81 -12.05
N ILE B 345 -19.97 18.12 -12.30
CA ILE B 345 -19.21 18.77 -13.36
C ILE B 345 -18.13 19.64 -12.72
N MET B 346 -16.89 19.44 -13.16
CA MET B 346 -15.76 20.18 -12.64
C MET B 346 -15.31 21.29 -13.55
N LEU B 347 -15.00 22.45 -12.97
CA LEU B 347 -14.49 23.56 -13.75
C LEU B 347 -13.01 23.68 -13.38
N LYS B 348 -12.18 23.80 -14.40
CA LYS B 348 -10.73 23.89 -14.22
C LYS B 348 -10.29 25.33 -14.42
N CYS B 349 -9.91 25.98 -13.33
CA CYS B 349 -9.54 27.39 -13.33
C CYS B 349 -8.06 27.72 -13.55
N ASP B 350 -7.19 26.73 -13.43
CA ASP B 350 -5.76 26.98 -13.57
C ASP B 350 -5.27 26.53 -14.96
N PRO B 351 -4.99 27.49 -15.85
CA PRO B 351 -4.51 27.17 -17.19
C PRO B 351 -3.24 26.31 -17.23
N SER B 352 -2.42 26.39 -16.18
CA SER B 352 -1.18 25.61 -16.14
C SER B 352 -1.38 24.14 -15.76
N ASP B 353 -2.59 23.80 -15.33
CA ASP B 353 -2.88 22.42 -14.94
C ASP B 353 -4.38 22.15 -15.02
N GLN B 354 -4.77 21.47 -16.09
CA GLN B 354 -6.17 21.13 -16.33
C GLN B 354 -6.46 19.68 -15.96
N ASN B 355 -5.49 19.01 -15.35
CA ASN B 355 -5.64 17.61 -14.94
C ASN B 355 -6.45 17.48 -13.66
N PRO B 356 -6.94 16.25 -13.37
CA PRO B 356 -7.73 15.98 -12.16
C PRO B 356 -6.98 16.43 -10.90
N ALA C 1 -22.37 -48.75 -3.88
CA ALA C 1 -21.08 -48.57 -4.63
C ALA C 1 -20.23 -47.49 -3.97
N ALA C 2 -18.91 -47.60 -4.14
CA ALA C 2 -18.00 -46.62 -3.56
C ALA C 2 -18.11 -45.28 -4.26
N ALA C 3 -17.69 -44.21 -3.57
CA ALA C 3 -17.72 -42.88 -4.13
C ALA C 3 -16.80 -42.84 -5.34
N ALA C 4 -17.09 -41.92 -6.28
CA ALA C 4 -16.27 -41.79 -7.47
C ALA C 4 -14.88 -41.33 -7.06
N LYS C 5 -13.87 -41.85 -7.73
CA LYS C 5 -12.48 -41.49 -7.44
C LYS C 5 -12.12 -40.25 -8.24
N PRO C 6 -11.09 -39.51 -7.81
CA PRO C 6 -10.74 -38.33 -8.60
C PRO C 6 -10.13 -38.79 -9.91
N ASN C 7 -9.96 -37.87 -10.85
CA ASN C 7 -9.38 -38.22 -12.13
C ASN C 7 -8.12 -37.41 -12.33
N ASN C 8 -7.29 -37.83 -13.28
CA ASN C 8 -6.07 -37.10 -13.58
C ASN C 8 -5.94 -36.99 -15.09
N LEU C 9 -6.92 -36.35 -15.71
CA LEU C 9 -6.90 -36.13 -17.15
C LEU C 9 -5.61 -35.38 -17.44
N SER C 10 -4.90 -35.79 -18.48
CA SER C 10 -3.64 -35.18 -18.84
C SER C 10 -3.55 -34.92 -20.34
N LEU C 11 -2.78 -33.89 -20.71
CA LEU C 11 -2.59 -33.58 -22.12
C LEU C 11 -1.29 -34.30 -22.49
N VAL C 12 -1.41 -35.29 -23.35
CA VAL C 12 -0.26 -36.10 -23.73
C VAL C 12 0.10 -36.13 -25.21
N VAL C 13 1.40 -36.09 -25.49
N VAL C 13 1.39 -36.09 -25.50
CA VAL C 13 1.88 -36.16 -26.87
CA VAL C 13 1.86 -36.15 -26.88
C VAL C 13 2.39 -37.58 -27.10
C VAL C 13 2.40 -37.56 -27.11
N HIS C 14 1.83 -38.25 -28.09
CA HIS C 14 2.23 -39.61 -28.41
C HIS C 14 3.22 -39.66 -29.55
N GLY C 15 3.22 -38.61 -30.36
CA GLY C 15 4.12 -38.52 -31.49
C GLY C 15 3.79 -37.30 -32.29
N PRO C 16 4.50 -37.06 -33.41
CA PRO C 16 4.23 -35.88 -34.24
C PRO C 16 2.75 -35.75 -34.58
N GLY C 17 2.18 -34.60 -34.26
CA GLY C 17 0.77 -34.37 -34.56
C GLY C 17 -0.22 -35.25 -33.81
N ASP C 18 0.24 -35.94 -32.77
CA ASP C 18 -0.64 -36.83 -32.01
C ASP C 18 -0.79 -36.35 -30.56
N LEU C 19 -1.75 -35.45 -30.34
CA LEU C 19 -2.02 -34.87 -29.04
C LEU C 19 -3.32 -35.46 -28.49
N ARG C 20 -3.31 -35.91 -27.25
CA ARG C 20 -4.51 -36.50 -26.66
C ARG C 20 -4.73 -36.14 -25.20
N LEU C 21 -6.00 -36.15 -24.81
CA LEU C 21 -6.39 -35.92 -23.43
C LEU C 21 -6.76 -37.31 -22.93
N GLU C 22 -6.02 -37.80 -21.95
CA GLU C 22 -6.28 -39.13 -21.41
C GLU C 22 -6.04 -39.13 -19.91
N ASN C 23 -6.65 -40.10 -19.23
CA ASN C 23 -6.54 -40.19 -17.79
C ASN C 23 -5.30 -40.94 -17.31
N TYR C 24 -4.67 -40.42 -16.26
CA TYR C 24 -3.48 -41.02 -15.67
C TYR C 24 -3.77 -41.37 -14.22
N PRO C 25 -2.95 -42.24 -13.61
CA PRO C 25 -3.18 -42.61 -12.22
C PRO C 25 -2.91 -41.36 -11.39
N ILE C 26 -3.42 -41.32 -10.16
CA ILE C 26 -3.18 -40.19 -9.29
C ILE C 26 -1.82 -40.46 -8.66
N PRO C 27 -0.83 -39.58 -8.88
CA PRO C 27 0.49 -39.80 -8.30
C PRO C 27 0.47 -39.84 -6.77
N GLU C 28 1.41 -40.57 -6.18
CA GLU C 28 1.52 -40.66 -4.74
C GLU C 28 2.88 -40.04 -4.37
N PRO C 29 2.87 -38.96 -3.58
CA PRO C 29 4.09 -38.28 -3.17
C PRO C 29 5.02 -39.04 -2.24
N GLY C 30 6.31 -39.02 -2.57
CA GLY C 30 7.29 -39.67 -1.73
C GLY C 30 7.50 -38.79 -0.51
N PRO C 31 8.37 -39.18 0.42
CA PRO C 31 8.65 -38.40 1.64
C PRO C 31 8.99 -36.92 1.45
N ASN C 32 9.70 -36.59 0.37
CA ASN C 32 10.05 -35.20 0.13
C ASN C 32 9.36 -34.60 -1.07
N GLU C 33 8.19 -35.14 -1.40
CA GLU C 33 7.42 -34.63 -2.53
C GLU C 33 6.06 -34.18 -2.02
N VAL C 34 5.35 -33.43 -2.86
CA VAL C 34 4.01 -32.99 -2.51
C VAL C 34 3.13 -33.26 -3.72
N LEU C 35 1.85 -33.51 -3.48
CA LEU C 35 0.91 -33.75 -4.55
C LEU C 35 0.20 -32.43 -4.78
N LEU C 36 0.21 -31.95 -6.01
CA LEU C 36 -0.45 -30.69 -6.31
C LEU C 36 -1.70 -30.85 -7.16
N ARG C 37 -2.73 -30.08 -6.83
CA ARG C 37 -3.95 -30.07 -7.62
C ARG C 37 -3.62 -28.92 -8.55
N MET C 38 -3.23 -29.25 -9.78
CA MET C 38 -2.84 -28.25 -10.77
C MET C 38 -3.93 -27.21 -11.00
N HIS C 39 -3.51 -25.96 -11.13
CA HIS C 39 -4.45 -24.88 -11.35
C HIS C 39 -4.24 -24.18 -12.70
N SER C 40 -3.10 -23.51 -12.85
CA SER C 40 -2.80 -22.80 -14.08
C SER C 40 -1.48 -23.24 -14.69
N VAL C 41 -1.50 -23.51 -15.99
CA VAL C 41 -0.30 -23.93 -16.70
C VAL C 41 -0.20 -23.16 -18.01
N GLY C 42 0.88 -22.42 -18.17
CA GLY C 42 1.06 -21.68 -19.41
C GLY C 42 1.77 -22.58 -20.39
N ILE C 43 1.51 -22.41 -21.67
CA ILE C 43 2.19 -23.23 -22.66
C ILE C 43 3.11 -22.35 -23.50
N CYS C 44 4.12 -22.96 -24.11
CA CYS C 44 5.03 -22.18 -24.95
C CYS C 44 5.46 -22.99 -26.15
N GLY C 45 6.31 -22.39 -26.97
CA GLY C 45 6.78 -23.05 -28.17
C GLY C 45 7.32 -24.44 -27.97
N SER C 46 7.92 -24.70 -26.81
N SER C 46 7.91 -24.70 -26.81
CA SER C 46 8.48 -26.02 -26.54
CA SER C 46 8.47 -26.01 -26.51
C SER C 46 7.40 -27.10 -26.55
C SER C 46 7.40 -27.09 -26.54
N ASP C 47 6.29 -26.85 -25.84
CA ASP C 47 5.21 -27.82 -25.78
C ASP C 47 4.67 -28.04 -27.19
N VAL C 48 4.39 -26.95 -27.89
CA VAL C 48 3.86 -27.00 -29.24
C VAL C 48 4.83 -27.67 -30.22
N HIS C 49 6.12 -27.51 -30.00
CA HIS C 49 7.11 -28.11 -30.88
C HIS C 49 7.13 -29.63 -30.68
N TYR C 50 6.99 -30.08 -29.44
CA TYR C 50 6.97 -31.52 -29.18
C TYR C 50 5.72 -32.11 -29.82
N TRP C 51 4.65 -31.33 -29.85
CA TRP C 51 3.40 -31.77 -30.44
C TRP C 51 3.55 -31.93 -31.96
N GLU C 52 4.05 -30.88 -32.61
CA GLU C 52 4.23 -30.91 -34.06
C GLU C 52 5.32 -31.82 -34.59
N TYR C 53 6.50 -31.81 -33.94
CA TYR C 53 7.60 -32.64 -34.42
C TYR C 53 7.96 -33.82 -33.53
N GLY C 54 7.31 -33.95 -32.38
CA GLY C 54 7.60 -35.06 -31.49
C GLY C 54 9.00 -35.00 -30.90
N ARG C 55 9.68 -33.87 -31.08
CA ARG C 55 11.03 -33.71 -30.57
C ARG C 55 11.52 -32.28 -30.67
N ILE C 56 12.66 -32.03 -30.03
CA ILE C 56 13.32 -30.72 -30.05
C ILE C 56 14.79 -31.06 -29.93
N GLY C 57 15.48 -31.09 -31.07
CA GLY C 57 16.89 -31.42 -31.06
C GLY C 57 17.07 -32.86 -30.64
N ASN C 58 17.98 -33.10 -29.70
CA ASN C 58 18.23 -34.46 -29.22
C ASN C 58 17.17 -34.88 -28.21
N PHE C 59 16.26 -33.97 -27.89
CA PHE C 59 15.17 -34.24 -26.95
C PHE C 59 14.02 -34.84 -27.74
N ILE C 60 13.92 -36.16 -27.73
CA ILE C 60 12.87 -36.84 -28.49
C ILE C 60 11.88 -37.64 -27.64
N VAL C 61 10.61 -37.50 -27.98
CA VAL C 61 9.54 -38.21 -27.29
C VAL C 61 9.57 -39.65 -27.81
N LYS C 62 10.04 -40.57 -26.98
CA LYS C 62 10.14 -41.98 -27.38
C LYS C 62 8.94 -42.77 -26.85
N LYS C 63 8.25 -42.20 -25.88
CA LYS C 63 7.06 -42.80 -25.30
C LYS C 63 6.14 -41.61 -24.99
N PRO C 64 4.81 -41.83 -24.95
CA PRO C 64 3.87 -40.74 -24.68
C PRO C 64 4.32 -39.87 -23.50
N MET C 65 4.32 -38.55 -23.72
CA MET C 65 4.75 -37.62 -22.69
C MET C 65 3.70 -36.56 -22.36
N VAL C 66 3.47 -36.34 -21.06
CA VAL C 66 2.52 -35.32 -20.63
C VAL C 66 3.24 -33.98 -20.82
N LEU C 67 2.54 -33.01 -21.41
CA LEU C 67 3.14 -31.70 -21.64
C LEU C 67 2.95 -30.77 -20.44
N GLY C 68 3.42 -29.53 -20.58
CA GLY C 68 3.28 -28.54 -19.53
C GLY C 68 4.43 -28.43 -18.56
N HIS C 69 4.93 -27.20 -18.35
CA HIS C 69 6.04 -26.98 -17.43
C HIS C 69 6.08 -25.57 -16.82
N GLU C 70 5.08 -24.74 -17.11
CA GLU C 70 5.02 -23.39 -16.55
C GLU C 70 3.75 -23.38 -15.72
N ALA C 71 3.82 -23.83 -14.49
CA ALA C 71 2.61 -23.94 -13.69
C ALA C 71 2.63 -23.58 -12.22
N SER C 72 1.42 -23.58 -11.67
CA SER C 72 1.16 -23.32 -10.27
C SER C 72 -0.02 -24.21 -9.91
N GLY C 73 -0.23 -24.42 -8.61
CA GLY C 73 -1.34 -25.25 -8.18
C GLY C 73 -1.51 -25.19 -6.69
N THR C 74 -2.37 -26.05 -6.16
CA THR C 74 -2.62 -26.09 -4.73
C THR C 74 -2.12 -27.41 -4.15
N VAL C 75 -1.43 -27.34 -3.02
CA VAL C 75 -0.91 -28.55 -2.39
C VAL C 75 -2.10 -29.39 -1.92
N GLU C 76 -2.19 -30.60 -2.44
CA GLU C 76 -3.27 -31.51 -2.09
C GLU C 76 -2.81 -32.40 -0.93
N LYS C 77 -1.61 -32.95 -1.06
CA LYS C 77 -1.05 -33.86 -0.04
C LYS C 77 0.46 -33.66 0.06
N VAL C 78 1.03 -33.89 1.23
CA VAL C 78 2.48 -33.73 1.41
C VAL C 78 3.15 -35.00 1.92
N GLY C 79 4.39 -35.21 1.48
CA GLY C 79 5.14 -36.38 1.91
C GLY C 79 5.47 -36.32 3.38
N SER C 80 5.77 -37.47 3.98
CA SER C 80 6.09 -37.55 5.40
C SER C 80 7.23 -36.67 5.88
N SER C 81 8.12 -36.27 4.97
CA SER C 81 9.25 -35.44 5.38
C SER C 81 9.10 -33.98 5.02
N VAL C 82 7.99 -33.62 4.36
CA VAL C 82 7.75 -32.24 3.97
C VAL C 82 7.30 -31.40 5.16
N LYS C 83 7.94 -30.25 5.37
CA LYS C 83 7.59 -29.41 6.51
C LYS C 83 7.30 -27.95 6.19
N HIS C 84 7.74 -27.46 5.03
CA HIS C 84 7.50 -26.06 4.69
C HIS C 84 6.24 -25.83 3.87
N LEU C 85 5.55 -26.91 3.53
CA LEU C 85 4.30 -26.81 2.75
C LEU C 85 3.22 -27.66 3.42
N LYS C 86 1.97 -27.25 3.27
CA LYS C 86 0.86 -27.96 3.86
C LYS C 86 -0.32 -27.98 2.89
N PRO C 87 -1.25 -28.93 3.05
CA PRO C 87 -2.39 -28.98 2.14
C PRO C 87 -3.10 -27.62 2.12
N GLY C 88 -3.53 -27.20 0.94
CA GLY C 88 -4.21 -25.92 0.82
C GLY C 88 -3.28 -24.81 0.36
N ASP C 89 -1.97 -25.00 0.53
CA ASP C 89 -1.02 -23.99 0.12
C ASP C 89 -1.00 -23.81 -1.40
N ARG C 90 -1.03 -22.56 -1.83
CA ARG C 90 -0.98 -22.23 -3.25
C ARG C 90 0.51 -22.15 -3.56
N VAL C 91 0.96 -22.84 -4.61
CA VAL C 91 2.37 -22.83 -4.94
C VAL C 91 2.71 -22.68 -6.40
N ALA C 92 3.90 -22.15 -6.66
CA ALA C 92 4.41 -22.01 -8.01
C ALA C 92 5.36 -23.19 -8.14
N ILE C 93 5.37 -23.84 -9.29
CA ILE C 93 6.20 -25.02 -9.48
C ILE C 93 7.41 -24.75 -10.39
N GLU C 94 8.62 -24.95 -9.86
CA GLU C 94 9.82 -24.79 -10.66
C GLU C 94 10.02 -26.17 -11.27
N PRO C 95 9.85 -26.30 -12.60
CA PRO C 95 9.97 -27.57 -13.33
C PRO C 95 11.29 -28.33 -13.30
N GLY C 96 12.40 -27.64 -13.12
CA GLY C 96 13.68 -28.33 -13.08
C GLY C 96 14.06 -28.69 -11.66
N ALA C 97 14.06 -29.99 -11.36
CA ALA C 97 14.41 -30.47 -10.03
C ALA C 97 15.53 -31.49 -10.16
N PRO C 98 16.71 -31.21 -9.56
CA PRO C 98 17.86 -32.11 -9.61
C PRO C 98 17.58 -33.46 -8.97
N ARG C 99 18.05 -34.53 -9.62
CA ARG C 99 17.87 -35.87 -9.09
C ARG C 99 19.00 -36.21 -8.12
N GLU C 100 20.14 -35.56 -8.28
CA GLU C 100 21.26 -35.82 -7.38
C GLU C 100 22.06 -34.57 -7.06
N ASN C 101 22.59 -34.52 -5.84
CA ASN C 101 23.36 -33.39 -5.40
C ASN C 101 24.78 -33.48 -5.96
N ASP C 102 24.91 -33.24 -7.26
CA ASP C 102 26.21 -33.29 -7.92
C ASP C 102 26.97 -31.97 -7.75
N GLU C 103 28.13 -31.86 -8.39
N GLU C 103 28.13 -31.87 -8.39
CA GLU C 103 28.93 -30.66 -8.25
CA GLU C 103 28.95 -30.67 -8.31
C GLU C 103 28.26 -29.39 -8.80
C GLU C 103 28.22 -29.41 -8.77
N PHE C 104 27.38 -29.56 -9.78
CA PHE C 104 26.65 -28.41 -10.32
C PHE C 104 25.67 -27.87 -9.28
N CYS C 105 25.00 -28.77 -8.58
CA CYS C 105 24.05 -28.34 -7.55
C CYS C 105 24.83 -27.71 -6.40
N LYS C 106 25.86 -28.40 -5.94
CA LYS C 106 26.66 -27.88 -4.83
C LYS C 106 27.25 -26.50 -5.11
N MET C 107 27.66 -26.27 -6.36
N MET C 107 27.66 -26.27 -6.36
CA MET C 107 28.27 -24.98 -6.73
CA MET C 107 28.26 -24.98 -6.72
C MET C 107 27.23 -23.89 -6.98
C MET C 107 27.23 -23.90 -7.02
N GLY C 108 25.95 -24.23 -6.83
CA GLY C 108 24.90 -23.25 -7.05
C GLY C 108 24.35 -23.11 -8.45
N ARG C 109 24.67 -24.06 -9.34
CA ARG C 109 24.17 -24.00 -10.71
C ARG C 109 23.47 -25.30 -11.06
N TYR C 110 22.44 -25.64 -10.29
CA TYR C 110 21.71 -26.89 -10.50
C TYR C 110 21.05 -27.04 -11.87
N ASN C 111 20.87 -25.93 -12.58
CA ASN C 111 20.23 -26.01 -13.89
C ASN C 111 21.12 -26.77 -14.88
N LEU C 112 22.40 -26.87 -14.54
CA LEU C 112 23.37 -27.58 -15.37
C LEU C 112 23.56 -29.04 -14.98
N SER C 113 22.87 -29.48 -13.92
CA SER C 113 22.98 -30.86 -13.49
C SER C 113 22.50 -31.76 -14.64
N PRO C 114 23.40 -32.60 -15.18
CA PRO C 114 23.10 -33.51 -16.30
C PRO C 114 21.89 -34.41 -16.09
N SER C 115 21.65 -34.83 -14.85
CA SER C 115 20.53 -35.73 -14.58
C SER C 115 19.30 -35.03 -14.00
N ILE C 116 19.17 -33.74 -14.21
CA ILE C 116 18.04 -33.01 -13.66
C ILE C 116 16.72 -33.45 -14.28
N PHE C 117 15.67 -33.48 -13.46
CA PHE C 117 14.33 -33.83 -13.92
C PHE C 117 13.73 -32.51 -14.42
N PHE C 118 13.06 -32.53 -15.56
CA PHE C 118 12.45 -31.30 -16.07
C PHE C 118 11.12 -31.57 -16.77
N CYS C 119 10.05 -31.01 -16.21
CA CYS C 119 8.71 -31.17 -16.77
C CYS C 119 8.59 -30.96 -18.27
N ALA C 120 7.97 -31.92 -18.94
CA ALA C 120 7.71 -31.84 -20.38
C ALA C 120 8.90 -31.86 -21.32
N THR C 121 10.05 -32.35 -20.85
CA THR C 121 11.21 -32.49 -21.71
C THR C 121 11.45 -33.99 -21.63
N PRO C 122 11.17 -34.73 -22.72
CA PRO C 122 11.37 -36.18 -22.71
C PRO C 122 12.66 -36.62 -22.02
N PRO C 123 12.61 -37.69 -21.22
CA PRO C 123 11.42 -38.49 -20.94
C PRO C 123 10.60 -38.10 -19.69
N ASP C 124 10.78 -36.88 -19.20
CA ASP C 124 10.05 -36.46 -17.99
C ASP C 124 8.67 -35.88 -18.30
N ASP C 125 7.64 -36.48 -17.72
CA ASP C 125 6.27 -36.00 -17.91
C ASP C 125 6.05 -34.63 -17.29
N GLY C 126 5.27 -33.80 -17.98
CA GLY C 126 4.98 -32.45 -17.52
C GLY C 126 3.80 -32.36 -16.56
N ASN C 127 3.33 -31.14 -16.30
CA ASN C 127 2.23 -30.96 -15.37
C ASN C 127 0.89 -30.44 -15.92
N LEU C 128 0.64 -30.66 -17.20
CA LEU C 128 -0.64 -30.25 -17.78
C LEU C 128 -1.61 -31.40 -17.50
N CYS C 129 -2.11 -31.44 -16.27
CA CYS C 129 -3.02 -32.48 -15.83
C CYS C 129 -3.73 -32.01 -14.57
N ARG C 130 -4.46 -32.90 -13.90
CA ARG C 130 -5.19 -32.55 -12.68
C ARG C 130 -4.32 -32.61 -11.44
N PHE C 131 -3.62 -33.73 -11.29
CA PHE C 131 -2.76 -33.94 -10.13
C PHE C 131 -1.34 -34.27 -10.56
N TYR C 132 -0.39 -33.62 -9.91
CA TYR C 132 1.01 -33.78 -10.25
C TYR C 132 1.86 -33.75 -8.99
N LYS C 133 2.84 -34.65 -8.88
CA LYS C 133 3.71 -34.63 -7.71
C LYS C 133 5.05 -34.02 -8.10
N HIS C 134 5.70 -33.38 -7.15
CA HIS C 134 6.95 -32.70 -7.42
C HIS C 134 7.79 -32.59 -6.16
N ASN C 135 9.11 -32.46 -6.33
CA ASN C 135 10.00 -32.30 -5.19
C ASN C 135 9.56 -31.06 -4.42
N ALA C 136 9.32 -31.22 -3.14
CA ALA C 136 8.85 -30.12 -2.29
C ALA C 136 9.77 -28.90 -2.26
N ALA C 137 11.07 -29.12 -2.42
CA ALA C 137 12.00 -28.00 -2.40
C ALA C 137 11.79 -27.08 -3.59
N PHE C 138 11.16 -27.61 -4.63
CA PHE C 138 10.92 -26.80 -5.82
C PHE C 138 9.49 -26.36 -6.07
N CYS C 139 8.74 -26.27 -4.98
CA CYS C 139 7.36 -25.80 -5.01
C CYS C 139 7.44 -24.64 -4.02
N TYR C 140 7.10 -23.44 -4.48
CA TYR C 140 7.21 -22.26 -3.63
C TYR C 140 5.85 -21.68 -3.34
N LYS C 141 5.58 -21.43 -2.06
N LYS C 141 5.57 -21.44 -2.07
CA LYS C 141 4.30 -20.86 -1.65
CA LYS C 141 4.28 -20.88 -1.67
C LYS C 141 4.10 -19.47 -2.25
C LYS C 141 4.09 -19.48 -2.23
N LEU C 142 2.89 -19.22 -2.74
CA LEU C 142 2.57 -17.93 -3.32
C LEU C 142 1.91 -17.04 -2.29
N PRO C 143 2.28 -15.75 -2.25
CA PRO C 143 1.67 -14.84 -1.29
C PRO C 143 0.20 -14.71 -1.70
N ASP C 144 -0.66 -14.30 -0.78
CA ASP C 144 -2.08 -14.15 -1.09
C ASP C 144 -2.35 -13.13 -2.21
N ASN C 145 -1.50 -12.11 -2.32
CA ASN C 145 -1.68 -11.09 -3.35
C ASN C 145 -1.02 -11.43 -4.69
N VAL C 146 -0.67 -12.70 -4.88
CA VAL C 146 -0.08 -13.15 -6.13
C VAL C 146 -1.01 -14.25 -6.66
N THR C 147 -1.47 -14.08 -7.90
CA THR C 147 -2.40 -15.04 -8.49
C THR C 147 -1.74 -16.30 -9.02
N PHE C 148 -2.57 -17.31 -9.31
CA PHE C 148 -2.08 -18.55 -9.84
C PHE C 148 -1.42 -18.33 -11.19
N GLU C 149 -2.04 -17.50 -12.04
CA GLU C 149 -1.46 -17.25 -13.36
C GLU C 149 -0.12 -16.55 -13.25
N GLU C 150 0.02 -15.68 -12.26
CA GLU C 150 1.30 -15.01 -12.06
C GLU C 150 2.29 -16.08 -11.62
N GLY C 151 1.83 -17.01 -10.80
CA GLY C 151 2.69 -18.09 -10.33
C GLY C 151 3.18 -18.91 -11.52
N ALA C 152 2.27 -19.15 -12.47
CA ALA C 152 2.61 -19.91 -13.66
C ALA C 152 3.55 -19.10 -14.56
N LEU C 153 3.40 -17.79 -14.57
CA LEU C 153 4.24 -16.93 -15.39
C LEU C 153 5.65 -16.79 -14.85
N ILE C 154 5.89 -17.29 -13.64
CA ILE C 154 7.22 -17.21 -13.06
C ILE C 154 8.21 -18.03 -13.90
N GLU C 155 7.71 -19.07 -14.56
CA GLU C 155 8.58 -19.91 -15.37
C GLU C 155 9.18 -19.09 -16.51
N PRO C 156 8.34 -18.46 -17.35
CA PRO C 156 8.95 -17.67 -18.43
C PRO C 156 9.69 -16.46 -17.87
N LEU C 157 9.15 -15.85 -16.81
CA LEU C 157 9.77 -14.69 -16.21
C LEU C 157 11.20 -15.04 -15.77
N SER C 158 11.37 -16.24 -15.22
CA SER C 158 12.67 -16.70 -14.75
C SER C 158 13.72 -16.80 -15.86
N VAL C 159 13.29 -17.07 -17.08
CA VAL C 159 14.23 -17.14 -18.19
C VAL C 159 14.78 -15.72 -18.34
N GLY C 160 13.90 -14.72 -18.25
CA GLY C 160 14.33 -13.35 -18.35
C GLY C 160 15.22 -12.95 -17.18
N ILE C 161 14.90 -13.43 -15.99
CA ILE C 161 15.70 -13.10 -14.81
C ILE C 161 17.10 -13.70 -14.95
N HIS C 162 17.15 -14.98 -15.33
CA HIS C 162 18.43 -15.66 -15.50
C HIS C 162 19.23 -15.00 -16.60
N ALA C 163 18.57 -14.69 -17.71
CA ALA C 163 19.23 -14.03 -18.84
C ALA C 163 19.86 -12.70 -18.46
N CYS C 164 19.11 -11.86 -17.75
CA CYS C 164 19.63 -10.56 -17.36
C CYS C 164 20.75 -10.70 -16.34
N ARG C 165 20.67 -11.72 -15.49
CA ARG C 165 21.74 -11.95 -14.53
C ARG C 165 23.00 -12.35 -15.27
N ARG C 166 22.87 -13.33 -16.16
CA ARG C 166 24.01 -13.80 -16.94
C ARG C 166 24.62 -12.65 -17.75
N GLY C 167 23.76 -11.71 -18.17
CA GLY C 167 24.24 -10.59 -18.96
C GLY C 167 24.81 -9.46 -18.12
N GLY C 168 24.60 -9.50 -16.81
CA GLY C 168 25.11 -8.45 -15.94
C GLY C 168 24.33 -7.15 -16.06
N VAL C 169 23.08 -7.24 -16.50
CA VAL C 169 22.25 -6.05 -16.64
C VAL C 169 22.17 -5.36 -15.27
N THR C 170 22.42 -4.06 -15.25
CA THR C 170 22.33 -3.35 -13.99
C THR C 170 21.95 -1.89 -14.18
N LEU C 171 21.91 -1.15 -13.07
CA LEU C 171 21.52 0.25 -13.06
C LEU C 171 22.11 1.15 -14.15
N GLY C 172 21.24 1.80 -14.91
CA GLY C 172 21.67 2.71 -15.96
C GLY C 172 22.07 2.12 -17.31
N HIS C 173 22.03 0.80 -17.45
CA HIS C 173 22.41 0.17 -18.70
C HIS C 173 21.49 0.44 -19.88
N LYS C 174 22.07 0.37 -21.07
CA LYS C 174 21.34 0.51 -22.31
C LYS C 174 21.32 -0.94 -22.75
N VAL C 175 20.13 -1.50 -22.91
CA VAL C 175 20.01 -2.90 -23.27
C VAL C 175 19.25 -3.13 -24.56
N LEU C 176 19.76 -4.05 -25.36
CA LEU C 176 19.13 -4.41 -26.62
C LEU C 176 18.53 -5.81 -26.45
N VAL C 177 17.22 -5.93 -26.67
CA VAL C 177 16.57 -7.22 -26.58
C VAL C 177 16.14 -7.56 -28.01
N CYS C 178 16.68 -8.65 -28.55
CA CYS C 178 16.33 -9.08 -29.90
C CYS C 178 15.17 -10.06 -29.81
N GLY C 179 14.02 -9.68 -30.36
CA GLY C 179 12.86 -10.54 -30.32
C GLY C 179 11.83 -10.02 -29.34
N ALA C 180 10.58 -9.96 -29.78
CA ALA C 180 9.50 -9.47 -28.94
C ALA C 180 8.50 -10.57 -28.61
N GLY C 181 8.97 -11.81 -28.65
CA GLY C 181 8.12 -12.93 -28.29
C GLY C 181 8.01 -12.90 -26.78
N PRO C 182 7.26 -13.82 -26.16
CA PRO C 182 7.13 -13.81 -24.70
C PRO C 182 8.45 -13.77 -23.93
N ILE C 183 9.48 -14.44 -24.46
CA ILE C 183 10.79 -14.45 -23.81
C ILE C 183 11.46 -13.08 -23.90
N GLY C 184 11.36 -12.45 -25.06
CA GLY C 184 11.94 -11.13 -25.21
C GLY C 184 11.20 -10.13 -24.34
N MET C 185 9.90 -10.36 -24.15
N MET C 185 9.90 -10.35 -24.14
CA MET C 185 9.06 -9.48 -23.34
CA MET C 185 9.10 -9.45 -23.34
C MET C 185 9.37 -9.54 -21.85
C MET C 185 9.40 -9.54 -21.84
N VAL C 186 9.54 -10.75 -21.31
CA VAL C 186 9.86 -10.88 -19.89
C VAL C 186 11.28 -10.36 -19.67
N THR C 187 12.16 -10.55 -20.64
CA THR C 187 13.52 -10.05 -20.53
C THR C 187 13.46 -8.53 -20.41
N LEU C 188 12.59 -7.92 -21.20
CA LEU C 188 12.37 -6.48 -21.19
C LEU C 188 11.89 -6.04 -19.81
N LEU C 189 10.89 -6.74 -19.28
CA LEU C 189 10.35 -6.41 -17.97
C LEU C 189 11.42 -6.49 -16.90
N VAL C 190 12.23 -7.54 -16.95
CA VAL C 190 13.29 -7.73 -15.96
C VAL C 190 14.37 -6.65 -16.10
N ALA C 191 14.79 -6.37 -17.32
CA ALA C 191 15.82 -5.36 -17.56
C ALA C 191 15.40 -4.03 -16.94
N LYS C 192 14.16 -3.63 -17.18
CA LYS C 192 13.63 -2.38 -16.62
C LYS C 192 13.61 -2.46 -15.10
N ALA C 193 13.15 -3.60 -14.57
CA ALA C 193 13.08 -3.78 -13.12
C ALA C 193 14.47 -3.70 -12.49
N MET C 194 15.49 -4.10 -13.24
CA MET C 194 16.86 -4.07 -12.72
C MET C 194 17.52 -2.70 -12.83
N GLY C 195 16.80 -1.73 -13.39
CA GLY C 195 17.34 -0.40 -13.52
C GLY C 195 17.91 -0.01 -14.87
N ALA C 196 17.65 -0.81 -15.91
CA ALA C 196 18.15 -0.45 -17.23
C ALA C 196 17.55 0.90 -17.56
N ALA C 197 18.38 1.83 -18.02
CA ALA C 197 17.94 3.17 -18.37
C ALA C 197 17.11 3.18 -19.65
N GLN C 198 17.56 2.38 -20.63
CA GLN C 198 16.86 2.28 -21.89
C GLN C 198 16.92 0.86 -22.42
N VAL C 199 15.79 0.37 -22.91
CA VAL C 199 15.74 -0.96 -23.49
C VAL C 199 15.17 -0.83 -24.90
N VAL C 200 15.93 -1.35 -25.86
CA VAL C 200 15.51 -1.32 -27.26
C VAL C 200 15.13 -2.75 -27.62
N VAL C 201 13.96 -2.91 -28.24
CA VAL C 201 13.49 -4.23 -28.62
C VAL C 201 13.31 -4.32 -30.12
N THR C 202 13.81 -5.40 -30.71
CA THR C 202 13.67 -5.60 -32.15
C THR C 202 12.75 -6.78 -32.38
N ASP C 203 12.21 -6.87 -33.59
CA ASP C 203 11.32 -7.96 -33.97
C ASP C 203 10.84 -7.75 -35.39
N LEU C 204 10.31 -8.80 -36.00
CA LEU C 204 9.80 -8.71 -37.37
C LEU C 204 8.38 -8.18 -37.35
N SER C 205 7.69 -8.39 -36.22
CA SER C 205 6.31 -7.96 -36.08
C SER C 205 6.09 -6.60 -35.42
N ALA C 206 5.46 -5.69 -36.17
CA ALA C 206 5.16 -4.36 -35.65
C ALA C 206 4.15 -4.54 -34.51
N THR C 207 3.32 -5.56 -34.65
CA THR C 207 2.31 -5.88 -33.65
C THR C 207 2.95 -6.19 -32.30
N ARG C 208 3.95 -7.07 -32.33
CA ARG C 208 4.63 -7.45 -31.10
C ARG C 208 5.43 -6.30 -30.51
N LEU C 209 5.97 -5.44 -31.37
CA LEU C 209 6.76 -4.29 -30.92
C LEU C 209 5.84 -3.29 -30.25
N SER C 210 4.61 -3.19 -30.76
CA SER C 210 3.63 -2.26 -30.19
C SER C 210 3.29 -2.74 -28.79
N LYS C 211 3.19 -4.05 -28.62
CA LYS C 211 2.87 -4.64 -27.33
C LYS C 211 4.07 -4.38 -26.39
N ALA C 212 5.27 -4.49 -26.94
CA ALA C 212 6.49 -4.26 -26.16
C ALA C 212 6.48 -2.83 -25.63
N LYS C 213 6.09 -1.89 -26.49
CA LYS C 213 6.03 -0.49 -26.09
C LYS C 213 5.08 -0.35 -24.91
N GLU C 214 3.93 -0.98 -25.02
CA GLU C 214 2.92 -0.94 -23.97
C GLU C 214 3.42 -1.34 -22.59
N ILE C 215 4.33 -2.32 -22.53
CA ILE C 215 4.83 -2.74 -21.23
C ILE C 215 6.16 -2.18 -20.78
N GLY C 216 6.67 -1.17 -21.48
CA GLY C 216 7.92 -0.58 -21.06
C GLY C 216 9.07 -0.41 -22.04
N ALA C 217 8.96 -0.98 -23.23
CA ALA C 217 10.04 -0.83 -24.20
C ALA C 217 10.24 0.66 -24.45
N ASP C 218 11.46 1.15 -24.26
CA ASP C 218 11.75 2.56 -24.47
C ASP C 218 11.86 2.86 -25.95
N LEU C 219 12.43 1.92 -26.69
CA LEU C 219 12.62 2.04 -28.12
C LEU C 219 12.34 0.69 -28.78
N VAL C 220 11.84 0.73 -30.01
CA VAL C 220 11.56 -0.49 -30.75
C VAL C 220 12.04 -0.34 -32.19
N LEU C 221 12.49 -1.44 -32.76
CA LEU C 221 12.96 -1.46 -34.15
C LEU C 221 12.36 -2.65 -34.88
N GLN C 222 11.56 -2.38 -35.89
CA GLN C 222 10.99 -3.46 -36.67
C GLN C 222 12.03 -3.86 -37.70
N ILE C 223 12.39 -5.14 -37.73
CA ILE C 223 13.38 -5.63 -38.65
C ILE C 223 12.73 -6.12 -39.94
N SER C 224 13.28 -5.67 -41.07
CA SER C 224 12.76 -6.09 -42.36
C SER C 224 13.85 -6.83 -43.13
N LYS C 225 14.61 -6.10 -43.95
CA LYS C 225 15.67 -6.72 -44.73
C LYS C 225 17.06 -6.14 -44.48
N GLU C 226 17.20 -5.37 -43.41
CA GLU C 226 18.50 -4.78 -43.10
C GLU C 226 19.48 -5.90 -42.77
N SER C 227 20.77 -5.63 -42.95
CA SER C 227 21.81 -6.61 -42.66
C SER C 227 22.16 -6.47 -41.18
N PRO C 228 22.93 -7.42 -40.63
CA PRO C 228 23.29 -7.34 -39.22
C PRO C 228 23.99 -6.03 -38.86
N GLN C 229 24.91 -5.59 -39.72
CA GLN C 229 25.64 -4.35 -39.48
C GLN C 229 24.69 -3.16 -39.47
N GLU C 230 23.74 -3.15 -40.39
CA GLU C 230 22.77 -2.08 -40.48
C GLU C 230 21.89 -2.04 -39.23
N ILE C 231 21.52 -3.22 -38.73
CA ILE C 231 20.71 -3.32 -37.53
C ILE C 231 21.50 -2.69 -36.38
N ALA C 232 22.75 -3.12 -36.22
CA ALA C 232 23.62 -2.61 -35.17
C ALA C 232 23.73 -1.09 -35.26
N ARG C 233 23.86 -0.59 -36.48
CA ARG C 233 23.96 0.86 -36.70
C ARG C 233 22.67 1.55 -36.28
N LYS C 234 21.53 1.02 -36.71
CA LYS C 234 20.23 1.61 -36.37
C LYS C 234 20.01 1.61 -34.86
N VAL C 235 20.41 0.53 -34.20
CA VAL C 235 20.26 0.42 -32.75
C VAL C 235 21.10 1.49 -32.06
N GLU C 236 22.35 1.61 -32.48
CA GLU C 236 23.24 2.60 -31.90
C GLU C 236 22.70 4.00 -32.16
N GLY C 237 22.12 4.19 -33.34
CA GLY C 237 21.57 5.49 -33.68
C GLY C 237 20.46 5.88 -32.74
N GLN C 238 19.59 4.93 -32.41
CA GLN C 238 18.48 5.19 -31.51
C GLN C 238 18.91 5.44 -30.08
N LEU C 239 19.92 4.71 -29.64
CA LEU C 239 20.42 4.84 -28.27
C LEU C 239 21.43 5.97 -28.13
N GLY C 240 22.03 6.36 -29.25
CA GLY C 240 23.03 7.41 -29.20
C GLY C 240 24.32 6.80 -28.69
N CYS C 241 24.32 5.48 -28.56
CA CYS C 241 25.49 4.75 -28.08
C CYS C 241 25.26 3.25 -28.25
N LYS C 242 26.26 2.45 -27.90
CA LYS C 242 26.16 1.00 -28.02
C LYS C 242 25.68 0.40 -26.69
N PRO C 243 24.71 -0.52 -26.75
CA PRO C 243 24.20 -1.13 -25.52
C PRO C 243 25.27 -1.98 -24.82
N GLU C 244 25.35 -1.87 -23.50
CA GLU C 244 26.33 -2.64 -22.74
C GLU C 244 25.95 -4.10 -22.75
N VAL C 245 24.67 -4.38 -22.96
CA VAL C 245 24.19 -5.75 -22.96
C VAL C 245 23.14 -5.99 -24.03
N THR C 246 23.25 -7.14 -24.70
CA THR C 246 22.28 -7.53 -25.71
C THR C 246 21.80 -8.90 -25.31
N ILE C 247 20.47 -9.08 -25.30
CA ILE C 247 19.90 -10.36 -24.95
C ILE C 247 19.15 -10.87 -26.18
N GLU C 248 19.75 -11.87 -26.83
CA GLU C 248 19.23 -12.47 -28.05
C GLU C 248 18.14 -13.49 -27.74
N CYS C 249 16.90 -13.17 -28.11
CA CYS C 249 15.77 -14.06 -27.86
C CYS C 249 15.05 -14.50 -29.12
N THR C 250 15.79 -14.76 -30.19
CA THR C 250 15.16 -15.20 -31.44
C THR C 250 15.80 -16.49 -31.94
N GLY C 251 17.10 -16.64 -31.69
CA GLY C 251 17.81 -17.82 -32.14
C GLY C 251 18.23 -17.70 -33.59
N ALA C 252 17.90 -16.57 -34.21
CA ALA C 252 18.24 -16.34 -35.62
C ALA C 252 19.69 -15.93 -35.77
N GLU C 253 20.39 -16.57 -36.70
CA GLU C 253 21.79 -16.26 -36.95
C GLU C 253 22.03 -14.78 -37.22
N ALA C 254 21.18 -14.19 -38.06
CA ALA C 254 21.30 -12.78 -38.40
C ALA C 254 21.21 -11.88 -37.17
N SER C 255 20.32 -12.23 -36.25
CA SER C 255 20.14 -11.45 -35.03
C SER C 255 21.36 -11.59 -34.12
N ILE C 256 21.91 -12.80 -34.06
CA ILE C 256 23.09 -13.03 -33.25
C ILE C 256 24.25 -12.20 -33.79
N GLN C 257 24.40 -12.17 -35.11
CA GLN C 257 25.46 -11.38 -35.72
C GLN C 257 25.25 -9.92 -35.39
N ALA C 258 24.00 -9.49 -35.46
CA ALA C 258 23.66 -8.09 -35.15
C ALA C 258 24.04 -7.78 -33.70
N GLY C 259 23.75 -8.72 -32.79
CA GLY C 259 24.09 -8.51 -31.39
C GLY C 259 25.59 -8.33 -31.20
N ILE C 260 26.39 -9.09 -31.95
CA ILE C 260 27.83 -8.98 -31.85
C ILE C 260 28.30 -7.60 -32.31
N TYR C 261 27.78 -7.15 -33.44
CA TYR C 261 28.15 -5.85 -33.99
C TYR C 261 27.65 -4.68 -33.14
N ALA C 262 26.49 -4.85 -32.51
CA ALA C 262 25.89 -3.79 -31.71
C ALA C 262 26.39 -3.59 -30.28
N THR C 263 26.75 -4.69 -29.61
CA THR C 263 27.20 -4.61 -28.23
C THR C 263 28.49 -3.84 -27.97
N ARG C 264 28.46 -2.98 -26.95
CA ARG C 264 29.61 -2.16 -26.57
C ARG C 264 30.79 -3.04 -26.17
N SER C 265 32.00 -2.56 -26.41
CA SER C 265 33.20 -3.32 -26.05
C SER C 265 33.17 -3.59 -24.57
N GLY C 266 33.55 -4.80 -24.18
CA GLY C 266 33.55 -5.15 -22.77
C GLY C 266 32.16 -5.54 -22.31
N GLY C 267 31.20 -5.46 -23.22
CA GLY C 267 29.82 -5.81 -22.89
C GLY C 267 29.54 -7.30 -22.96
N THR C 268 28.26 -7.65 -22.90
CA THR C 268 27.85 -9.04 -22.95
C THR C 268 26.68 -9.32 -23.89
N LEU C 269 26.82 -10.36 -24.69
CA LEU C 269 25.78 -10.82 -25.59
C LEU C 269 25.28 -12.13 -24.99
N VAL C 270 24.03 -12.12 -24.54
CA VAL C 270 23.42 -13.30 -23.95
C VAL C 270 22.59 -14.03 -25.00
N LEU C 271 22.82 -15.33 -25.14
CA LEU C 271 22.10 -16.12 -26.13
C LEU C 271 21.02 -16.95 -25.46
N VAL C 272 19.78 -16.52 -25.63
CA VAL C 272 18.64 -17.22 -25.05
C VAL C 272 17.96 -18.04 -26.14
N GLY C 273 17.71 -17.42 -27.29
CA GLY C 273 17.06 -18.09 -28.38
C GLY C 273 17.78 -19.35 -28.84
N LEU C 274 17.02 -20.39 -29.15
CA LEU C 274 17.56 -21.65 -29.63
C LEU C 274 17.47 -21.69 -31.14
N GLY C 275 18.61 -21.83 -31.81
CA GLY C 275 18.62 -21.88 -33.25
C GLY C 275 19.07 -23.24 -33.76
N SER C 276 19.87 -23.24 -34.82
CA SER C 276 20.38 -24.47 -35.39
C SER C 276 21.70 -24.86 -34.72
N GLU C 277 22.08 -26.13 -34.87
CA GLU C 277 23.31 -26.63 -34.28
C GLU C 277 24.54 -25.77 -34.55
N MET C 278 24.73 -25.39 -35.81
CA MET C 278 25.87 -24.57 -36.19
C MET C 278 25.45 -23.15 -36.53
N THR C 279 26.34 -22.20 -36.26
CA THR C 279 26.07 -20.80 -36.53
C THR C 279 27.30 -20.10 -37.05
N THR C 280 27.15 -19.31 -38.11
CA THR C 280 28.27 -18.56 -38.67
C THR C 280 28.17 -17.16 -38.11
N VAL C 281 29.18 -16.75 -37.36
CA VAL C 281 29.17 -15.43 -36.74
C VAL C 281 30.55 -14.79 -36.72
N PRO C 282 30.58 -13.46 -36.56
CA PRO C 282 31.86 -12.74 -36.52
C PRO C 282 32.46 -12.84 -35.13
N LEU C 283 32.91 -14.04 -34.75
CA LEU C 283 33.51 -14.26 -33.44
C LEU C 283 34.67 -13.30 -33.20
N LEU C 284 35.52 -13.17 -34.21
CA LEU C 284 36.68 -12.29 -34.12
C LEU C 284 36.30 -10.88 -33.64
N HIS C 285 35.24 -10.34 -34.22
CA HIS C 285 34.77 -9.01 -33.87
C HIS C 285 34.42 -8.93 -32.38
N ALA C 286 33.71 -9.94 -31.90
CA ALA C 286 33.31 -9.99 -30.50
C ALA C 286 34.51 -10.19 -29.59
N ALA C 287 35.33 -11.19 -29.91
CA ALA C 287 36.51 -11.51 -29.12
C ALA C 287 37.48 -10.34 -29.00
N ILE C 288 37.76 -9.68 -30.12
CA ILE C 288 38.67 -8.54 -30.17
C ILE C 288 38.23 -7.35 -29.33
N ARG C 289 36.92 -7.21 -29.11
CA ARG C 289 36.41 -6.09 -28.33
C ARG C 289 35.94 -6.60 -26.96
N GLU C 290 36.33 -7.84 -26.64
CA GLU C 290 35.96 -8.50 -25.41
C GLU C 290 34.47 -8.39 -25.12
N VAL C 291 33.67 -8.71 -26.13
CA VAL C 291 32.22 -8.73 -25.97
C VAL C 291 31.98 -10.20 -25.66
N ASP C 292 31.65 -10.49 -24.40
CA ASP C 292 31.42 -11.86 -23.99
C ASP C 292 30.13 -12.41 -24.58
N ILE C 293 30.18 -13.70 -24.91
CA ILE C 293 29.03 -14.39 -25.45
C ILE C 293 28.65 -15.44 -24.43
N LYS C 294 27.52 -15.21 -23.75
CA LYS C 294 27.07 -16.12 -22.71
C LYS C 294 25.71 -16.73 -23.00
N GLY C 295 25.65 -18.05 -22.93
CA GLY C 295 24.41 -18.75 -23.19
C GLY C 295 23.57 -18.89 -21.94
N VAL C 296 22.32 -19.29 -22.14
CA VAL C 296 21.39 -19.49 -21.05
C VAL C 296 20.71 -20.84 -21.20
N PHE C 297 20.68 -21.62 -20.12
CA PHE C 297 19.98 -22.88 -20.15
C PHE C 297 18.96 -22.82 -19.03
N ARG C 298 17.78 -22.34 -19.38
CA ARG C 298 16.69 -22.19 -18.44
C ARG C 298 16.97 -21.22 -17.30
N TYR C 299 17.21 -21.72 -16.09
CA TYR C 299 17.41 -20.82 -14.96
C TYR C 299 17.75 -21.53 -13.66
N CYS C 300 18.21 -20.77 -12.67
CA CYS C 300 18.50 -21.32 -11.35
C CYS C 300 18.37 -20.20 -10.33
N ASN C 301 17.75 -20.51 -9.20
CA ASN C 301 17.56 -19.55 -8.11
C ASN C 301 16.81 -18.29 -8.54
N THR C 302 15.66 -18.47 -9.18
CA THR C 302 14.85 -17.33 -9.65
C THR C 302 13.43 -17.31 -9.10
N TRP C 303 12.95 -18.43 -8.56
CA TRP C 303 11.57 -18.47 -8.06
C TRP C 303 11.33 -17.57 -6.85
N PRO C 304 12.17 -17.66 -5.81
CA PRO C 304 11.95 -16.79 -4.65
C PRO C 304 12.01 -15.31 -5.06
N VAL C 305 12.97 -14.97 -5.91
CA VAL C 305 13.11 -13.60 -6.39
C VAL C 305 11.91 -13.16 -7.22
N ALA C 306 11.45 -14.03 -8.11
CA ALA C 306 10.30 -13.71 -8.94
C ALA C 306 9.09 -13.45 -8.04
N ILE C 307 8.91 -14.32 -7.05
CA ILE C 307 7.80 -14.18 -6.12
C ILE C 307 7.90 -12.86 -5.36
N SER C 308 9.12 -12.48 -4.96
CA SER C 308 9.28 -11.22 -4.23
C SER C 308 8.93 -10.03 -5.13
N MET C 309 9.31 -10.10 -6.40
N MET C 309 9.31 -10.13 -6.40
CA MET C 309 9.00 -8.99 -7.32
CA MET C 309 9.04 -9.09 -7.39
C MET C 309 7.50 -8.91 -7.57
C MET C 309 7.53 -8.92 -7.59
N LEU C 310 6.85 -10.06 -7.70
CA LEU C 310 5.39 -10.09 -7.92
C LEU C 310 4.60 -9.64 -6.70
N ALA C 311 5.02 -10.11 -5.53
CA ALA C 311 4.35 -9.77 -4.28
C ALA C 311 4.48 -8.28 -3.96
N SER C 312 5.59 -7.69 -4.39
CA SER C 312 5.84 -6.27 -4.14
C SER C 312 5.37 -5.40 -5.29
N LYS C 313 4.77 -6.05 -6.29
CA LYS C 313 4.27 -5.35 -7.47
C LYS C 313 5.38 -4.56 -8.16
N SER C 314 6.57 -5.12 -8.19
CA SER C 314 7.71 -4.46 -8.83
C SER C 314 7.68 -4.71 -10.33
N VAL C 315 6.95 -5.74 -10.73
CA VAL C 315 6.83 -6.08 -12.14
C VAL C 315 5.40 -6.55 -12.39
N ASN C 316 4.92 -6.35 -13.61
CA ASN C 316 3.57 -6.78 -13.96
C ASN C 316 3.62 -7.63 -15.22
N VAL C 317 3.41 -8.93 -15.04
CA VAL C 317 3.43 -9.88 -16.14
C VAL C 317 2.03 -10.21 -16.64
N LYS C 318 1.01 -9.77 -15.91
CA LYS C 318 -0.37 -10.05 -16.30
C LYS C 318 -0.69 -9.71 -17.75
N PRO C 319 -0.17 -8.56 -18.27
CA PRO C 319 -0.43 -8.20 -19.66
C PRO C 319 0.02 -9.25 -20.68
N LEU C 320 0.87 -10.17 -20.25
CA LEU C 320 1.37 -11.22 -21.13
C LEU C 320 0.32 -12.28 -21.46
N VAL C 321 -0.65 -12.47 -20.57
CA VAL C 321 -1.69 -13.46 -20.80
C VAL C 321 -2.70 -12.90 -21.80
N THR C 322 -2.77 -13.52 -22.98
CA THR C 322 -3.69 -13.07 -24.01
C THR C 322 -4.87 -14.03 -24.19
N HIS C 323 -4.83 -15.18 -23.53
CA HIS C 323 -5.91 -16.14 -23.65
C HIS C 323 -5.82 -17.24 -22.60
N ARG C 324 -6.99 -17.71 -22.15
CA ARG C 324 -7.04 -18.80 -21.19
C ARG C 324 -8.14 -19.78 -21.59
N PHE C 325 -7.85 -21.07 -21.43
CA PHE C 325 -8.78 -22.14 -21.78
C PHE C 325 -8.76 -23.18 -20.66
N PRO C 326 -9.86 -23.94 -20.52
CA PRO C 326 -9.84 -24.96 -19.47
C PRO C 326 -8.98 -26.08 -20.05
N LEU C 327 -8.42 -26.94 -19.19
CA LEU C 327 -7.58 -28.03 -19.67
C LEU C 327 -8.21 -28.80 -20.82
N GLU C 328 -9.52 -29.05 -20.71
CA GLU C 328 -10.25 -29.82 -21.72
C GLU C 328 -10.22 -29.23 -23.13
N LYS C 329 -9.92 -27.94 -23.24
CA LYS C 329 -9.84 -27.32 -24.56
C LYS C 329 -8.39 -27.13 -24.99
N ALA C 330 -7.51 -27.98 -24.48
CA ALA C 330 -6.09 -27.92 -24.82
C ALA C 330 -5.82 -27.91 -26.32
N LEU C 331 -6.54 -28.72 -27.09
CA LEU C 331 -6.33 -28.76 -28.53
C LEU C 331 -6.61 -27.39 -29.15
N GLU C 332 -7.72 -26.78 -28.75
CA GLU C 332 -8.07 -25.47 -29.25
C GLU C 332 -6.99 -24.47 -28.85
N ALA C 333 -6.48 -24.61 -27.62
CA ALA C 333 -5.44 -23.73 -27.11
C ALA C 333 -4.16 -23.84 -27.95
N PHE C 334 -3.78 -25.06 -28.32
CA PHE C 334 -2.59 -25.28 -29.12
C PHE C 334 -2.77 -24.74 -30.54
N GLU C 335 -3.98 -24.88 -31.08
CA GLU C 335 -4.25 -24.38 -32.42
C GLU C 335 -4.21 -22.86 -32.39
N THR C 336 -4.66 -22.28 -31.29
CA THR C 336 -4.65 -20.83 -31.14
C THR C 336 -3.21 -20.35 -31.09
N PHE C 337 -2.38 -21.07 -30.35
CA PHE C 337 -0.96 -20.73 -30.25
C PHE C 337 -0.36 -20.68 -31.64
N LYS C 338 -0.66 -21.70 -32.43
CA LYS C 338 -0.15 -21.81 -33.78
C LYS C 338 -0.52 -20.60 -34.65
N LYS C 339 -1.60 -19.92 -34.29
CA LYS C 339 -2.03 -18.73 -35.05
C LYS C 339 -1.05 -17.59 -34.79
N GLY C 340 -0.31 -17.69 -33.69
CA GLY C 340 0.68 -16.69 -33.33
C GLY C 340 0.18 -15.26 -33.16
N LEU C 341 -1.10 -15.09 -32.88
CA LEU C 341 -1.65 -13.75 -32.71
C LEU C 341 -1.61 -13.28 -31.26
N GLY C 342 -1.25 -14.18 -30.35
CA GLY C 342 -1.19 -13.81 -28.94
C GLY C 342 0.20 -13.80 -28.36
N LEU C 343 0.28 -14.07 -27.06
CA LEU C 343 1.55 -14.09 -26.36
C LEU C 343 1.61 -15.32 -25.47
N LYS C 344 0.98 -15.25 -24.30
CA LYS C 344 0.96 -16.38 -23.39
C LYS C 344 -0.46 -16.91 -23.24
N ILE C 345 -0.62 -18.20 -23.47
CA ILE C 345 -1.92 -18.86 -23.34
C ILE C 345 -1.90 -19.70 -22.07
N MET C 346 -2.91 -19.51 -21.23
CA MET C 346 -3.04 -20.24 -19.97
C MET C 346 -4.06 -21.37 -20.04
N LEU C 347 -3.69 -22.52 -19.49
CA LEU C 347 -4.61 -23.65 -19.44
C LEU C 347 -5.03 -23.77 -17.98
N LYS C 348 -6.35 -23.86 -17.75
CA LYS C 348 -6.89 -23.93 -16.39
C LYS C 348 -7.32 -25.37 -16.09
N CYS C 349 -6.53 -26.04 -15.25
CA CYS C 349 -6.74 -27.43 -14.90
C CYS C 349 -7.67 -27.77 -13.73
N ASP C 350 -8.01 -26.77 -12.93
CA ASP C 350 -8.87 -27.02 -11.76
C ASP C 350 -10.31 -26.59 -12.03
N PRO C 351 -11.22 -27.56 -12.22
CA PRO C 351 -12.63 -27.22 -12.48
C PRO C 351 -13.29 -26.37 -11.41
N SER C 352 -12.78 -26.44 -10.17
CA SER C 352 -13.37 -25.66 -9.08
C SER C 352 -12.95 -24.20 -9.05
N ASP C 353 -12.01 -23.82 -9.91
CA ASP C 353 -11.54 -22.43 -9.97
C ASP C 353 -10.82 -22.17 -11.29
N GLN C 354 -11.55 -21.53 -12.20
CA GLN C 354 -11.05 -21.19 -13.53
C GLN C 354 -10.60 -19.74 -13.61
N ASN C 355 -10.54 -19.07 -12.47
CA ASN C 355 -10.13 -17.67 -12.41
C ASN C 355 -8.62 -17.53 -12.46
N PRO C 356 -8.12 -16.31 -12.77
CA PRO C 356 -6.67 -16.05 -12.85
C PRO C 356 -5.96 -16.47 -11.57
N ALA D 1 38.43 53.81 -19.70
CA ALA D 1 38.60 52.62 -18.83
C ALA D 1 38.07 51.37 -19.52
N ALA D 2 38.73 50.23 -19.25
CA ALA D 2 38.32 48.97 -19.85
C ALA D 2 37.03 48.45 -19.22
N ALA D 3 36.39 47.51 -19.89
CA ALA D 3 35.15 46.92 -19.39
C ALA D 3 35.43 46.23 -18.06
N ALA D 4 34.39 46.09 -17.25
CA ALA D 4 34.53 45.44 -15.96
C ALA D 4 34.88 43.97 -16.17
N LYS D 5 35.78 43.45 -15.37
CA LYS D 5 36.17 42.04 -15.48
C LYS D 5 35.19 41.18 -14.71
N PRO D 6 35.13 39.88 -15.04
CA PRO D 6 34.20 39.04 -14.30
C PRO D 6 34.74 38.86 -12.89
N ASN D 7 33.91 38.35 -11.98
CA ASN D 7 34.35 38.13 -10.61
C ASN D 7 34.27 36.64 -10.29
N ASN D 8 34.90 36.26 -9.19
CA ASN D 8 34.84 34.87 -8.77
C ASN D 8 34.62 34.84 -7.26
N LEU D 9 33.48 35.40 -6.84
CA LEU D 9 33.09 35.41 -5.44
C LEU D 9 33.07 33.95 -5.01
N SER D 10 33.69 33.66 -3.88
CA SER D 10 33.77 32.29 -3.38
C SER D 10 33.41 32.18 -1.91
N LEU D 11 32.88 31.02 -1.53
CA LEU D 11 32.53 30.77 -0.14
C LEU D 11 33.75 30.08 0.46
N VAL D 12 34.39 30.78 1.39
CA VAL D 12 35.62 30.27 1.99
C VAL D 12 35.61 30.08 3.49
N VAL D 13 36.14 28.95 3.95
N VAL D 13 36.14 28.95 3.95
CA VAL D 13 36.23 28.69 5.38
CA VAL D 13 36.23 28.68 5.39
C VAL D 13 37.67 29.00 5.80
C VAL D 13 37.67 28.98 5.81
N HIS D 14 37.82 29.93 6.72
CA HIS D 14 39.14 30.32 7.21
C HIS D 14 39.52 29.55 8.46
N GLY D 15 38.50 29.10 9.17
CA GLY D 15 38.72 28.34 10.39
C GLY D 15 37.40 28.09 11.06
N PRO D 16 37.41 27.48 12.25
CA PRO D 16 36.18 27.19 12.99
C PRO D 16 35.28 28.42 13.08
N GLY D 17 34.04 28.28 12.62
CA GLY D 17 33.09 29.38 12.66
C GLY D 17 33.49 30.62 11.87
N ASP D 18 34.44 30.48 10.95
CA ASP D 18 34.87 31.63 10.16
C ASP D 18 34.59 31.43 8.67
N LEU D 19 33.37 31.78 8.26
CA LEU D 19 32.93 31.64 6.87
C LEU D 19 32.88 33.00 6.20
N ARG D 20 33.47 33.11 5.01
CA ARG D 20 33.51 34.38 4.30
C ARG D 20 33.26 34.28 2.81
N LEU D 21 32.63 35.31 2.25
CA LEU D 21 32.39 35.39 0.82
C LEU D 21 33.47 36.36 0.36
N GLU D 22 34.39 35.87 -0.46
CA GLU D 22 35.48 36.71 -0.94
C GLU D 22 35.80 36.41 -2.39
N ASN D 23 36.38 37.39 -3.08
CA ASN D 23 36.72 37.21 -4.48
C ASN D 23 38.04 36.49 -4.71
N TYR D 24 38.04 35.62 -5.72
CA TYR D 24 39.22 34.85 -6.09
C TYR D 24 39.54 35.14 -7.55
N PRO D 25 40.79 34.89 -7.96
CA PRO D 25 41.16 35.13 -9.36
C PRO D 25 40.34 34.20 -10.23
N ILE D 26 40.23 34.51 -11.52
CA ILE D 26 39.49 33.64 -12.42
C ILE D 26 40.47 32.55 -12.87
N PRO D 27 40.14 31.27 -12.57
CA PRO D 27 41.06 30.17 -12.96
C PRO D 27 41.30 30.10 -14.46
N GLU D 28 42.49 29.65 -14.84
CA GLU D 28 42.84 29.49 -16.24
C GLU D 28 43.02 27.98 -16.42
N PRO D 29 42.23 27.37 -17.30
CA PRO D 29 42.33 25.92 -17.53
C PRO D 29 43.56 25.45 -18.30
N GLY D 30 44.17 24.37 -17.83
CA GLY D 30 45.31 23.79 -18.50
C GLY D 30 44.78 23.06 -19.72
N PRO D 31 45.65 22.40 -20.51
CA PRO D 31 45.27 21.65 -21.72
C PRO D 31 44.12 20.66 -21.60
N ASN D 32 44.04 19.96 -20.47
CA ASN D 32 42.97 18.97 -20.30
C ASN D 32 41.96 19.36 -19.23
N GLU D 33 41.77 20.67 -19.06
CA GLU D 33 40.80 21.16 -18.09
C GLU D 33 39.79 22.06 -18.78
N VAL D 34 38.68 22.31 -18.10
CA VAL D 34 37.66 23.19 -18.62
C VAL D 34 37.35 24.20 -17.53
N LEU D 35 36.98 25.40 -17.92
CA LEU D 35 36.62 26.43 -16.96
C LEU D 35 35.10 26.39 -16.94
N LEU D 36 34.52 26.24 -15.75
CA LEU D 36 33.08 26.19 -15.63
C LEU D 36 32.49 27.42 -14.97
N ARG D 37 31.36 27.88 -15.49
CA ARG D 37 30.64 28.99 -14.90
C ARG D 37 29.72 28.18 -13.99
N MET D 38 30.02 28.18 -12.70
CA MET D 38 29.24 27.39 -11.75
C MET D 38 27.76 27.81 -11.74
N HIS D 39 26.89 26.81 -11.62
CA HIS D 39 25.46 27.08 -11.61
C HIS D 39 24.80 26.64 -10.30
N SER D 40 24.79 25.34 -10.04
CA SER D 40 24.18 24.79 -8.83
C SER D 40 25.13 23.97 -7.98
N VAL D 41 25.16 24.25 -6.68
CA VAL D 41 26.03 23.53 -5.75
C VAL D 41 25.28 23.17 -4.48
N GLY D 42 25.09 21.87 -4.26
CA GLY D 42 24.40 21.46 -3.06
C GLY D 42 25.43 21.39 -1.93
N ILE D 43 25.00 21.63 -0.70
CA ILE D 43 25.94 21.54 0.41
C ILE D 43 25.53 20.35 1.26
N CYS D 44 26.46 19.83 2.06
CA CYS D 44 26.15 18.70 2.93
C CYS D 44 26.91 18.83 4.23
N GLY D 45 26.68 17.87 5.12
CA GLY D 45 27.32 17.88 6.42
C GLY D 45 28.82 18.11 6.41
N SER D 46 29.51 17.65 5.37
N SER D 46 29.50 17.64 5.37
CA SER D 46 30.94 17.81 5.27
CA SER D 46 30.94 17.81 5.27
C SER D 46 31.33 19.29 5.19
C SER D 46 31.33 19.29 5.19
N ASP D 47 30.64 20.03 4.32
CA ASP D 47 30.93 21.47 4.17
C ASP D 47 30.66 22.17 5.50
N VAL D 48 29.51 21.85 6.09
CA VAL D 48 29.11 22.46 7.35
C VAL D 48 30.08 22.11 8.49
N HIS D 49 30.58 20.89 8.48
CA HIS D 49 31.51 20.46 9.53
C HIS D 49 32.83 21.23 9.43
N TYR D 50 33.33 21.42 8.22
CA TYR D 50 34.57 22.17 8.05
C TYR D 50 34.39 23.58 8.56
N TRP D 51 33.20 24.13 8.34
CA TRP D 51 32.88 25.48 8.79
C TRP D 51 32.85 25.55 10.31
N GLU D 52 32.23 24.56 10.93
CA GLU D 52 32.11 24.53 12.38
C GLU D 52 33.38 24.14 13.11
N TYR D 53 34.04 23.09 12.64
CA TYR D 53 35.25 22.61 13.32
C TYR D 53 36.55 22.85 12.57
N GLY D 54 36.47 23.40 11.37
CA GLY D 54 37.67 23.67 10.61
C GLY D 54 38.42 22.40 10.25
N ARG D 55 37.73 21.26 10.36
CA ARG D 55 38.33 19.99 10.03
C ARG D 55 37.35 18.84 10.14
N ILE D 56 37.73 17.71 9.56
CA ILE D 56 36.94 16.48 9.61
C ILE D 56 37.99 15.38 9.72
N GLY D 57 38.05 14.74 10.88
CA GLY D 57 39.04 13.70 11.07
C GLY D 57 40.41 14.34 10.95
N ASN D 58 41.29 13.72 10.17
CA ASN D 58 42.63 14.25 9.98
C ASN D 58 42.72 15.27 8.85
N PHE D 59 41.59 15.52 8.19
CA PHE D 59 41.57 16.50 7.11
C PHE D 59 41.36 17.86 7.75
N ILE D 60 42.45 18.59 7.93
CA ILE D 60 42.41 19.90 8.58
C ILE D 60 42.61 21.08 7.65
N VAL D 61 41.78 22.10 7.82
CA VAL D 61 41.87 23.32 7.03
C VAL D 61 43.03 24.12 7.61
N LYS D 62 44.17 24.06 6.93
CA LYS D 62 45.36 24.77 7.39
C LYS D 62 45.49 26.14 6.75
N LYS D 63 44.76 26.34 5.65
CA LYS D 63 44.74 27.61 4.95
C LYS D 63 43.31 27.77 4.45
N PRO D 64 42.85 29.01 4.23
CA PRO D 64 41.47 29.20 3.76
C PRO D 64 41.12 28.26 2.62
N MET D 65 39.96 27.61 2.73
CA MET D 65 39.53 26.66 1.71
C MET D 65 38.13 26.96 1.18
N VAL D 66 37.99 26.94 -0.14
CA VAL D 66 36.69 27.19 -0.77
C VAL D 66 35.88 25.90 -0.58
N LEU D 67 34.62 26.04 -0.17
CA LEU D 67 33.75 24.89 0.06
C LEU D 67 32.99 24.49 -1.21
N GLY D 68 32.17 23.44 -1.10
CA GLY D 68 31.39 22.98 -2.23
C GLY D 68 32.01 21.85 -3.03
N HIS D 69 31.24 20.79 -3.27
CA HIS D 69 31.74 19.64 -4.02
C HIS D 69 30.63 18.84 -4.73
N GLU D 70 29.39 19.30 -4.64
CA GLU D 70 28.27 18.63 -5.29
C GLU D 70 27.74 19.64 -6.28
N ALA D 71 28.33 19.69 -7.47
CA ALA D 71 27.92 20.72 -8.40
C ALA D 71 27.77 20.43 -9.88
N SER D 72 27.20 21.42 -10.56
CA SER D 72 27.00 21.40 -11.99
C SER D 72 27.27 22.83 -12.46
N GLY D 73 27.51 22.99 -13.75
CA GLY D 73 27.78 24.31 -14.29
C GLY D 73 27.74 24.31 -15.79
N THR D 74 28.23 25.39 -16.39
CA THR D 74 28.26 25.54 -17.83
C THR D 74 29.71 25.74 -18.24
N VAL D 75 30.13 25.04 -19.29
CA VAL D 75 31.51 25.17 -19.76
C VAL D 75 31.69 26.58 -20.31
N GLU D 76 32.65 27.30 -19.76
CA GLU D 76 32.94 28.66 -20.19
C GLU D 76 34.07 28.64 -21.22
N LYS D 77 35.14 27.91 -20.89
CA LYS D 77 36.30 27.79 -21.75
C LYS D 77 36.91 26.39 -21.62
N VAL D 78 37.53 25.90 -22.70
CA VAL D 78 38.14 24.57 -22.67
C VAL D 78 39.63 24.62 -22.96
N GLY D 79 40.38 23.68 -22.38
CA GLY D 79 41.81 23.62 -22.60
C GLY D 79 42.11 23.18 -24.02
N SER D 80 43.33 23.47 -24.49
CA SER D 80 43.74 23.12 -25.84
C SER D 80 43.60 21.66 -26.22
N SER D 81 43.57 20.77 -25.24
CA SER D 81 43.45 19.34 -25.54
C SER D 81 42.06 18.75 -25.34
N VAL D 82 41.10 19.58 -24.93
CA VAL D 82 39.73 19.09 -24.70
C VAL D 82 38.94 18.94 -25.99
N LYS D 83 38.39 17.75 -26.23
CA LYS D 83 37.62 17.50 -27.44
C LYS D 83 36.17 17.09 -27.21
N HIS D 84 35.86 16.54 -26.03
CA HIS D 84 34.50 16.11 -25.77
C HIS D 84 33.58 17.16 -25.16
N LEU D 85 34.12 18.34 -24.87
CA LEU D 85 33.34 19.42 -24.29
C LEU D 85 33.61 20.72 -25.03
N LYS D 86 32.63 21.62 -25.03
CA LYS D 86 32.77 22.91 -25.71
C LYS D 86 32.05 23.97 -24.90
N PRO D 87 32.39 25.26 -25.11
CA PRO D 87 31.73 26.33 -24.37
C PRO D 87 30.22 26.20 -24.52
N GLY D 88 29.49 26.43 -23.44
CA GLY D 88 28.05 26.33 -23.50
C GLY D 88 27.49 24.99 -23.04
N ASP D 89 28.32 23.96 -22.98
CA ASP D 89 27.84 22.65 -22.53
C ASP D 89 27.48 22.69 -21.06
N ARG D 90 26.32 22.14 -20.72
CA ARG D 90 25.88 22.06 -19.34
C ARG D 90 26.49 20.77 -18.81
N VAL D 91 27.22 20.85 -17.70
CA VAL D 91 27.88 19.66 -17.17
C VAL D 91 27.74 19.44 -15.66
N ALA D 92 27.87 18.18 -15.27
CA ALA D 92 27.85 17.78 -13.88
C ALA D 92 29.33 17.56 -13.57
N ILE D 93 29.76 17.97 -12.39
CA ILE D 93 31.16 17.86 -12.00
C ILE D 93 31.41 16.77 -10.97
N GLU D 94 32.26 15.80 -11.31
CA GLU D 94 32.62 14.74 -10.37
C GLU D 94 33.83 15.33 -9.62
N PRO D 95 33.66 15.63 -8.32
CA PRO D 95 34.69 16.21 -7.46
C PRO D 95 36.04 15.50 -7.30
N GLY D 96 36.03 14.17 -7.37
CA GLY D 96 37.27 13.43 -7.22
C GLY D 96 37.94 13.16 -8.56
N ALA D 97 39.09 13.78 -8.77
CA ALA D 97 39.85 13.62 -10.01
C ALA D 97 41.27 13.19 -9.66
N PRO D 98 41.66 11.98 -10.07
CA PRO D 98 43.00 11.46 -9.79
C PRO D 98 44.11 12.36 -10.36
N ARG D 99 45.19 12.52 -9.60
CA ARG D 99 46.31 13.32 -10.06
C ARG D 99 47.29 12.45 -10.86
N GLU D 100 47.29 11.15 -10.60
CA GLU D 100 48.18 10.27 -11.33
C GLU D 100 47.53 8.92 -11.63
N ASN D 101 47.94 8.31 -12.73
CA ASN D 101 47.39 7.03 -13.13
C ASN D 101 48.08 5.89 -12.39
N ASP D 102 47.81 5.78 -11.09
CA ASP D 102 48.40 4.74 -10.26
C ASP D 102 47.67 3.42 -10.44
N GLU D 103 48.05 2.40 -9.69
N GLU D 103 48.05 2.41 -9.67
CA GLU D 103 47.41 1.10 -9.82
CA GLU D 103 47.44 1.09 -9.73
C GLU D 103 45.92 1.11 -9.48
C GLU D 103 45.94 1.12 -9.48
N PHE D 104 45.50 1.99 -8.59
CA PHE D 104 44.09 2.09 -8.24
C PHE D 104 43.28 2.56 -9.44
N CYS D 105 43.79 3.58 -10.14
CA CYS D 105 43.10 4.08 -11.32
C CYS D 105 43.08 3.03 -12.43
N LYS D 106 44.23 2.40 -12.66
CA LYS D 106 44.30 1.38 -13.71
C LYS D 106 43.37 0.20 -13.46
N MET D 107 43.21 -0.18 -12.19
N MET D 107 43.21 -0.17 -12.21
CA MET D 107 42.35 -1.31 -11.84
CA MET D 107 42.35 -1.30 -11.86
C MET D 107 40.86 -0.93 -11.82
C MET D 107 40.87 -0.92 -11.79
N GLY D 108 40.56 0.35 -12.05
CA GLY D 108 39.17 0.78 -12.04
C GLY D 108 38.59 1.26 -10.73
N ARG D 109 39.44 1.54 -9.76
CA ARG D 109 38.99 2.02 -8.46
C ARG D 109 39.72 3.32 -8.12
N TYR D 110 39.63 4.29 -9.03
CA TYR D 110 40.32 5.56 -8.83
C TYR D 110 39.94 6.29 -7.54
N ASN D 111 38.78 5.97 -6.96
CA ASN D 111 38.37 6.64 -5.72
C ASN D 111 39.36 6.38 -4.59
N LEU D 112 40.09 5.28 -4.71
CA LEU D 112 41.07 4.91 -3.69
C LEU D 112 42.48 5.45 -3.99
N SER D 113 42.63 6.15 -5.10
CA SER D 113 43.95 6.73 -5.44
C SER D 113 44.35 7.69 -4.32
N PRO D 114 45.48 7.41 -3.65
CA PRO D 114 46.01 8.22 -2.55
C PRO D 114 46.21 9.71 -2.83
N SER D 115 46.60 10.04 -4.05
CA SER D 115 46.84 11.44 -4.40
C SER D 115 45.67 12.09 -5.13
N ILE D 116 44.48 11.52 -4.99
CA ILE D 116 43.32 12.08 -5.68
C ILE D 116 42.98 13.49 -5.21
N PHE D 117 42.55 14.31 -6.15
CA PHE D 117 42.14 15.68 -5.86
C PHE D 117 40.64 15.58 -5.57
N PHE D 118 40.17 16.27 -4.53
CA PHE D 118 38.76 16.23 -4.21
C PHE D 118 38.26 17.58 -3.67
N CYS D 119 37.35 18.19 -4.42
CA CYS D 119 36.77 19.48 -4.04
C CYS D 119 36.36 19.60 -2.59
N ALA D 120 36.77 20.70 -1.96
CA ALA D 120 36.39 21.00 -0.59
C ALA D 120 36.87 20.07 0.52
N THR D 121 37.87 19.25 0.21
CA THR D 121 38.45 18.39 1.24
C THR D 121 39.86 18.96 1.30
N PRO D 122 40.21 19.64 2.39
CA PRO D 122 41.54 20.23 2.54
C PRO D 122 42.67 19.29 2.08
N PRO D 123 43.66 19.84 1.37
CA PRO D 123 43.79 21.25 0.98
C PRO D 123 43.22 21.63 -0.38
N ASP D 124 42.32 20.83 -0.94
CA ASP D 124 41.77 21.13 -2.26
C ASP D 124 40.53 22.04 -2.23
N ASP D 125 40.61 23.18 -2.90
CA ASP D 125 39.50 24.13 -2.95
C ASP D 125 38.28 23.57 -3.68
N GLY D 126 37.10 23.84 -3.11
CA GLY D 126 35.85 23.39 -3.68
C GLY D 126 35.34 24.28 -4.80
N ASN D 127 34.10 24.06 -5.21
CA ASN D 127 33.52 24.83 -6.30
C ASN D 127 32.33 25.73 -5.99
N LEU D 128 32.20 26.16 -4.74
CA LEU D 128 31.12 27.07 -4.36
C LEU D 128 31.64 28.46 -4.70
N CYS D 129 31.56 28.81 -5.97
CA CYS D 129 32.07 30.09 -6.46
C CYS D 129 31.52 30.35 -7.85
N ARG D 130 32.02 31.39 -8.51
CA ARG D 130 31.56 31.75 -9.85
C ARG D 130 32.20 30.92 -10.96
N PHE D 131 33.53 30.85 -10.93
CA PHE D 131 34.27 30.12 -11.96
C PHE D 131 35.20 29.12 -11.31
N TYR D 132 35.20 27.92 -11.86
CA TYR D 132 36.00 26.82 -11.33
C TYR D 132 36.53 25.97 -12.48
N LYS D 133 37.81 25.59 -12.42
CA LYS D 133 38.36 24.75 -13.47
C LYS D 133 38.47 23.33 -12.94
N HIS D 134 38.34 22.36 -13.81
CA HIS D 134 38.35 20.97 -13.41
C HIS D 134 38.83 20.09 -14.55
N ASN D 135 39.39 18.93 -14.22
CA ASN D 135 39.83 18.01 -15.24
C ASN D 135 38.64 17.68 -16.14
N ALA D 136 38.82 17.85 -17.44
CA ALA D 136 37.74 17.62 -18.41
C ALA D 136 37.14 16.22 -18.39
N ALA D 137 37.95 15.22 -18.06
CA ALA D 137 37.45 13.86 -18.03
C ALA D 137 36.42 13.69 -16.91
N PHE D 138 36.46 14.57 -15.92
CA PHE D 138 35.51 14.47 -14.81
C PHE D 138 34.37 15.49 -14.80
N CYS D 139 34.03 15.98 -15.97
CA CYS D 139 32.92 16.89 -16.19
C CYS D 139 32.11 16.14 -17.24
N TYR D 140 30.85 15.87 -16.93
CA TYR D 140 30.01 15.11 -17.86
C TYR D 140 28.86 15.95 -18.36
N LYS D 141 28.65 15.91 -19.67
N LYS D 141 28.65 15.93 -19.68
CA LYS D 141 27.57 16.68 -20.28
CA LYS D 141 27.58 16.71 -20.27
C LYS D 141 26.21 16.18 -19.82
C LYS D 141 26.22 16.18 -19.86
N LEU D 142 25.33 17.11 -19.51
CA LEU D 142 23.99 16.78 -19.07
C LEU D 142 23.03 16.87 -20.25
N PRO D 143 22.11 15.91 -20.37
CA PRO D 143 21.15 15.93 -21.47
C PRO D 143 20.23 17.13 -21.21
N ASP D 144 19.56 17.64 -22.24
CA ASP D 144 18.68 18.79 -22.08
C ASP D 144 17.56 18.56 -21.07
N ASN D 145 17.14 17.30 -20.92
CA ASN D 145 16.04 16.98 -20.02
C ASN D 145 16.48 16.69 -18.60
N VAL D 146 17.70 17.08 -18.25
CA VAL D 146 18.22 16.90 -16.90
C VAL D 146 18.64 18.28 -16.39
N THR D 147 18.05 18.72 -15.29
CA THR D 147 18.34 20.04 -14.75
C THR D 147 19.70 20.18 -14.08
N PHE D 148 20.10 21.42 -13.83
CA PHE D 148 21.37 21.69 -13.18
C PHE D 148 21.36 21.14 -11.76
N GLU D 149 20.26 21.31 -11.05
CA GLU D 149 20.19 20.81 -9.68
C GLU D 149 20.27 19.28 -9.66
N GLU D 150 19.69 18.63 -10.66
CA GLU D 150 19.77 17.17 -10.73
C GLU D 150 21.25 16.84 -10.95
N GLY D 151 21.91 17.62 -11.79
CA GLY D 151 23.33 17.41 -12.07
C GLY D 151 24.14 17.53 -10.78
N ALA D 152 23.76 18.49 -9.94
CA ALA D 152 24.44 18.71 -8.67
C ALA D 152 24.14 17.54 -7.74
N LEU D 153 22.91 17.04 -7.80
CA LEU D 153 22.49 15.93 -6.95
C LEU D 153 23.13 14.60 -7.32
N ILE D 154 23.83 14.55 -8.46
CA ILE D 154 24.49 13.32 -8.86
C ILE D 154 25.57 12.94 -7.85
N GLU D 155 26.16 13.94 -7.21
CA GLU D 155 27.22 13.68 -6.23
C GLU D 155 26.70 12.83 -5.06
N PRO D 156 25.65 13.29 -4.36
CA PRO D 156 25.15 12.45 -3.25
C PRO D 156 24.52 11.15 -3.76
N LEU D 157 23.86 11.22 -4.91
CA LEU D 157 23.24 10.04 -5.48
C LEU D 157 24.30 8.98 -5.77
N SER D 158 25.48 9.43 -6.19
CA SER D 158 26.59 8.53 -6.50
C SER D 158 27.05 7.76 -5.26
N VAL D 159 26.90 8.36 -4.09
CA VAL D 159 27.28 7.66 -2.86
C VAL D 159 26.33 6.47 -2.74
N GLY D 160 25.05 6.69 -3.08
CA GLY D 160 24.08 5.63 -3.01
C GLY D 160 24.32 4.58 -4.08
N ILE D 161 24.70 5.01 -5.27
CA ILE D 161 24.97 4.09 -6.36
C ILE D 161 26.16 3.20 -6.00
N HIS D 162 27.23 3.83 -5.54
CA HIS D 162 28.44 3.09 -5.15
C HIS D 162 28.14 2.12 -4.01
N ALA D 163 27.39 2.60 -3.01
CA ALA D 163 27.05 1.78 -1.85
C ALA D 163 26.24 0.54 -2.23
N CYS D 164 25.23 0.72 -3.07
CA CYS D 164 24.41 -0.42 -3.47
C CYS D 164 25.22 -1.41 -4.32
N ARG D 165 26.16 -0.88 -5.11
CA ARG D 165 27.01 -1.73 -5.93
C ARG D 165 27.89 -2.58 -5.02
N ARG D 166 28.51 -1.91 -4.06
CA ARG D 166 29.39 -2.59 -3.11
C ARG D 166 28.60 -3.61 -2.29
N GLY D 167 27.32 -3.35 -2.08
CA GLY D 167 26.49 -4.27 -1.32
C GLY D 167 25.94 -5.41 -2.16
N GLY D 168 26.00 -5.26 -3.47
CA GLY D 168 25.48 -6.29 -4.36
C GLY D 168 23.96 -6.26 -4.41
N VAL D 169 23.37 -5.10 -4.15
CA VAL D 169 21.92 -4.99 -4.18
C VAL D 169 21.42 -5.35 -5.58
N THR D 170 20.42 -6.22 -5.65
CA THR D 170 19.90 -6.58 -6.95
C THR D 170 18.43 -7.00 -6.92
N LEU D 171 17.94 -7.45 -8.06
CA LEU D 171 16.54 -7.85 -8.22
C LEU D 171 15.94 -8.75 -7.12
N GLY D 172 14.84 -8.30 -6.54
CA GLY D 172 14.16 -9.08 -5.52
C GLY D 172 14.67 -8.97 -4.09
N HIS D 173 15.80 -8.30 -3.91
CA HIS D 173 16.38 -8.16 -2.57
C HIS D 173 15.53 -7.40 -1.58
N LYS D 174 15.75 -7.72 -0.30
CA LYS D 174 15.12 -7.06 0.82
C LYS D 174 16.32 -6.29 1.36
N VAL D 175 16.24 -4.97 1.36
CA VAL D 175 17.35 -4.15 1.81
C VAL D 175 17.04 -3.29 3.02
N LEU D 176 17.97 -3.27 3.96
CA LEU D 176 17.84 -2.45 5.16
C LEU D 176 18.76 -1.25 5.02
N VAL D 177 18.19 -0.04 5.13
CA VAL D 177 18.99 1.17 5.05
C VAL D 177 18.89 1.84 6.42
N CYS D 178 20.02 1.93 7.12
CA CYS D 178 20.05 2.56 8.43
C CYS D 178 20.34 4.05 8.28
N GLY D 179 19.36 4.88 8.64
CA GLY D 179 19.54 6.32 8.51
C GLY D 179 18.74 6.87 7.36
N ALA D 180 18.00 7.94 7.62
CA ALA D 180 17.18 8.57 6.59
C ALA D 180 17.65 9.99 6.29
N GLY D 181 18.95 10.21 6.42
CA GLY D 181 19.52 11.51 6.10
C GLY D 181 19.59 11.51 4.58
N PRO D 182 20.12 12.55 3.94
CA PRO D 182 20.17 12.52 2.48
C PRO D 182 20.90 11.30 1.90
N ILE D 183 21.88 10.78 2.62
CA ILE D 183 22.62 9.60 2.12
C ILE D 183 21.75 8.35 2.16
N GLY D 184 21.02 8.17 3.26
CA GLY D 184 20.15 7.01 3.36
C GLY D 184 19.05 7.15 2.31
N MET D 185 18.62 8.37 2.06
N MET D 185 18.64 8.38 2.06
CA MET D 185 17.56 8.61 1.09
CA MET D 185 17.59 8.69 1.09
C MET D 185 17.96 8.27 -0.35
C MET D 185 17.96 8.28 -0.33
N VAL D 186 19.15 8.68 -0.77
CA VAL D 186 19.59 8.35 -2.13
C VAL D 186 19.84 6.84 -2.22
N THR D 187 20.29 6.24 -1.13
CA THR D 187 20.55 4.81 -1.10
C THR D 187 19.21 4.10 -1.34
N LEU D 188 18.16 4.59 -0.69
CA LEU D 188 16.81 4.06 -0.84
C LEU D 188 16.38 4.16 -2.31
N LEU D 189 16.57 5.34 -2.90
CA LEU D 189 16.20 5.55 -4.30
C LEU D 189 16.92 4.60 -5.25
N VAL D 190 18.22 4.43 -5.01
CA VAL D 190 19.03 3.55 -5.85
C VAL D 190 18.62 2.09 -5.67
N ALA D 191 18.44 1.66 -4.43
CA ALA D 191 18.07 0.28 -4.16
C ALA D 191 16.78 -0.09 -4.90
N LYS D 192 15.79 0.79 -4.84
CA LYS D 192 14.52 0.53 -5.51
C LYS D 192 14.70 0.51 -7.03
N ALA D 193 15.51 1.42 -7.55
CA ALA D 193 15.76 1.49 -8.99
C ALA D 193 16.52 0.24 -9.46
N MET D 194 17.25 -0.39 -8.54
CA MET D 194 18.00 -1.60 -8.88
C MET D 194 17.15 -2.86 -8.77
N GLY D 195 15.89 -2.70 -8.38
CA GLY D 195 14.99 -3.84 -8.28
C GLY D 195 14.74 -4.43 -6.90
N ALA D 196 15.13 -3.75 -5.84
CA ALA D 196 14.89 -4.29 -4.52
C ALA D 196 13.38 -4.43 -4.35
N ALA D 197 12.93 -5.57 -3.84
CA ALA D 197 11.51 -5.83 -3.64
C ALA D 197 10.98 -5.00 -2.49
N GLN D 198 11.78 -4.87 -1.45
CA GLN D 198 11.41 -4.08 -0.28
C GLN D 198 12.62 -3.43 0.34
N VAL D 199 12.46 -2.16 0.72
CA VAL D 199 13.53 -1.45 1.39
C VAL D 199 12.97 -0.94 2.72
N VAL D 200 13.68 -1.25 3.79
CA VAL D 200 13.29 -0.82 5.13
C VAL D 200 14.26 0.26 5.53
N VAL D 201 13.75 1.40 5.99
CA VAL D 201 14.61 2.51 6.39
C VAL D 201 14.42 2.79 7.87
N THR D 202 15.53 2.98 8.58
CA THR D 202 15.47 3.27 10.01
C THR D 202 16.02 4.67 10.23
N ASP D 203 15.63 5.27 11.34
CA ASP D 203 16.10 6.60 11.71
C ASP D 203 15.55 6.98 13.07
N LEU D 204 16.12 8.02 13.68
CA LEU D 204 15.67 8.47 14.98
C LEU D 204 14.52 9.44 14.81
N SER D 205 14.40 10.01 13.62
CA SER D 205 13.36 10.99 13.32
C SER D 205 12.15 10.48 12.54
N ALA D 206 10.97 10.66 13.13
CA ALA D 206 9.74 10.23 12.48
C ALA D 206 9.53 11.06 11.22
N THR D 207 9.94 12.32 11.26
CA THR D 207 9.80 13.21 10.13
C THR D 207 10.61 12.73 8.91
N ARG D 208 11.85 12.34 9.16
CA ARG D 208 12.69 11.86 8.07
C ARG D 208 12.15 10.56 7.52
N LEU D 209 11.58 9.72 8.38
CA LEU D 209 11.03 8.45 7.93
C LEU D 209 9.80 8.68 7.08
N SER D 210 9.00 9.68 7.44
CA SER D 210 7.80 10.02 6.68
C SER D 210 8.20 10.45 5.28
N LYS D 211 9.32 11.16 5.18
CA LYS D 211 9.83 11.62 3.90
C LYS D 211 10.33 10.41 3.12
N ALA D 212 10.97 9.47 3.82
CA ALA D 212 11.47 8.26 3.19
C ALA D 212 10.30 7.51 2.54
N LYS D 213 9.19 7.44 3.26
CA LYS D 213 8.00 6.76 2.76
C LYS D 213 7.53 7.42 1.47
N GLU D 214 7.49 8.75 1.48
CA GLU D 214 7.04 9.50 0.33
C GLU D 214 7.81 9.18 -0.94
N ILE D 215 9.11 8.93 -0.82
CA ILE D 215 9.90 8.65 -2.00
C ILE D 215 10.12 7.17 -2.31
N GLY D 216 9.42 6.29 -1.60
CA GLY D 216 9.57 4.87 -1.90
C GLY D 216 9.89 3.85 -0.83
N ALA D 217 10.23 4.27 0.38
CA ALA D 217 10.54 3.31 1.44
C ALA D 217 9.31 2.44 1.63
N ASP D 218 9.48 1.12 1.56
CA ASP D 218 8.37 0.20 1.74
C ASP D 218 8.00 0.06 3.20
N LEU D 219 9.01 0.14 4.06
CA LEU D 219 8.81 0.02 5.50
C LEU D 219 9.78 0.97 6.20
N VAL D 220 9.38 1.45 7.36
CA VAL D 220 10.26 2.33 8.13
C VAL D 220 10.20 1.95 9.60
N LEU D 221 11.30 2.19 10.29
CA LEU D 221 11.38 1.90 11.72
C LEU D 221 12.01 3.06 12.45
N GLN D 222 11.26 3.66 13.37
CA GLN D 222 11.80 4.76 14.14
C GLN D 222 12.57 4.15 15.30
N ILE D 223 13.84 4.54 15.43
CA ILE D 223 14.68 4.03 16.48
C ILE D 223 14.74 4.94 17.70
N SER D 224 14.63 4.35 18.88
CA SER D 224 14.70 5.11 20.11
C SER D 224 15.86 4.57 20.92
N LYS D 225 15.58 3.68 21.88
CA LYS D 225 16.64 3.12 22.70
C LYS D 225 16.73 1.60 22.64
N GLU D 226 16.16 1.01 21.60
CA GLU D 226 16.22 -0.45 21.45
C GLU D 226 17.67 -0.88 21.29
N SER D 227 17.97 -2.12 21.63
CA SER D 227 19.33 -2.64 21.50
C SER D 227 19.53 -3.06 20.05
N PRO D 228 20.79 -3.34 19.65
CA PRO D 228 21.05 -3.77 18.28
C PRO D 228 20.27 -5.04 17.92
N GLN D 229 20.26 -6.00 18.84
CA GLN D 229 19.54 -7.25 18.59
C GLN D 229 18.04 -7.01 18.46
N GLU D 230 17.53 -6.06 19.23
CA GLU D 230 16.11 -5.72 19.19
C GLU D 230 15.76 -5.08 17.85
N ILE D 231 16.65 -4.21 17.37
CA ILE D 231 16.44 -3.56 16.08
C ILE D 231 16.42 -4.66 15.02
N ALA D 232 17.43 -5.53 15.07
CA ALA D 232 17.52 -6.63 14.11
C ALA D 232 16.24 -7.46 14.14
N ARG D 233 15.76 -7.77 15.35
CA ARG D 233 14.53 -8.55 15.48
C ARG D 233 13.34 -7.84 14.84
N LYS D 234 13.21 -6.53 15.12
CA LYS D 234 12.12 -5.74 14.57
C LYS D 234 12.16 -5.67 13.04
N VAL D 235 13.35 -5.48 12.49
CA VAL D 235 13.51 -5.39 11.04
C VAL D 235 13.06 -6.70 10.42
N GLU D 236 13.55 -7.81 10.97
CA GLU D 236 13.18 -9.13 10.48
C GLU D 236 11.69 -9.33 10.65
N GLY D 237 11.14 -8.81 11.74
CA GLY D 237 9.72 -8.93 11.99
C GLY D 237 8.92 -8.28 10.89
N GLN D 238 9.39 -7.12 10.41
CA GLN D 238 8.71 -6.39 9.35
C GLN D 238 8.81 -7.07 8.00
N LEU D 239 10.00 -7.56 7.68
CA LEU D 239 10.25 -8.20 6.41
C LEU D 239 9.78 -9.65 6.35
N GLY D 240 9.66 -10.30 7.50
CA GLY D 240 9.26 -11.69 7.51
C GLY D 240 10.46 -12.52 7.09
N CYS D 241 11.64 -11.89 7.12
CA CYS D 241 12.90 -12.53 6.75
C CYS D 241 14.03 -11.54 7.00
N LYS D 242 15.27 -11.99 6.79
CA LYS D 242 16.43 -11.12 6.98
C LYS D 242 16.83 -10.49 5.65
N PRO D 243 17.19 -9.20 5.68
CA PRO D 243 17.60 -8.51 4.45
C PRO D 243 18.96 -9.02 3.94
N GLU D 244 19.05 -9.27 2.64
CA GLU D 244 20.29 -9.76 2.04
C GLU D 244 21.38 -8.68 2.10
N VAL D 245 20.96 -7.42 2.17
CA VAL D 245 21.89 -6.31 2.21
C VAL D 245 21.47 -5.22 3.19
N THR D 246 22.43 -4.72 3.95
CA THR D 246 22.20 -3.63 4.87
C THR D 246 23.20 -2.53 4.51
N ILE D 247 22.70 -1.32 4.30
CA ILE D 247 23.57 -0.20 3.98
C ILE D 247 23.45 0.75 5.17
N GLU D 248 24.52 0.80 5.95
CA GLU D 248 24.58 1.62 7.16
C GLU D 248 24.93 3.07 6.81
N CYS D 249 23.99 3.98 7.01
CA CYS D 249 24.23 5.38 6.67
C CYS D 249 24.10 6.33 7.87
N THR D 250 24.56 5.90 9.04
CA THR D 250 24.49 6.76 10.22
C THR D 250 25.87 6.90 10.86
N GLY D 251 26.64 5.82 10.84
CA GLY D 251 27.95 5.85 11.45
C GLY D 251 27.88 5.52 12.93
N ALA D 252 26.66 5.32 13.44
CA ALA D 252 26.46 5.00 14.84
C ALA D 252 26.82 3.54 15.14
N GLU D 253 27.60 3.35 16.20
CA GLU D 253 28.03 2.00 16.58
C GLU D 253 26.88 1.03 16.79
N ALA D 254 25.80 1.50 17.43
CA ALA D 254 24.65 0.64 17.68
C ALA D 254 24.00 0.19 16.38
N SER D 255 23.95 1.08 15.40
CA SER D 255 23.35 0.79 14.11
C SER D 255 24.19 -0.25 13.35
N ILE D 256 25.50 -0.12 13.45
CA ILE D 256 26.39 -1.07 12.79
C ILE D 256 26.18 -2.46 13.38
N GLN D 257 26.10 -2.55 14.71
CA GLN D 257 25.88 -3.83 15.35
C GLN D 257 24.53 -4.40 14.92
N ALA D 258 23.54 -3.52 14.79
CA ALA D 258 22.21 -3.95 14.37
C ALA D 258 22.27 -4.56 12.97
N GLY D 259 23.05 -3.93 12.10
CA GLY D 259 23.19 -4.43 10.74
C GLY D 259 23.83 -5.81 10.69
N ILE D 260 24.76 -6.07 11.59
CA ILE D 260 25.41 -7.37 11.62
C ILE D 260 24.38 -8.42 12.02
N TYR D 261 23.63 -8.15 13.07
CA TYR D 261 22.60 -9.07 13.55
C TYR D 261 21.44 -9.22 12.56
N ALA D 262 21.10 -8.14 11.87
CA ALA D 262 19.98 -8.16 10.94
C ALA D 262 20.22 -8.82 9.58
N THR D 263 21.40 -8.60 9.00
CA THR D 263 21.70 -9.13 7.68
C THR D 263 21.68 -10.66 7.54
N ARG D 264 21.08 -11.13 6.44
CA ARG D 264 20.96 -12.55 6.15
C ARG D 264 22.36 -13.15 5.96
N SER D 265 22.52 -14.41 6.35
CA SER D 265 23.80 -15.08 6.21
C SER D 265 24.24 -15.03 4.76
N GLY D 266 25.54 -14.80 4.55
CA GLY D 266 26.05 -14.73 3.20
C GLY D 266 25.77 -13.36 2.60
N GLY D 267 25.08 -12.52 3.35
CA GLY D 267 24.74 -11.18 2.87
C GLY D 267 25.86 -10.18 3.05
N THR D 268 25.55 -8.91 2.79
CA THR D 268 26.53 -7.85 2.90
C THR D 268 26.06 -6.63 3.69
N LEU D 269 26.92 -6.18 4.60
CA LEU D 269 26.68 -4.99 5.39
C LEU D 269 27.64 -3.94 4.85
N VAL D 270 27.08 -2.88 4.25
CA VAL D 270 27.90 -1.81 3.69
C VAL D 270 27.98 -0.66 4.69
N LEU D 271 29.20 -0.23 4.99
CA LEU D 271 29.41 0.87 5.93
C LEU D 271 29.69 2.17 5.19
N VAL D 272 28.70 3.05 5.17
CA VAL D 272 28.83 4.34 4.51
C VAL D 272 29.02 5.42 5.56
N GLY D 273 28.21 5.38 6.60
CA GLY D 273 28.30 6.36 7.66
C GLY D 273 29.67 6.42 8.34
N LEU D 274 30.08 7.63 8.70
CA LEU D 274 31.36 7.82 9.37
C LEU D 274 31.16 8.00 10.87
N GLY D 275 31.86 7.18 11.66
CA GLY D 275 31.74 7.25 13.10
C GLY D 275 33.09 7.48 13.77
N SER D 276 33.27 6.90 14.95
CA SER D 276 34.53 7.07 15.68
C SER D 276 35.65 6.17 15.15
N GLU D 277 36.89 6.50 15.50
CA GLU D 277 38.06 5.75 15.07
C GLU D 277 37.95 4.27 15.41
N MET D 278 37.51 3.99 16.63
CA MET D 278 37.35 2.63 17.10
C MET D 278 35.88 2.29 17.26
N THR D 279 35.53 1.03 17.02
CA THR D 279 34.14 0.58 17.13
C THR D 279 34.10 -0.83 17.71
N THR D 280 33.22 -1.04 18.67
CA THR D 280 33.07 -2.35 19.26
C THR D 280 31.90 -3.01 18.55
N VAL D 281 32.17 -4.14 17.90
CA VAL D 281 31.13 -4.84 17.15
C VAL D 281 31.25 -6.35 17.26
N PRO D 282 30.15 -7.06 16.96
CA PRO D 282 30.16 -8.52 17.03
C PRO D 282 30.66 -9.14 15.72
N LEU D 283 31.96 -9.01 15.46
CA LEU D 283 32.58 -9.56 14.26
C LEU D 283 32.36 -11.07 14.19
N LEU D 284 32.47 -11.72 15.33
CA LEU D 284 32.29 -13.17 15.39
C LEU D 284 30.94 -13.55 14.79
N HIS D 285 29.90 -12.81 15.17
CA HIS D 285 28.57 -13.08 14.66
C HIS D 285 28.55 -12.96 13.13
N ALA D 286 29.13 -11.88 12.63
CA ALA D 286 29.19 -11.64 11.19
C ALA D 286 30.01 -12.70 10.46
N ALA D 287 31.17 -13.02 11.02
CA ALA D 287 32.07 -14.01 10.43
C ALA D 287 31.43 -15.40 10.32
N ILE D 288 30.86 -15.85 11.43
CA ILE D 288 30.21 -17.17 11.47
C ILE D 288 29.08 -17.34 10.46
N ARG D 289 28.42 -16.24 10.09
CA ARG D 289 27.32 -16.31 9.13
C ARG D 289 27.75 -15.73 7.78
N GLU D 290 29.05 -15.50 7.64
CA GLU D 290 29.63 -14.94 6.43
C GLU D 290 28.89 -13.70 5.93
N VAL D 291 28.63 -12.80 6.87
CA VAL D 291 28.00 -11.53 6.53
C VAL D 291 29.22 -10.65 6.29
N ASP D 292 29.45 -10.27 5.03
CA ASP D 292 30.58 -9.43 4.69
C ASP D 292 30.37 -8.00 5.14
N ILE D 293 31.46 -7.33 5.51
CA ILE D 293 31.40 -5.94 5.95
C ILE D 293 32.26 -5.16 4.97
N LYS D 294 31.60 -4.38 4.12
CA LYS D 294 32.30 -3.61 3.10
C LYS D 294 32.11 -2.11 3.28
N GLY D 295 33.23 -1.40 3.30
CA GLY D 295 33.19 0.03 3.46
C GLY D 295 33.03 0.74 2.13
N VAL D 296 32.73 2.03 2.21
CA VAL D 296 32.55 2.85 1.04
C VAL D 296 33.34 4.12 1.21
N PHE D 297 34.11 4.48 0.18
CA PHE D 297 34.86 5.73 0.22
C PHE D 297 34.44 6.48 -1.03
N ARG D 298 33.43 7.32 -0.85
CA ARG D 298 32.88 8.12 -1.91
C ARG D 298 32.30 7.30 -3.06
N TYR D 299 33.00 7.23 -4.19
CA TYR D 299 32.46 6.51 -5.34
C TYR D 299 33.42 6.49 -6.52
N CYS D 300 33.09 5.68 -7.51
CA CYS D 300 33.86 5.62 -8.74
C CYS D 300 32.95 5.06 -9.83
N ASN D 301 33.07 5.63 -11.02
CA ASN D 301 32.29 5.20 -12.18
C ASN D 301 30.78 5.26 -11.95
N THR D 302 30.30 6.38 -11.41
CA THR D 302 28.86 6.54 -11.14
C THR D 302 28.20 7.68 -11.93
N TRP D 303 28.98 8.63 -12.42
CA TRP D 303 28.38 9.77 -13.13
C TRP D 303 27.63 9.45 -14.41
N PRO D 304 28.22 8.67 -15.32
CA PRO D 304 27.49 8.36 -16.55
C PRO D 304 26.20 7.59 -16.25
N VAL D 305 26.27 6.68 -15.29
CA VAL D 305 25.10 5.88 -14.90
C VAL D 305 24.04 6.78 -14.27
N ALA D 306 24.47 7.68 -13.38
CA ALA D 306 23.54 8.59 -12.73
C ALA D 306 22.84 9.41 -13.80
N ILE D 307 23.61 9.93 -14.75
CA ILE D 307 23.06 10.74 -15.82
C ILE D 307 22.05 9.95 -16.64
N SER D 308 22.35 8.68 -16.91
CA SER D 308 21.44 7.82 -17.69
C SER D 308 20.15 7.60 -16.91
N MET D 309 20.26 7.42 -15.60
N MET D 309 20.30 7.43 -15.60
CA MET D 309 19.08 7.21 -14.77
CA MET D 309 19.17 7.23 -14.69
C MET D 309 18.21 8.46 -14.72
C MET D 309 18.25 8.44 -14.72
N LEU D 310 18.85 9.62 -14.60
CA LEU D 310 18.11 10.87 -14.57
C LEU D 310 17.44 11.19 -15.90
N ALA D 311 18.18 11.03 -16.99
CA ALA D 311 17.67 11.31 -18.33
C ALA D 311 16.53 10.38 -18.73
N SER D 312 16.53 9.17 -18.21
CA SER D 312 15.49 8.19 -18.52
C SER D 312 14.35 8.27 -17.50
N LYS D 313 14.48 9.18 -16.54
CA LYS D 313 13.46 9.35 -15.51
C LYS D 313 13.29 8.06 -14.71
N SER D 314 14.41 7.35 -14.47
CA SER D 314 14.38 6.10 -13.73
C SER D 314 14.39 6.35 -12.23
N VAL D 315 14.83 7.54 -11.84
CA VAL D 315 14.87 7.91 -10.43
C VAL D 315 14.53 9.39 -10.33
N ASN D 316 13.93 9.79 -9.22
CA ASN D 316 13.56 11.19 -9.03
C ASN D 316 14.20 11.72 -7.76
N VAL D 317 15.25 12.50 -7.92
CA VAL D 317 15.98 13.07 -6.81
C VAL D 317 15.48 14.46 -6.41
N LYS D 318 14.66 15.07 -7.26
CA LYS D 318 14.14 16.41 -6.99
C LYS D 318 13.53 16.63 -5.61
N PRO D 319 12.76 15.65 -5.10
CA PRO D 319 12.15 15.80 -3.77
C PRO D 319 13.17 16.05 -2.66
N LEU D 320 14.43 15.70 -2.91
CA LEU D 320 15.47 15.89 -1.92
C LEU D 320 15.84 17.36 -1.70
N VAL D 321 15.59 18.20 -2.70
CA VAL D 321 15.91 19.62 -2.55
C VAL D 321 14.81 20.31 -1.74
N THR D 322 15.17 20.80 -0.55
CA THR D 322 14.21 21.45 0.31
C THR D 322 14.38 22.96 0.38
N HIS D 323 15.47 23.47 -0.16
CA HIS D 323 15.71 24.91 -0.14
C HIS D 323 16.82 25.29 -1.13
N ARG D 324 16.71 26.50 -1.67
CA ARG D 324 17.73 27.00 -2.59
C ARG D 324 17.98 28.48 -2.29
N PHE D 325 19.26 28.85 -2.28
CA PHE D 325 19.68 30.23 -2.02
C PHE D 325 20.72 30.67 -3.04
N PRO D 326 20.80 31.98 -3.31
CA PRO D 326 21.82 32.40 -4.27
C PRO D 326 23.14 32.28 -3.51
N LEU D 327 24.25 32.16 -4.22
CA LEU D 327 25.55 32.04 -3.58
C LEU D 327 25.76 33.10 -2.49
N GLU D 328 25.31 34.32 -2.77
CA GLU D 328 25.45 35.42 -1.84
C GLU D 328 24.79 35.21 -0.49
N LYS D 329 23.83 34.30 -0.41
CA LYS D 329 23.17 34.01 0.86
C LYS D 329 23.67 32.70 1.48
N ALA D 330 24.91 32.35 1.16
CA ALA D 330 25.53 31.12 1.68
C ALA D 330 25.50 31.05 3.20
N LEU D 331 25.77 32.17 3.85
CA LEU D 331 25.77 32.20 5.31
C LEU D 331 24.41 31.72 5.81
N GLU D 332 23.34 32.27 5.22
CA GLU D 332 21.98 31.93 5.58
C GLU D 332 21.69 30.46 5.26
N ALA D 333 22.22 29.98 4.15
CA ALA D 333 22.02 28.59 3.73
C ALA D 333 22.65 27.64 4.75
N PHE D 334 23.83 27.99 5.24
CA PHE D 334 24.51 27.16 6.23
C PHE D 334 23.80 27.19 7.58
N GLU D 335 23.27 28.36 7.95
CA GLU D 335 22.55 28.49 9.21
C GLU D 335 21.28 27.65 9.13
N THR D 336 20.69 27.61 7.94
CA THR D 336 19.47 26.84 7.71
C THR D 336 19.78 25.35 7.80
N PHE D 337 20.96 24.98 7.35
CA PHE D 337 21.37 23.58 7.39
C PHE D 337 21.41 23.12 8.85
N LYS D 338 21.97 23.95 9.71
CA LYS D 338 22.07 23.63 11.13
C LYS D 338 20.71 23.35 11.76
N LYS D 339 19.67 24.00 11.26
CA LYS D 339 18.34 23.79 11.79
C LYS D 339 17.91 22.34 11.54
N GLY D 340 18.70 21.64 10.73
CA GLY D 340 18.42 20.26 10.41
C GLY D 340 16.97 19.95 10.10
N LEU D 341 16.27 20.95 9.56
CA LEU D 341 14.86 20.78 9.23
C LEU D 341 14.64 20.40 7.77
N GLY D 342 15.69 20.49 6.96
CA GLY D 342 15.56 20.15 5.55
C GLY D 342 16.28 18.87 5.17
N LEU D 343 16.70 18.77 3.92
CA LEU D 343 17.41 17.59 3.44
C LEU D 343 18.59 17.99 2.56
N LYS D 344 18.30 18.68 1.46
CA LYS D 344 19.34 19.15 0.56
C LYS D 344 19.13 20.61 0.23
N ILE D 345 20.16 21.42 0.49
CA ILE D 345 20.10 22.85 0.22
C ILE D 345 20.99 23.16 -0.98
N MET D 346 20.41 23.82 -1.97
CA MET D 346 21.11 24.19 -3.20
C MET D 346 21.51 25.65 -3.21
N LEU D 347 22.76 25.91 -3.60
CA LEU D 347 23.28 27.27 -3.72
C LEU D 347 23.37 27.56 -5.22
N LYS D 348 22.84 28.71 -5.62
CA LYS D 348 22.81 29.12 -7.03
C LYS D 348 23.86 30.18 -7.28
N CYS D 349 24.93 29.79 -7.99
CA CYS D 349 26.05 30.66 -8.25
C CYS D 349 26.02 31.52 -9.50
N ASP D 350 25.12 31.21 -10.42
CA ASP D 350 25.03 31.95 -11.67
C ASP D 350 23.92 32.99 -11.58
N PRO D 351 24.28 34.29 -11.49
CA PRO D 351 23.27 35.33 -11.39
C PRO D 351 22.32 35.37 -12.59
N SER D 352 22.81 34.93 -13.74
CA SER D 352 22.00 34.94 -14.96
C SER D 352 20.93 33.84 -14.99
N ASP D 353 21.05 32.86 -14.10
CA ASP D 353 20.08 31.78 -14.07
C ASP D 353 20.01 31.15 -12.68
N GLN D 354 18.95 31.49 -11.94
CA GLN D 354 18.74 30.99 -10.58
C GLN D 354 17.69 29.87 -10.56
N ASN D 355 17.31 29.38 -11.73
CA ASN D 355 16.32 28.32 -11.84
C ASN D 355 16.94 26.95 -11.56
N PRO D 356 16.11 25.93 -11.30
CA PRO D 356 16.62 24.58 -11.04
C PRO D 356 17.46 24.09 -12.21
#